data_5E26
#
_entry.id   5E26
#
_cell.length_a   108.874
_cell.length_b   109.717
_cell.length_c   142.571
_cell.angle_alpha   90.000
_cell.angle_beta   90.000
_cell.angle_gamma   90.000
#
_symmetry.space_group_name_H-M   'P 21 21 21'
#
loop_
_entity.id
_entity.type
_entity.pdbx_description
1 polymer 'Pantothenate kinase 2, mitochondrial'
2 non-polymer "ADENOSINE-5'-DIPHOSPHATE"
3 non-polymer 'PANTOTHENOIC ACID'
4 non-polymer GLYCEROL
5 non-polymer 'UNKNOWN ATOM OR ION'
6 non-polymer 'CHLORIDE ION'
7 water water
#
_entity_poly.entity_id   1
_entity_poly.type   'polypeptide(L)'
_entity_poly.pdbx_seq_one_letter_code
;GRKKRPLFPWFGLDIGGTLVKLVYFEPKDITAEEEEEEVESLKSIRKYLTSNVAYGSTGIRDVHLELKDLTLCGRKGNLH
FIRFPTHDMPAFIQMGRDKNFSSLHTVFCATGGGAYKFEQDFLTIGDLQLCKLDELDCLIKGILYIDSVGFNGRSQCYYF
ENPADSEKCQKLPFDLKNPYPLLLVNIGSGVSILAVYSKDNYKRVTGTSLGGGTFFGLCCLLTGCTTFEEALEMASRGDS
TKVDKLVRDIYGGDYERFGLPGWAVASSFGNMMSKEKREAVSKEDLARATLITITNNIGSIARMCALNENINQVVFVGNF
LRINTIAMRLLAYALDYWSKGQLKALFSEHEGYFGAVGALLELLK
;
_entity_poly.pdbx_strand_id   A,B,C,D
#
loop_
_chem_comp.id
_chem_comp.type
_chem_comp.name
_chem_comp.formula
ADP non-polymer ADENOSINE-5'-DIPHOSPHATE 'C10 H15 N5 O10 P2'
CL non-polymer 'CHLORIDE ION' 'Cl -1'
GOL non-polymer GLYCEROL 'C3 H8 O3'
PAU peptide-like 'PANTOTHENOIC ACID' 'C9 H17 N O5'
UNX non-polymer 'UNKNOWN ATOM OR ION' ?
#
# COMPACT_ATOMS: atom_id res chain seq x y z
N ARG A 5 9.06 7.87 -53.35
CA ARG A 5 8.65 7.68 -51.93
C ARG A 5 8.74 6.21 -51.54
N PRO A 6 9.03 5.92 -50.25
CA PRO A 6 9.03 4.54 -49.81
C PRO A 6 7.61 3.98 -49.72
N LEU A 7 7.48 2.66 -49.83
CA LEU A 7 6.17 2.01 -49.78
C LEU A 7 5.67 1.91 -48.34
N PHE A 8 4.35 1.95 -48.17
CA PHE A 8 3.72 1.70 -46.87
C PHE A 8 3.99 0.24 -46.45
N PRO A 9 4.03 -0.07 -45.15
CA PRO A 9 3.79 0.87 -44.06
C PRO A 9 5.07 1.62 -43.69
N TRP A 10 4.90 2.87 -43.29
CA TRP A 10 6.01 3.71 -42.87
C TRP A 10 6.21 3.53 -41.38
N PHE A 11 7.36 2.97 -41.01
CA PHE A 11 7.72 2.68 -39.61
C PHE A 11 9.08 3.30 -39.29
N GLY A 12 9.28 3.64 -38.02
CA GLY A 12 10.60 3.81 -37.42
C GLY A 12 10.70 2.96 -36.17
N LEU A 13 11.82 2.27 -35.98
CA LEU A 13 12.00 1.34 -34.88
C LEU A 13 13.26 1.72 -34.09
N ASP A 14 13.17 1.69 -32.77
CA ASP A 14 14.31 1.93 -31.89
C ASP A 14 14.40 0.79 -30.91
N ILE A 15 15.38 -0.09 -31.13
CA ILE A 15 15.52 -1.32 -30.34
C ILE A 15 16.55 -1.06 -29.23
N GLY A 16 16.08 -0.75 -28.03
CA GLY A 16 16.95 -0.40 -26.90
C GLY A 16 17.34 -1.58 -26.05
N GLY A 17 18.01 -1.30 -24.92
CA GLY A 17 18.35 -2.32 -23.94
C GLY A 17 17.16 -2.93 -23.24
N THR A 18 16.13 -2.11 -22.97
CA THR A 18 14.93 -2.56 -22.26
C THR A 18 13.66 -2.52 -23.12
N LEU A 19 13.45 -1.44 -23.87
CA LEU A 19 12.22 -1.29 -24.69
C LEU A 19 12.55 -1.14 -26.15
N VAL A 20 11.66 -1.70 -26.97
CA VAL A 20 11.64 -1.44 -28.40
C VAL A 20 10.54 -0.41 -28.62
N LYS A 21 10.87 0.67 -29.31
CA LYS A 21 9.92 1.72 -29.61
C LYS A 21 9.64 1.65 -31.09
N LEU A 22 8.36 1.73 -31.43
CA LEU A 22 7.91 1.64 -32.81
C LEU A 22 6.98 2.81 -33.05
N VAL A 23 7.31 3.61 -34.05
CA VAL A 23 6.49 4.72 -34.49
C VAL A 23 5.94 4.35 -35.86
N TYR A 24 4.62 4.41 -36.01
CA TYR A 24 3.91 4.06 -37.25
C TYR A 24 3.04 5.22 -37.72
N PHE A 25 3.22 5.64 -38.98
CA PHE A 25 2.35 6.63 -39.62
C PHE A 25 1.17 5.93 -40.28
N GLU A 26 -0.04 6.18 -39.80
CA GLU A 26 -1.27 5.68 -40.43
C GLU A 26 -1.77 6.70 -41.46
N PRO A 27 -1.65 6.41 -42.77
CA PRO A 27 -2.22 7.37 -43.72
C PRO A 27 -3.76 7.44 -43.61
N LYS A 28 -4.30 8.66 -43.64
CA LYS A 28 -5.75 8.88 -43.59
C LYS A 28 -6.28 9.53 -44.87
N ASP A 29 -5.47 9.53 -45.92
CA ASP A 29 -5.85 10.11 -47.22
C ASP A 29 -5.78 9.04 -48.32
N ILE A 30 -6.12 7.81 -47.97
CA ILE A 30 -6.16 6.72 -48.95
C ILE A 30 -7.43 6.92 -49.80
N THR A 31 -7.23 7.13 -51.10
CA THR A 31 -8.33 7.22 -52.06
C THR A 31 -8.91 5.84 -52.36
N ALA A 32 -10.09 5.82 -52.99
CA ALA A 32 -10.73 4.58 -53.46
C ALA A 32 -9.82 3.78 -54.39
N GLU A 33 -9.14 4.49 -55.29
CA GLU A 33 -8.26 3.87 -56.30
C GLU A 33 -6.99 3.27 -55.68
N GLU A 34 -6.52 3.85 -54.57
CA GLU A 34 -5.39 3.31 -53.80
C GLU A 34 -5.79 2.05 -53.02
N GLU A 35 -6.93 2.13 -52.35
CA GLU A 35 -7.51 0.99 -51.61
C GLU A 35 -7.72 -0.18 -52.58
N GLU A 36 -8.37 0.11 -53.70
CA GLU A 36 -8.44 -0.79 -54.88
C GLU A 36 -7.11 -1.50 -55.18
N GLU A 37 -6.04 -0.73 -55.35
CA GLU A 37 -4.72 -1.25 -55.75
C GLU A 37 -3.94 -1.95 -54.62
N GLU A 38 -4.26 -1.64 -53.37
CA GLU A 38 -3.48 -2.11 -52.21
C GLU A 38 -3.63 -3.62 -51.93
N VAL A 39 -2.55 -4.20 -51.43
CA VAL A 39 -2.46 -5.65 -51.19
C VAL A 39 -3.16 -5.97 -49.86
N GLU A 40 -3.74 -7.18 -49.78
CA GLU A 40 -4.46 -7.64 -48.58
C GLU A 40 -3.62 -7.59 -47.30
N SER A 41 -2.38 -8.09 -47.36
CA SER A 41 -1.49 -8.13 -46.20
C SER A 41 -1.19 -6.73 -45.61
N LEU A 42 -1.06 -5.74 -46.49
CA LEU A 42 -0.88 -4.33 -46.07
C LEU A 42 -2.15 -3.82 -45.38
N LYS A 43 -3.30 -4.12 -45.98
CA LYS A 43 -4.59 -3.79 -45.37
C LYS A 43 -4.77 -4.45 -43.99
N SER A 44 -4.35 -5.72 -43.87
CA SER A 44 -4.43 -6.46 -42.60
C SER A 44 -3.54 -5.91 -41.48
N ILE A 45 -2.28 -5.64 -41.79
CA ILE A 45 -1.35 -5.06 -40.80
C ILE A 45 -1.83 -3.66 -40.36
N ARG A 46 -2.28 -2.84 -41.31
CA ARG A 46 -2.80 -1.51 -41.00
C ARG A 46 -3.99 -1.55 -40.04
N LYS A 47 -4.93 -2.46 -40.24
CA LYS A 47 -6.09 -2.57 -39.34
C LYS A 47 -5.76 -3.31 -38.04
N TYR A 48 -4.80 -4.24 -38.07
CA TYR A 48 -4.28 -4.82 -36.83
C TYR A 48 -3.69 -3.75 -35.90
N LEU A 49 -2.88 -2.84 -36.46
CA LEU A 49 -2.21 -1.79 -35.67
C LEU A 49 -3.17 -0.74 -35.11
N THR A 50 -4.15 -0.34 -35.93
CA THR A 50 -5.10 0.73 -35.56
C THR A 50 -6.40 0.26 -34.87
N SER A 51 -6.67 -1.05 -34.82
CA SER A 51 -7.86 -1.56 -34.11
C SER A 51 -7.54 -2.30 -32.80
N ASN A 52 -6.25 -2.48 -32.47
CA ASN A 52 -5.82 -3.06 -31.20
C ASN A 52 -4.92 -2.08 -30.41
N VAL A 53 -5.16 -2.00 -29.10
CA VAL A 53 -4.36 -1.19 -28.18
C VAL A 53 -3.27 -2.00 -27.47
N ALA A 54 -3.49 -3.32 -27.36
CA ALA A 54 -2.49 -4.26 -26.88
C ALA A 54 -2.17 -5.26 -27.99
N TYR A 55 -0.90 -5.67 -28.06
CA TYR A 55 -0.42 -6.56 -29.12
C TYR A 55 0.30 -7.74 -28.46
N GLY A 56 -0.25 -8.93 -28.61
CA GLY A 56 0.31 -10.13 -27.96
C GLY A 56 0.26 -10.04 -26.45
N SER A 57 1.25 -10.65 -25.80
CA SER A 57 1.33 -10.63 -24.33
C SER A 57 1.88 -9.32 -23.74
N THR A 58 2.69 -8.58 -24.50
CA THR A 58 3.43 -7.42 -23.97
C THR A 58 3.40 -6.10 -24.76
N GLY A 59 2.97 -6.10 -26.02
CA GLY A 59 3.03 -4.90 -26.86
C GLY A 59 1.91 -3.93 -26.54
N ILE A 60 2.21 -2.64 -26.51
CA ILE A 60 1.24 -1.62 -26.11
C ILE A 60 1.30 -0.37 -27.01
N ARG A 61 0.14 0.11 -27.43
CA ARG A 61 0.03 1.39 -28.11
C ARG A 61 -0.35 2.43 -27.07
N ASP A 62 0.44 3.50 -27.00
CA ASP A 62 0.17 4.62 -26.09
C ASP A 62 -0.76 5.60 -26.78
N VAL A 63 -2.05 5.25 -26.77
CA VAL A 63 -3.11 5.95 -27.51
C VAL A 63 -3.12 7.47 -27.34
N HIS A 64 -2.90 7.95 -26.12
N HIS A 64 -2.89 7.91 -26.10
CA HIS A 64 -2.99 9.38 -25.86
CA HIS A 64 -2.92 9.33 -25.74
C HIS A 64 -1.78 10.18 -26.34
C HIS A 64 -1.79 10.16 -26.37
N LEU A 65 -0.71 9.51 -26.80
CA LEU A 65 0.40 10.18 -27.48
C LEU A 65 0.16 10.39 -28.98
N GLU A 66 -0.90 9.78 -29.52
CA GLU A 66 -1.22 9.87 -30.95
C GLU A 66 -1.27 11.32 -31.46
N LEU A 67 -0.44 11.62 -32.47
CA LEU A 67 -0.47 12.92 -33.13
C LEU A 67 -1.40 12.82 -34.33
N LYS A 68 -2.43 13.67 -34.34
CA LYS A 68 -3.45 13.64 -35.38
C LYS A 68 -3.16 14.67 -36.48
N ASP A 69 -3.42 14.25 -37.72
CA ASP A 69 -3.46 15.14 -38.88
C ASP A 69 -2.11 15.81 -39.18
N LEU A 70 -1.06 15.01 -39.17
CA LEU A 70 0.27 15.44 -39.61
C LEU A 70 0.43 15.25 -41.10
N THR A 71 1.29 16.07 -41.70
CA THR A 71 1.66 15.94 -43.09
C THR A 71 3.13 15.52 -43.14
N LEU A 72 3.36 14.27 -43.54
CA LEU A 72 4.70 13.71 -43.71
C LEU A 72 4.85 13.22 -45.13
N CYS A 73 5.91 13.67 -45.81
CA CYS A 73 6.27 13.16 -47.13
C CYS A 73 5.07 13.27 -48.07
N GLY A 74 4.38 14.41 -48.01
CA GLY A 74 3.20 14.69 -48.85
C GLY A 74 1.91 13.92 -48.58
N ARG A 75 1.81 13.25 -47.42
CA ARG A 75 0.64 12.45 -47.04
C ARG A 75 0.06 12.90 -45.70
N LYS A 76 -1.26 12.98 -45.59
CA LYS A 76 -1.93 13.35 -44.34
C LYS A 76 -2.30 12.10 -43.53
N GLY A 77 -2.01 12.12 -42.24
CA GLY A 77 -2.30 10.98 -41.37
C GLY A 77 -1.91 11.18 -39.91
N ASN A 78 -1.99 10.09 -39.15
CA ASN A 78 -1.74 10.09 -37.71
C ASN A 78 -0.45 9.35 -37.34
N LEU A 79 0.31 9.89 -36.37
CA LEU A 79 1.46 9.16 -35.81
C LEU A 79 1.07 8.35 -34.58
N HIS A 80 1.35 7.04 -34.61
CA HIS A 80 1.11 6.13 -33.49
C HIS A 80 2.42 5.75 -32.82
N PHE A 81 2.34 5.57 -31.51
CA PHE A 81 3.51 5.34 -30.65
C PHE A 81 3.31 4.04 -29.88
N ILE A 82 4.15 3.05 -30.19
CA ILE A 82 3.99 1.66 -29.76
C ILE A 82 5.30 1.17 -29.13
N ARG A 83 5.19 0.40 -28.04
CA ARG A 83 6.37 -0.17 -27.38
C ARG A 83 6.15 -1.59 -26.89
N PHE A 84 7.27 -2.30 -26.72
CA PHE A 84 7.27 -3.64 -26.15
C PHE A 84 8.69 -3.94 -25.61
N PRO A 85 8.81 -4.92 -24.70
CA PRO A 85 10.13 -5.27 -24.16
C PRO A 85 11.08 -5.86 -25.19
N THR A 86 12.34 -5.40 -25.19
CA THR A 86 13.42 -5.98 -26.00
C THR A 86 13.56 -7.49 -25.78
N HIS A 87 13.26 -7.96 -24.57
CA HIS A 87 13.18 -9.42 -24.27
C HIS A 87 12.29 -10.22 -25.25
N ASP A 88 11.22 -9.59 -25.75
CA ASP A 88 10.32 -10.22 -26.73
C ASP A 88 10.67 -9.97 -28.22
N MET A 89 11.92 -9.65 -28.53
CA MET A 89 12.36 -9.49 -29.93
C MET A 89 12.29 -10.76 -30.80
N PRO A 90 12.59 -11.95 -30.24
CA PRO A 90 12.43 -13.18 -31.03
C PRO A 90 10.99 -13.37 -31.54
N ALA A 91 10.01 -13.15 -30.68
CA ALA A 91 8.59 -13.18 -31.10
C ALA A 91 8.30 -12.15 -32.19
N PHE A 92 8.85 -10.95 -32.06
CA PHE A 92 8.69 -9.86 -33.04
C PHE A 92 9.24 -10.20 -34.42
N ILE A 93 10.45 -10.72 -34.46
CA ILE A 93 11.09 -11.16 -35.70
C ILE A 93 10.30 -12.33 -36.32
N GLN A 94 9.88 -13.28 -35.48
CA GLN A 94 9.05 -14.41 -35.93
C GLN A 94 7.74 -13.93 -36.55
N MET A 95 7.14 -12.90 -35.96
CA MET A 95 5.93 -12.27 -36.50
C MET A 95 6.16 -11.76 -37.93
N GLY A 96 7.25 -11.02 -38.12
CA GLY A 96 7.63 -10.53 -39.46
C GLY A 96 7.75 -11.63 -40.51
N ARG A 97 8.32 -12.77 -40.12
CA ARG A 97 8.37 -13.96 -40.97
C ARG A 97 6.95 -14.44 -41.28
N ASP A 98 6.17 -14.69 -40.23
CA ASP A 98 4.81 -15.26 -40.40
C ASP A 98 3.81 -14.31 -41.07
N LYS A 99 4.00 -13.00 -40.89
CA LYS A 99 3.14 -11.99 -41.52
C LYS A 99 3.64 -11.50 -42.91
N ASN A 100 4.64 -12.18 -43.48
CA ASN A 100 5.16 -11.87 -44.82
C ASN A 100 5.62 -10.42 -44.95
N PHE A 101 6.28 -9.90 -43.92
CA PHE A 101 6.63 -8.47 -43.88
C PHE A 101 7.59 -8.06 -45.00
N SER A 102 8.52 -8.95 -45.36
CA SER A 102 9.44 -8.69 -46.49
C SER A 102 8.74 -8.43 -47.84
N SER A 103 7.53 -8.97 -48.01
CA SER A 103 6.71 -8.68 -49.20
C SER A 103 6.12 -7.27 -49.27
N LEU A 104 5.98 -6.61 -48.13
CA LEU A 104 5.50 -5.22 -48.10
C LEU A 104 6.66 -4.31 -48.45
N HIS A 105 7.78 -4.51 -47.77
CA HIS A 105 9.08 -4.07 -48.26
C HIS A 105 10.21 -4.72 -47.45
N THR A 106 11.32 -4.98 -48.13
CA THR A 106 12.47 -5.72 -47.58
C THR A 106 13.29 -4.89 -46.57
N VAL A 107 13.39 -3.58 -46.77
CA VAL A 107 14.24 -2.72 -45.93
C VAL A 107 13.38 -1.90 -44.95
N PHE A 108 13.80 -1.84 -43.69
CA PHE A 108 13.16 -1.00 -42.64
C PHE A 108 14.24 -0.20 -41.90
N CYS A 109 13.92 1.03 -41.52
CA CYS A 109 14.89 1.88 -40.79
C CYS A 109 14.79 1.62 -39.30
N ALA A 110 15.91 1.23 -38.69
CA ALA A 110 15.96 0.90 -37.27
C ALA A 110 17.17 1.55 -36.60
N THR A 111 16.97 2.00 -35.37
CA THR A 111 18.05 2.52 -34.55
C THR A 111 18.10 1.78 -33.20
N GLY A 112 18.99 2.24 -32.32
CA GLY A 112 19.27 1.54 -31.06
C GLY A 112 20.28 0.43 -31.28
N GLY A 113 20.89 -0.02 -30.20
CA GLY A 113 21.89 -1.09 -30.27
C GLY A 113 21.35 -2.39 -30.83
N GLY A 114 20.06 -2.64 -30.62
CA GLY A 114 19.39 -3.80 -31.18
C GLY A 114 19.39 -3.84 -32.70
N ALA A 115 19.42 -2.67 -33.34
CA ALA A 115 19.59 -2.61 -34.81
C ALA A 115 20.84 -3.37 -35.29
N TYR A 116 21.93 -3.30 -34.51
CA TYR A 116 23.14 -4.11 -34.76
C TYR A 116 22.98 -5.53 -34.22
N LYS A 117 22.56 -5.65 -32.96
CA LYS A 117 22.52 -6.96 -32.30
C LYS A 117 21.64 -7.97 -33.01
N PHE A 118 20.48 -7.50 -33.47
CA PHE A 118 19.46 -8.34 -34.08
C PHE A 118 19.50 -8.36 -35.62
N GLU A 119 20.48 -7.68 -36.23
CA GLU A 119 20.57 -7.59 -37.70
C GLU A 119 20.50 -8.96 -38.37
N GLN A 120 21.37 -9.87 -37.94
CA GLN A 120 21.43 -11.22 -38.53
C GLN A 120 20.15 -12.03 -38.33
N ASP A 121 19.53 -11.92 -37.16
CA ASP A 121 18.24 -12.58 -36.91
C ASP A 121 17.14 -12.05 -37.83
N PHE A 122 17.10 -10.74 -38.05
CA PHE A 122 16.12 -10.13 -38.97
C PHE A 122 16.28 -10.70 -40.38
N LEU A 123 17.53 -10.79 -40.82
CA LEU A 123 17.87 -11.32 -42.14
C LEU A 123 17.57 -12.82 -42.28
N THR A 124 17.99 -13.63 -41.32
CA THR A 124 17.85 -15.09 -41.41
C THR A 124 16.42 -15.57 -41.14
N ILE A 125 15.81 -15.04 -40.08
CA ILE A 125 14.46 -15.45 -39.71
C ILE A 125 13.41 -14.66 -40.52
N GLY A 126 13.56 -13.34 -40.64
CA GLY A 126 12.56 -12.48 -41.33
C GLY A 126 12.80 -12.15 -42.81
N ASP A 127 13.97 -12.48 -43.34
CA ASP A 127 14.42 -12.00 -44.66
C ASP A 127 14.38 -10.46 -44.80
N LEU A 128 14.60 -9.73 -43.71
CA LEU A 128 14.56 -8.26 -43.72
C LEU A 128 15.97 -7.68 -43.59
N GLN A 129 16.22 -6.59 -44.30
CA GLN A 129 17.48 -5.85 -44.22
C GLN A 129 17.26 -4.60 -43.41
N LEU A 130 18.04 -4.42 -42.34
CA LEU A 130 17.98 -3.19 -41.56
C LEU A 130 18.82 -2.10 -42.20
N CYS A 131 18.22 -0.92 -42.33
CA CYS A 131 18.97 0.31 -42.54
C CYS A 131 19.33 0.84 -41.14
N LYS A 132 20.54 0.52 -40.68
CA LYS A 132 20.98 0.80 -39.31
C LYS A 132 21.35 2.26 -39.10
N LEU A 133 20.76 2.91 -38.10
CA LEU A 133 21.00 4.34 -37.81
C LEU A 133 21.45 4.57 -36.37
N ASP A 134 22.26 5.60 -36.17
CA ASP A 134 22.84 5.89 -34.85
C ASP A 134 21.77 6.35 -33.85
N GLU A 135 21.81 5.82 -32.63
CA GLU A 135 20.76 6.08 -31.63
C GLU A 135 20.64 7.55 -31.20
N LEU A 136 21.78 8.25 -31.16
CA LEU A 136 21.81 9.65 -30.71
C LEU A 136 21.58 10.64 -31.87
N ASP A 137 22.03 10.31 -33.07
CA ASP A 137 21.63 11.04 -34.28
C ASP A 137 20.11 11.05 -34.42
N CYS A 138 19.51 9.86 -34.34
CA CYS A 138 18.06 9.71 -34.47
C CYS A 138 17.29 10.43 -33.37
N LEU A 139 17.75 10.31 -32.14
CA LEU A 139 17.18 11.05 -30.99
C LEU A 139 17.03 12.55 -31.27
N ILE A 140 18.10 13.16 -31.78
CA ILE A 140 18.16 14.61 -31.97
C ILE A 140 17.16 15.00 -33.06
N LYS A 141 17.23 14.32 -34.22
CA LYS A 141 16.30 14.57 -35.32
C LYS A 141 14.84 14.45 -34.85
N GLY A 142 14.55 13.43 -34.05
CA GLY A 142 13.20 13.16 -33.60
C GLY A 142 12.61 14.19 -32.66
N ILE A 143 13.39 14.63 -31.66
CA ILE A 143 12.90 15.64 -30.71
C ILE A 143 12.63 16.98 -31.39
N LEU A 144 13.52 17.37 -32.29
CA LEU A 144 13.37 18.62 -33.03
C LEU A 144 12.14 18.61 -33.94
N TYR A 145 11.92 17.51 -34.66
CA TYR A 145 10.72 17.39 -35.50
C TYR A 145 9.45 17.35 -34.64
N ILE A 146 9.44 16.52 -33.61
CA ILE A 146 8.25 16.36 -32.77
C ILE A 146 7.92 17.69 -32.07
N ASP A 147 8.96 18.44 -31.67
CA ASP A 147 8.74 19.77 -31.11
C ASP A 147 8.09 20.74 -32.10
N SER A 148 8.57 20.77 -33.34
CA SER A 148 8.06 21.72 -34.33
C SER A 148 6.59 21.49 -34.71
N VAL A 149 6.13 20.25 -34.65
CA VAL A 149 4.71 19.95 -35.00
C VAL A 149 3.74 20.11 -33.83
N GLY A 150 4.25 20.10 -32.60
CA GLY A 150 3.39 20.24 -31.42
C GLY A 150 2.54 18.98 -31.19
N PHE A 151 1.70 19.04 -30.17
CA PHE A 151 0.98 17.88 -29.63
C PHE A 151 -0.52 18.19 -29.67
N ASN A 152 -1.09 18.10 -30.87
CA ASN A 152 -2.51 18.35 -31.10
C ASN A 152 -3.01 19.65 -30.43
N GLY A 153 -2.29 20.74 -30.69
CA GLY A 153 -2.63 22.07 -30.15
C GLY A 153 -2.09 22.38 -28.77
N ARG A 154 -1.13 21.57 -28.29
CA ARG A 154 -0.43 21.80 -27.02
C ARG A 154 1.06 21.70 -27.28
N SER A 155 1.88 22.15 -26.33
CA SER A 155 3.32 22.19 -26.49
C SER A 155 3.92 20.81 -26.28
N GLN A 156 5.00 20.50 -27.01
CA GLN A 156 5.74 19.27 -26.82
C GLN A 156 6.57 19.31 -25.54
N CYS A 157 7.19 20.46 -25.26
CA CYS A 157 8.08 20.59 -24.13
C CYS A 157 7.51 21.51 -23.06
N TYR A 158 8.02 21.34 -21.85
CA TYR A 158 7.55 22.05 -20.69
C TYR A 158 8.64 22.10 -19.62
N TYR A 159 8.38 22.88 -18.58
CA TYR A 159 9.25 22.97 -17.43
C TYR A 159 8.39 23.08 -16.18
N PHE A 160 9.00 22.86 -15.02
CA PHE A 160 8.28 22.96 -13.77
C PHE A 160 8.74 24.23 -13.03
N GLU A 161 7.80 25.14 -12.79
CA GLU A 161 8.03 26.33 -11.96
C GLU A 161 7.86 25.94 -10.49
N ASN A 162 8.75 26.42 -9.63
CA ASN A 162 8.76 26.04 -8.20
C ASN A 162 8.57 24.53 -7.97
N PRO A 163 9.46 23.71 -8.56
CA PRO A 163 9.36 22.23 -8.48
C PRO A 163 9.47 21.60 -7.07
N ALA A 164 10.10 22.30 -6.13
CA ALA A 164 10.25 21.79 -4.75
C ALA A 164 8.99 21.88 -3.91
N ASP A 165 8.16 22.91 -4.13
CA ASP A 165 6.99 23.16 -3.30
C ASP A 165 5.72 22.70 -3.97
N SER A 166 5.06 21.70 -3.38
CA SER A 166 3.79 21.21 -3.87
C SER A 166 2.68 22.27 -3.81
N GLU A 167 2.85 23.28 -2.95
CA GLU A 167 1.96 24.43 -2.86
C GLU A 167 1.97 25.33 -4.11
N LYS A 168 3.11 25.39 -4.82
CA LYS A 168 3.27 26.28 -5.98
C LYS A 168 3.82 25.64 -7.28
N CYS A 169 4.07 24.34 -7.31
CA CYS A 169 4.59 23.71 -8.51
C CYS A 169 3.58 23.85 -9.67
N GLN A 170 4.07 24.32 -10.82
CA GLN A 170 3.25 24.47 -12.04
C GLN A 170 3.98 23.86 -13.21
N LYS A 171 3.26 23.15 -14.07
CA LYS A 171 3.82 22.67 -15.33
C LYS A 171 3.47 23.69 -16.39
N LEU A 172 4.49 24.37 -16.94
CA LEU A 172 4.29 25.46 -17.91
C LEU A 172 4.97 25.14 -19.22
N PRO A 173 4.37 25.54 -20.37
CA PRO A 173 4.92 25.21 -21.70
C PRO A 173 6.20 25.95 -22.10
N PHE A 174 6.92 25.37 -23.06
CA PHE A 174 8.20 25.91 -23.56
C PHE A 174 8.47 25.42 -24.98
N ASP A 175 8.97 26.28 -25.85
CA ASP A 175 9.34 25.93 -27.24
C ASP A 175 10.86 25.82 -27.42
N LEU A 176 11.30 24.86 -28.24
CA LEU A 176 12.69 24.82 -28.71
C LEU A 176 12.84 25.68 -29.98
N LYS A 177 12.59 26.98 -29.86
CA LYS A 177 12.56 27.90 -31.01
C LYS A 177 13.98 28.29 -31.42
N ASN A 178 14.74 28.82 -30.47
CA ASN A 178 16.18 29.08 -30.62
C ASN A 178 16.86 28.35 -29.46
N PRO A 179 16.93 27.01 -29.54
CA PRO A 179 17.23 26.23 -28.35
C PRO A 179 18.71 26.09 -28.00
N TYR A 180 19.61 26.47 -28.92
CA TYR A 180 21.03 26.15 -28.78
C TYR A 180 21.82 27.21 -28.02
N PRO A 181 22.86 26.82 -27.27
CA PRO A 181 23.23 25.42 -27.06
C PRO A 181 22.32 24.77 -26.01
N LEU A 182 22.25 23.44 -26.00
CA LEU A 182 21.51 22.72 -24.97
C LEU A 182 22.19 21.43 -24.57
N LEU A 183 22.01 21.04 -23.32
CA LEU A 183 22.43 19.72 -22.84
C LEU A 183 21.22 18.78 -22.94
N LEU A 184 21.40 17.61 -23.52
CA LEU A 184 20.34 16.61 -23.65
C LEU A 184 20.75 15.36 -22.86
N VAL A 185 19.97 15.03 -21.82
CA VAL A 185 20.23 13.91 -20.94
C VAL A 185 19.21 12.81 -21.25
N ASN A 186 19.68 11.73 -21.89
CA ASN A 186 18.83 10.65 -22.35
C ASN A 186 18.84 9.50 -21.35
N ILE A 187 17.79 9.43 -20.52
CA ILE A 187 17.69 8.43 -19.43
C ILE A 187 16.91 7.18 -19.87
N GLY A 188 17.65 6.19 -20.37
CA GLY A 188 17.09 4.89 -20.72
C GLY A 188 17.53 3.86 -19.69
N SER A 189 17.93 2.69 -20.17
CA SER A 189 18.53 1.67 -19.33
C SER A 189 19.82 2.23 -18.73
N GLY A 190 20.63 2.83 -19.59
CA GLY A 190 21.75 3.67 -19.18
C GLY A 190 21.45 5.12 -19.53
N VAL A 191 22.42 5.99 -19.29
CA VAL A 191 22.27 7.42 -19.54
C VAL A 191 23.40 7.89 -20.45
N SER A 192 23.03 8.59 -21.52
CA SER A 192 23.95 9.39 -22.32
C SER A 192 23.67 10.89 -22.09
N ILE A 193 24.72 11.69 -22.06
CA ILE A 193 24.61 13.15 -21.91
C ILE A 193 25.25 13.86 -23.12
N LEU A 194 24.42 14.59 -23.87
CA LEU A 194 24.83 15.24 -25.13
C LEU A 194 24.89 16.75 -24.99
N ALA A 195 25.98 17.35 -25.46
CA ALA A 195 26.04 18.81 -25.64
C ALA A 195 25.69 19.04 -27.09
N VAL A 196 24.63 19.81 -27.33
CA VAL A 196 24.10 20.02 -28.67
C VAL A 196 24.16 21.51 -29.02
N TYR A 197 24.96 21.84 -30.04
CA TYR A 197 25.25 23.24 -30.45
C TYR A 197 24.46 23.70 -31.68
N SER A 198 24.01 22.73 -32.48
CA SER A 198 23.06 22.96 -33.56
C SER A 198 22.37 21.63 -33.86
N LYS A 199 21.54 21.57 -34.90
CA LYS A 199 20.95 20.29 -35.33
C LYS A 199 22.00 19.28 -35.84
N ASP A 200 23.10 19.80 -36.41
CA ASP A 200 24.15 18.98 -37.04
C ASP A 200 25.45 18.84 -36.22
N ASN A 201 25.57 19.58 -35.12
CA ASN A 201 26.83 19.67 -34.36
C ASN A 201 26.57 19.39 -32.88
N TYR A 202 27.02 18.23 -32.42
CA TYR A 202 26.82 17.80 -31.04
C TYR A 202 27.86 16.75 -30.66
N LYS A 203 28.09 16.59 -29.36
CA LYS A 203 29.03 15.60 -28.85
C LYS A 203 28.47 14.90 -27.62
N ARG A 204 28.84 13.63 -27.45
CA ARG A 204 28.48 12.90 -26.23
C ARG A 204 29.53 13.28 -25.18
N VAL A 205 29.13 14.11 -24.21
CA VAL A 205 30.06 14.60 -23.18
C VAL A 205 30.45 13.48 -22.23
N THR A 206 29.42 12.81 -21.69
CA THR A 206 29.62 11.68 -20.80
C THR A 206 28.33 10.83 -20.72
N GLY A 207 28.36 9.82 -19.86
CA GLY A 207 27.17 9.07 -19.51
C GLY A 207 27.29 8.48 -18.12
N THR A 208 26.29 7.69 -17.74
CA THR A 208 26.35 6.87 -16.54
C THR A 208 25.49 5.62 -16.69
N SER A 209 26.02 4.50 -16.20
CA SER A 209 25.30 3.23 -16.20
C SER A 209 24.25 3.15 -15.07
N LEU A 210 24.23 4.15 -14.20
CA LEU A 210 23.20 4.25 -13.18
C LEU A 210 22.00 4.97 -13.78
N GLY A 211 21.24 4.22 -14.59
CA GLY A 211 20.11 4.76 -15.34
C GLY A 211 18.78 4.24 -14.86
N GLY A 212 17.81 4.28 -15.76
CA GLY A 212 16.52 3.69 -15.51
C GLY A 212 16.53 2.19 -15.29
N GLY A 213 17.52 1.48 -15.86
CA GLY A 213 17.63 0.03 -15.69
C GLY A 213 18.07 -0.32 -14.26
N THR A 214 18.83 0.59 -13.65
CA THR A 214 19.29 0.45 -12.28
C THR A 214 18.17 0.73 -11.32
N PHE A 215 17.35 1.74 -11.65
CA PHE A 215 16.17 1.98 -10.84
C PHE A 215 15.28 0.74 -10.86
N PHE A 216 14.88 0.34 -12.06
CA PHE A 216 13.88 -0.74 -12.22
C PHE A 216 14.40 -2.07 -11.67
N GLY A 217 15.64 -2.41 -12.01
CA GLY A 217 16.29 -3.63 -11.52
C GLY A 217 16.39 -3.74 -10.01
N LEU A 218 16.90 -2.69 -9.37
CA LEU A 218 16.97 -2.66 -7.90
C LEU A 218 15.60 -2.80 -7.26
N CYS A 219 14.61 -2.06 -7.75
CA CYS A 219 13.24 -2.18 -7.26
C CYS A 219 12.72 -3.62 -7.29
N CYS A 220 12.95 -4.32 -8.40
CA CYS A 220 12.51 -5.73 -8.53
C CYS A 220 13.16 -6.57 -7.43
N LEU A 221 14.45 -6.37 -7.19
CA LEU A 221 15.20 -7.11 -6.15
C LEU A 221 14.75 -6.77 -4.74
N LEU A 222 14.63 -5.47 -4.48
CA LEU A 222 14.30 -4.95 -3.15
C LEU A 222 12.82 -5.07 -2.72
N THR A 223 11.90 -5.03 -3.69
CA THR A 223 10.46 -4.99 -3.38
C THR A 223 9.64 -6.18 -3.85
N GLY A 224 10.20 -7.01 -4.74
CA GLY A 224 9.41 -8.05 -5.39
C GLY A 224 8.48 -7.57 -6.50
N CYS A 225 8.59 -6.30 -6.92
CA CYS A 225 7.79 -5.80 -8.03
C CYS A 225 8.31 -6.43 -9.29
N THR A 226 7.49 -6.49 -10.33
CA THR A 226 7.89 -7.06 -11.62
C THR A 226 7.68 -6.14 -12.83
N THR A 227 6.97 -5.03 -12.66
CA THR A 227 6.74 -4.08 -13.76
C THR A 227 7.19 -2.70 -13.30
N PHE A 228 7.53 -1.86 -14.27
CA PHE A 228 7.88 -0.46 -14.00
C PHE A 228 6.73 0.30 -13.34
N GLU A 229 5.51 0.02 -13.78
CA GLU A 229 4.31 0.72 -13.27
C GLU A 229 4.14 0.44 -11.78
N GLU A 230 4.36 -0.81 -11.40
CA GLU A 230 4.33 -1.22 -10.00
C GLU A 230 5.45 -0.57 -9.17
N ALA A 231 6.67 -0.52 -9.71
CA ALA A 231 7.79 0.14 -9.03
C ALA A 231 7.47 1.59 -8.70
N LEU A 232 6.93 2.31 -9.69
CA LEU A 232 6.52 3.70 -9.53
C LEU A 232 5.35 3.88 -8.55
N GLU A 233 4.37 2.99 -8.65
CA GLU A 233 3.26 2.93 -7.71
C GLU A 233 3.78 2.89 -6.27
N MET A 234 4.66 1.92 -6.00
CA MET A 234 5.28 1.78 -4.69
C MET A 234 6.06 3.03 -4.28
N ALA A 235 6.82 3.60 -5.21
CA ALA A 235 7.63 4.79 -4.93
C ALA A 235 6.78 6.00 -4.58
N SER A 236 5.64 6.15 -5.23
CA SER A 236 4.76 7.29 -5.01
C SER A 236 4.00 7.26 -3.66
N ARG A 237 4.03 6.12 -2.98
CA ARG A 237 3.49 6.03 -1.60
C ARG A 237 4.57 5.71 -0.55
N GLY A 238 5.84 5.85 -0.93
CA GLY A 238 6.95 5.59 -0.02
C GLY A 238 7.57 6.85 0.55
N ASP A 239 8.37 6.66 1.61
CA ASP A 239 9.17 7.72 2.23
C ASP A 239 10.66 7.36 2.22
N SER A 240 11.41 8.00 1.32
CA SER A 240 12.87 7.79 1.22
C SER A 240 13.68 8.16 2.48
N THR A 241 13.19 9.14 3.26
CA THR A 241 13.93 9.63 4.44
C THR A 241 14.08 8.60 5.56
N LYS A 242 13.21 7.59 5.57
CA LYS A 242 13.36 6.43 6.45
C LYS A 242 14.55 5.52 6.05
N VAL A 243 14.89 5.51 4.77
CA VAL A 243 15.91 4.64 4.19
C VAL A 243 17.26 5.37 4.11
N ASP A 244 17.25 6.58 3.55
CA ASP A 244 18.45 7.40 3.44
C ASP A 244 18.85 8.03 4.77
N LYS A 245 20.15 8.36 4.89
CA LYS A 245 20.66 9.27 5.92
C LYS A 245 20.66 10.67 5.32
N LEU A 246 19.94 11.59 5.95
CA LEU A 246 19.97 12.99 5.53
C LEU A 246 21.12 13.69 6.25
N VAL A 247 21.47 14.87 5.76
CA VAL A 247 22.53 15.64 6.41
C VAL A 247 22.19 15.88 7.88
N ARG A 248 20.91 16.08 8.19
CA ARG A 248 20.49 16.29 9.59
C ARG A 248 20.56 15.05 10.48
N ASP A 249 20.44 13.85 9.91
CA ASP A 249 20.71 12.61 10.67
C ASP A 249 22.17 12.56 11.15
N ILE A 250 23.07 13.22 10.41
CA ILE A 250 24.50 13.24 10.77
C ILE A 250 24.88 14.48 11.61
N TYR A 251 24.38 15.65 11.22
CA TYR A 251 24.69 16.94 11.88
C TYR A 251 23.67 17.43 12.93
N GLY A 252 22.47 16.84 12.97
CA GLY A 252 21.36 17.40 13.75
C GLY A 252 20.82 18.72 13.20
N GLY A 253 21.11 19.01 11.94
CA GLY A 253 20.77 20.29 11.29
C GLY A 253 21.63 20.43 10.05
N ASP A 254 21.85 21.67 9.61
CA ASP A 254 22.60 21.93 8.38
C ASP A 254 24.12 21.76 8.61
N TYR A 255 24.85 21.53 7.51
CA TYR A 255 26.31 21.69 7.48
C TYR A 255 26.57 22.98 6.72
N GLU A 256 26.43 24.08 7.45
CA GLU A 256 26.36 25.44 6.90
C GLU A 256 27.64 25.86 6.21
N ARG A 257 28.79 25.53 6.79
CA ARG A 257 30.11 25.87 6.22
C ARG A 257 30.20 25.56 4.72
N PHE A 258 29.65 24.43 4.29
CA PHE A 258 29.66 24.04 2.88
C PHE A 258 28.27 24.01 2.22
N GLY A 259 27.35 24.79 2.78
CA GLY A 259 26.00 24.97 2.23
C GLY A 259 25.18 23.72 2.02
N LEU A 260 25.32 22.75 2.91
CA LEU A 260 24.52 21.52 2.83
C LEU A 260 23.35 21.57 3.82
N PRO A 261 22.11 21.75 3.33
CA PRO A 261 20.97 21.83 4.24
C PRO A 261 20.65 20.48 4.85
N GLY A 262 20.07 20.49 6.05
CA GLY A 262 19.74 19.27 6.78
C GLY A 262 18.87 18.29 5.99
N TRP A 263 18.00 18.82 5.13
CA TRP A 263 17.11 17.99 4.30
C TRP A 263 17.82 17.26 3.16
N ALA A 264 19.00 17.72 2.74
CA ALA A 264 19.74 17.05 1.66
C ALA A 264 20.13 15.63 2.07
N VAL A 265 20.17 14.70 1.10
CA VAL A 265 20.58 13.32 1.39
C VAL A 265 22.09 13.33 1.55
N ALA A 266 22.57 12.88 2.71
CA ALA A 266 24.01 12.71 2.95
C ALA A 266 24.49 11.38 2.42
N SER A 267 23.69 10.34 2.63
CA SER A 267 24.05 8.98 2.24
C SER A 267 22.81 8.19 1.83
N SER A 268 22.73 7.89 0.54
CA SER A 268 21.64 7.08 -0.02
C SER A 268 21.67 5.67 0.57
N PHE A 269 20.52 5.17 1.00
CA PHE A 269 20.40 3.90 1.73
C PHE A 269 21.28 3.79 3.00
N GLY A 270 21.73 4.93 3.53
CA GLY A 270 22.76 4.95 4.57
C GLY A 270 22.32 4.46 5.95
N ASN A 271 21.01 4.39 6.20
CA ASN A 271 20.48 3.79 7.42
C ASN A 271 20.30 2.28 7.35
N MET A 272 20.42 1.68 6.17
CA MET A 272 20.07 0.26 5.98
C MET A 272 21.12 -0.77 6.45
N MET A 273 22.23 -0.32 7.02
CA MET A 273 23.14 -1.23 7.75
C MET A 273 22.66 -1.47 9.20
N SER A 274 21.71 -0.65 9.65
CA SER A 274 21.07 -0.83 10.95
C SER A 274 19.86 -1.76 10.81
N LYS A 275 19.89 -2.86 11.56
CA LYS A 275 18.77 -3.81 11.66
C LYS A 275 17.46 -3.16 12.10
N GLU A 276 17.56 -2.28 13.11
CA GLU A 276 16.42 -1.52 13.61
C GLU A 276 15.80 -0.68 12.49
N LYS A 277 16.66 0.01 11.74
CA LYS A 277 16.20 0.88 10.64
C LYS A 277 15.63 0.04 9.50
N ARG A 278 16.29 -1.05 9.13
CA ARG A 278 15.76 -1.98 8.12
C ARG A 278 14.36 -2.48 8.49
N GLU A 279 14.17 -2.81 9.77
CA GLU A 279 12.90 -3.31 10.28
C GLU A 279 11.73 -2.32 10.13
N ALA A 280 12.01 -1.02 10.27
CA ALA A 280 10.97 0.01 10.18
C ALA A 280 10.62 0.49 8.75
N VAL A 281 11.40 0.12 7.72
CA VAL A 281 11.06 0.52 6.34
C VAL A 281 10.16 -0.51 5.63
N SER A 282 9.39 -0.01 4.67
CA SER A 282 8.51 -0.81 3.83
C SER A 282 9.10 -0.93 2.44
N LYS A 283 8.56 -1.84 1.64
CA LYS A 283 8.95 -1.99 0.23
C LYS A 283 8.76 -0.68 -0.53
N GLU A 284 7.69 0.02 -0.18
CA GLU A 284 7.33 1.33 -0.74
C GLU A 284 8.42 2.35 -0.49
N ASP A 285 8.94 2.36 0.75
CA ASP A 285 10.05 3.25 1.11
C ASP A 285 11.31 2.94 0.31
N LEU A 286 11.59 1.65 0.10
CA LEU A 286 12.78 1.22 -0.63
C LEU A 286 12.69 1.62 -2.10
N ALA A 287 11.50 1.52 -2.68
CA ALA A 287 11.23 1.96 -4.06
C ALA A 287 11.47 3.45 -4.25
N ARG A 288 10.97 4.25 -3.32
CA ARG A 288 11.12 5.71 -3.36
C ARG A 288 12.58 6.13 -3.21
N ALA A 289 13.28 5.50 -2.26
CA ALA A 289 14.72 5.71 -2.05
C ALA A 289 15.53 5.37 -3.30
N THR A 290 15.18 4.27 -3.97
CA THR A 290 15.84 3.90 -5.23
C THR A 290 15.59 5.01 -6.27
N LEU A 291 14.34 5.50 -6.33
CA LEU A 291 13.97 6.56 -7.28
C LEU A 291 14.82 7.83 -7.08
N ILE A 292 14.80 8.40 -5.88
CA ILE A 292 15.58 9.62 -5.60
C ILE A 292 17.11 9.41 -5.74
N THR A 293 17.62 8.25 -5.33
CA THR A 293 19.06 7.94 -5.44
C THR A 293 19.53 8.03 -6.89
N ILE A 294 18.86 7.29 -7.77
CA ILE A 294 19.19 7.28 -9.19
C ILE A 294 18.99 8.66 -9.82
N THR A 295 17.87 9.31 -9.50
CA THR A 295 17.55 10.60 -10.11
C THR A 295 18.55 11.69 -9.69
N ASN A 296 18.80 11.82 -8.40
CA ASN A 296 19.69 12.88 -7.91
C ASN A 296 21.12 12.73 -8.38
N ASN A 297 21.55 11.47 -8.54
CA ASN A 297 22.84 11.19 -9.15
C ASN A 297 22.94 11.68 -10.59
N ILE A 298 21.92 11.39 -11.40
CA ILE A 298 21.84 11.89 -12.78
C ILE A 298 21.79 13.41 -12.79
N GLY A 299 20.96 13.99 -11.92
CA GLY A 299 20.83 15.45 -11.81
C GLY A 299 22.14 16.18 -11.52
N SER A 300 22.90 15.60 -10.60
CA SER A 300 24.21 16.14 -10.20
C SER A 300 25.22 16.08 -11.35
N ILE A 301 25.25 14.93 -12.04
CA ILE A 301 26.15 14.74 -13.17
C ILE A 301 25.80 15.67 -14.35
N ALA A 302 24.51 15.88 -14.59
CA ALA A 302 24.04 16.79 -15.61
C ALA A 302 24.39 18.25 -15.27
N ARG A 303 24.18 18.63 -14.01
CA ARG A 303 24.55 19.94 -13.47
C ARG A 303 26.02 20.26 -13.72
N MET A 304 26.90 19.35 -13.32
CA MET A 304 28.36 19.48 -13.52
C MET A 304 28.73 19.62 -14.98
N CYS A 305 28.10 18.79 -15.82
CA CYS A 305 28.29 18.88 -17.27
C CYS A 305 27.82 20.22 -17.82
N ALA A 306 26.64 20.66 -17.37
CA ALA A 306 26.04 21.91 -17.83
C ALA A 306 26.93 23.12 -17.51
N LEU A 307 27.38 23.21 -16.26
CA LEU A 307 28.22 24.31 -15.81
C LEU A 307 29.59 24.31 -16.54
N ASN A 308 30.20 23.13 -16.67
CA ASN A 308 31.49 22.99 -17.37
C ASN A 308 31.42 23.37 -18.85
N GLU A 309 30.35 22.96 -19.52
CA GLU A 309 30.13 23.29 -20.93
C GLU A 309 29.54 24.70 -21.15
N ASN A 310 29.21 25.42 -20.08
CA ASN A 310 28.55 26.74 -20.13
C ASN A 310 27.20 26.72 -20.85
N ILE A 311 26.43 25.65 -20.60
CA ILE A 311 25.09 25.47 -21.14
C ILE A 311 24.10 25.61 -19.98
N ASN A 312 23.06 26.41 -20.19
CA ASN A 312 22.09 26.74 -19.14
C ASN A 312 20.74 25.98 -19.24
N GLN A 313 20.42 25.45 -20.42
CA GLN A 313 19.17 24.68 -20.62
C GLN A 313 19.53 23.19 -20.72
N VAL A 314 18.96 22.37 -19.85
CA VAL A 314 19.16 20.91 -19.88
C VAL A 314 17.81 20.22 -20.15
N VAL A 315 17.74 19.47 -21.24
CA VAL A 315 16.55 18.72 -21.59
C VAL A 315 16.71 17.28 -21.15
N PHE A 316 15.72 16.75 -20.42
CA PHE A 316 15.73 15.38 -19.92
C PHE A 316 14.70 14.57 -20.70
N VAL A 317 15.12 13.43 -21.24
CA VAL A 317 14.27 12.52 -22.01
C VAL A 317 14.56 11.07 -21.65
N GLY A 318 13.79 10.15 -22.22
CA GLY A 318 13.91 8.71 -21.95
C GLY A 318 12.77 8.16 -21.13
N ASN A 319 12.51 6.85 -21.25
CA ASN A 319 11.34 6.22 -20.62
C ASN A 319 11.42 6.01 -19.11
N PHE A 320 12.60 6.24 -18.52
CA PHE A 320 12.68 6.40 -17.06
C PHE A 320 11.70 7.47 -16.55
N LEU A 321 11.49 8.51 -17.36
CA LEU A 321 10.57 9.60 -17.02
C LEU A 321 9.08 9.32 -17.26
N ARG A 322 8.71 8.17 -17.84
CA ARG A 322 7.29 7.76 -17.93
C ARG A 322 6.65 7.74 -16.57
N ILE A 323 5.47 8.36 -16.46
CA ILE A 323 4.69 8.44 -15.22
C ILE A 323 5.55 8.79 -14.00
N ASN A 324 6.55 9.64 -14.25
CA ASN A 324 7.61 9.91 -13.29
C ASN A 324 7.79 11.41 -13.09
N THR A 325 6.72 12.08 -12.71
CA THR A 325 6.79 13.51 -12.38
C THR A 325 7.62 13.70 -11.11
N ILE A 326 7.66 12.69 -10.24
CA ILE A 326 8.52 12.73 -9.05
C ILE A 326 9.97 12.94 -9.49
N ALA A 327 10.47 12.13 -10.41
CA ALA A 327 11.82 12.31 -10.97
C ALA A 327 12.00 13.65 -11.69
N MET A 328 11.02 14.08 -12.48
CA MET A 328 11.12 15.35 -13.22
C MET A 328 11.23 16.56 -12.29
N ARG A 329 10.43 16.56 -11.23
CA ARG A 329 10.52 17.61 -10.20
C ARG A 329 11.84 17.60 -9.42
N LEU A 330 12.37 16.42 -9.09
CA LEU A 330 13.70 16.32 -8.46
C LEU A 330 14.82 16.86 -9.37
N LEU A 331 14.78 16.49 -10.65
CA LEU A 331 15.75 17.00 -11.63
C LEU A 331 15.64 18.51 -11.80
N ALA A 332 14.40 19.02 -11.88
CA ALA A 332 14.14 20.45 -11.93
C ALA A 332 14.73 21.19 -10.73
N TYR A 333 14.47 20.67 -9.53
CA TYR A 333 14.97 21.31 -8.30
C TYR A 333 16.49 21.23 -8.18
N ALA A 334 17.03 20.04 -8.46
CA ALA A 334 18.47 19.78 -8.46
C ALA A 334 19.25 20.81 -9.30
N LEU A 335 18.82 21.08 -10.53
CA LEU A 335 19.50 22.06 -11.38
C LEU A 335 19.28 23.52 -10.92
N ASP A 336 18.06 23.84 -10.51
CA ASP A 336 17.70 25.19 -10.10
C ASP A 336 18.34 25.60 -8.76
N TYR A 337 18.20 24.77 -7.73
CA TYR A 337 18.67 25.10 -6.38
C TYR A 337 20.19 25.23 -6.32
N TRP A 338 20.88 24.18 -6.73
CA TRP A 338 22.35 24.14 -6.61
C TRP A 338 23.07 25.12 -7.54
N SER A 339 22.44 25.49 -8.66
CA SER A 339 22.97 26.53 -9.56
C SER A 339 22.42 27.94 -9.30
N LYS A 340 21.62 28.10 -8.24
CA LYS A 340 20.95 29.36 -7.89
C LYS A 340 20.11 29.97 -9.04
N GLY A 341 19.47 29.09 -9.83
CA GLY A 341 18.63 29.52 -10.94
C GLY A 341 19.31 29.78 -12.27
N GLN A 342 20.61 29.50 -12.37
CA GLN A 342 21.31 29.60 -13.66
C GLN A 342 20.88 28.50 -14.63
N LEU A 343 20.78 27.27 -14.13
CA LEU A 343 20.41 26.12 -14.95
C LEU A 343 18.91 25.87 -14.94
N LYS A 344 18.40 25.35 -16.05
CA LYS A 344 16.98 25.15 -16.29
C LYS A 344 16.75 23.73 -16.83
N ALA A 345 15.83 22.99 -16.21
CA ALA A 345 15.46 21.66 -16.67
C ALA A 345 14.24 21.77 -17.57
N LEU A 346 14.25 21.06 -18.69
CA LEU A 346 13.13 20.98 -19.61
C LEU A 346 12.76 19.53 -19.83
N PHE A 347 11.48 19.28 -20.08
CA PHE A 347 10.94 17.93 -20.25
C PHE A 347 10.00 17.88 -21.44
N SER A 348 9.57 16.67 -21.81
CA SER A 348 8.83 16.44 -23.05
C SER A 348 7.73 15.40 -22.86
N GLU A 349 6.74 15.47 -23.74
CA GLU A 349 5.55 14.62 -23.67
C GLU A 349 5.77 13.22 -24.27
N HIS A 350 6.56 13.15 -25.35
CA HIS A 350 6.85 11.89 -26.04
C HIS A 350 8.25 11.39 -25.68
N GLU A 351 8.50 11.34 -24.38
CA GLU A 351 9.85 11.20 -23.80
C GLU A 351 10.73 10.07 -24.27
N GLY A 352 10.13 8.93 -24.62
CA GLY A 352 10.88 7.73 -24.99
C GLY A 352 11.01 7.42 -26.48
N TYR A 353 10.31 8.17 -27.33
CA TYR A 353 10.10 7.78 -28.74
C TYR A 353 10.90 8.57 -29.80
N PHE A 354 11.71 9.54 -29.39
CA PHE A 354 12.38 10.43 -30.36
C PHE A 354 13.33 9.68 -31.29
N GLY A 355 14.00 8.67 -30.77
CA GLY A 355 14.86 7.82 -31.58
C GLY A 355 14.11 7.12 -32.69
N ALA A 356 12.97 6.51 -32.34
CA ALA A 356 12.11 5.85 -33.32
C ALA A 356 11.56 6.86 -34.35
N VAL A 357 11.23 8.07 -33.91
CA VAL A 357 10.79 9.13 -34.83
C VAL A 357 11.91 9.49 -35.80
N GLY A 358 13.13 9.66 -35.28
CA GLY A 358 14.31 9.88 -36.13
C GLY A 358 14.52 8.83 -37.20
N ALA A 359 14.30 7.56 -36.85
CA ALA A 359 14.38 6.47 -37.82
C ALA A 359 13.31 6.61 -38.91
N LEU A 360 12.10 7.01 -38.51
CA LEU A 360 11.00 7.27 -39.47
C LEU A 360 11.28 8.46 -40.40
N LEU A 361 11.86 9.53 -39.87
CA LEU A 361 12.19 10.70 -40.69
C LEU A 361 13.31 10.41 -41.68
N GLU A 362 14.26 9.56 -41.29
CA GLU A 362 15.32 9.10 -42.21
C GLU A 362 14.75 8.35 -43.40
N LEU A 363 13.82 7.43 -43.12
CA LEU A 363 13.10 6.70 -44.16
C LEU A 363 12.54 7.66 -45.19
N LEU A 364 11.89 8.71 -44.71
CA LEU A 364 11.23 9.70 -45.52
C LEU A 364 12.18 10.87 -45.78
N LYS B 4 53.02 24.77 28.45
CA LYS B 4 52.12 25.31 27.39
C LYS B 4 51.10 24.25 26.93
N ARG B 5 51.62 23.06 26.59
CA ARG B 5 50.80 21.97 26.06
C ARG B 5 49.79 21.45 27.08
N PRO B 6 48.63 20.95 26.61
CA PRO B 6 47.63 20.43 27.56
C PRO B 6 48.14 19.16 28.25
N LEU B 7 47.56 18.85 29.40
CA LEU B 7 47.91 17.63 30.14
C LEU B 7 47.37 16.42 29.39
N PHE B 8 47.98 15.26 29.63
CA PHE B 8 47.39 13.98 29.20
C PHE B 8 46.03 13.80 29.87
N PRO B 9 45.09 13.09 29.25
CA PRO B 9 45.27 12.32 28.01
C PRO B 9 45.01 13.14 26.74
N TRP B 10 45.65 12.76 25.63
CA TRP B 10 45.48 13.45 24.35
C TRP B 10 44.63 12.64 23.37
N PHE B 11 43.45 13.16 23.03
CA PHE B 11 42.48 12.51 22.12
C PHE B 11 42.06 13.41 20.97
N GLY B 12 41.73 12.77 19.86
CA GLY B 12 41.03 13.39 18.74
C GLY B 12 39.84 12.52 18.38
N LEU B 13 38.69 13.16 18.14
CA LEU B 13 37.44 12.46 17.91
C LEU B 13 36.81 12.91 16.59
N ASP B 14 36.29 11.97 15.82
CA ASP B 14 35.55 12.29 14.59
C ASP B 14 34.28 11.45 14.62
N ILE B 15 33.15 12.12 14.81
CA ILE B 15 31.86 11.46 14.94
C ILE B 15 31.15 11.58 13.59
N GLY B 16 31.28 10.55 12.77
CA GLY B 16 30.67 10.55 11.45
C GLY B 16 29.27 9.98 11.43
N GLY B 17 28.75 9.83 10.21
CA GLY B 17 27.44 9.26 9.99
C GLY B 17 27.36 7.80 10.29
N THR B 18 28.41 7.04 9.94
CA THR B 18 28.44 5.62 10.27
C THR B 18 29.39 5.28 11.41
N LEU B 19 30.62 5.78 11.35
CA LEU B 19 31.64 5.46 12.35
C LEU B 19 32.13 6.66 13.15
N VAL B 20 32.49 6.37 14.40
CA VAL B 20 33.18 7.30 15.26
C VAL B 20 34.63 6.83 15.26
N LYS B 21 35.54 7.75 14.99
CA LYS B 21 36.97 7.49 14.98
C LYS B 21 37.63 8.23 16.16
N LEU B 22 38.42 7.49 16.95
CA LEU B 22 39.16 8.05 18.07
C LEU B 22 40.63 7.80 17.82
N VAL B 23 41.45 8.84 17.98
N VAL B 23 41.45 8.84 17.93
CA VAL B 23 42.91 8.72 17.92
CA VAL B 23 42.92 8.70 17.92
C VAL B 23 43.46 9.04 19.30
C VAL B 23 43.42 9.01 19.32
N TYR B 24 44.35 8.17 19.80
CA TYR B 24 44.87 8.28 21.17
C TYR B 24 46.41 8.23 21.17
N PHE B 25 47.04 9.28 21.68
CA PHE B 25 48.48 9.28 21.89
C PHE B 25 48.76 8.61 23.23
N GLU B 26 49.35 7.41 23.19
CA GLU B 26 49.83 6.72 24.40
C GLU B 26 51.24 7.24 24.68
N PRO B 27 51.42 7.96 25.82
CA PRO B 27 52.77 8.39 26.15
C PRO B 27 53.63 7.20 26.57
N LYS B 28 54.87 7.17 26.09
CA LYS B 28 55.84 6.14 26.44
C LYS B 28 57.04 6.80 27.13
N ASP B 29 56.79 7.94 27.76
CA ASP B 29 57.84 8.75 28.39
C ASP B 29 57.40 9.28 29.76
N ILE B 30 56.48 8.55 30.39
CA ILE B 30 55.87 8.96 31.65
C ILE B 30 56.91 8.74 32.74
N THR B 31 57.20 9.79 33.51
CA THR B 31 58.10 9.66 34.64
C THR B 31 57.31 9.26 35.87
N ALA B 32 57.94 8.57 36.80
CA ALA B 32 57.33 8.32 38.12
C ALA B 32 56.81 9.60 38.79
N GLU B 33 57.50 10.73 38.60
CA GLU B 33 57.09 12.02 39.16
C GLU B 33 55.75 12.52 38.59
N GLU B 34 55.60 12.43 37.26
CA GLU B 34 54.32 12.77 36.61
C GLU B 34 53.17 11.89 37.06
N GLU B 35 53.42 10.57 37.10
CA GLU B 35 52.44 9.59 37.57
C GLU B 35 51.88 9.94 38.94
N GLU B 36 52.78 10.33 39.84
CA GLU B 36 52.45 10.84 41.18
C GLU B 36 51.37 11.92 41.12
N GLU B 37 51.53 12.87 40.19
CA GLU B 37 50.58 13.98 40.02
C GLU B 37 49.29 13.61 39.24
N GLU B 38 49.25 12.46 38.57
CA GLU B 38 48.09 12.08 37.74
C GLU B 38 46.95 11.49 38.57
N VAL B 39 45.72 11.79 38.16
CA VAL B 39 44.52 11.34 38.85
C VAL B 39 44.25 9.87 38.51
N GLU B 40 43.58 9.15 39.40
CA GLU B 40 43.26 7.72 39.25
C GLU B 40 42.43 7.37 38.00
N SER B 41 41.50 8.25 37.61
CA SER B 41 40.71 8.05 36.40
C SER B 41 41.59 8.04 35.13
N LEU B 42 42.68 8.81 35.14
CA LEU B 42 43.65 8.81 34.04
C LEU B 42 44.45 7.51 33.98
N LYS B 43 44.82 6.99 35.15
CA LYS B 43 45.60 5.76 35.23
C LYS B 43 44.83 4.57 34.66
N SER B 44 43.57 4.42 35.07
CA SER B 44 42.73 3.31 34.61
C SER B 44 42.37 3.42 33.12
N ILE B 45 42.07 4.63 32.64
CA ILE B 45 41.70 4.79 31.22
C ILE B 45 42.88 4.46 30.30
N ARG B 46 44.09 4.90 30.69
CA ARG B 46 45.32 4.60 29.95
C ARG B 46 45.54 3.09 29.82
N LYS B 47 45.32 2.34 30.91
CA LYS B 47 45.49 0.88 30.89
C LYS B 47 44.31 0.17 30.21
N TYR B 48 43.12 0.75 30.36
CA TYR B 48 41.94 0.27 29.63
C TYR B 48 42.16 0.30 28.10
N LEU B 49 42.75 1.39 27.61
CA LEU B 49 43.03 1.57 26.18
C LEU B 49 44.15 0.64 25.65
N THR B 50 45.18 0.44 26.45
CA THR B 50 46.40 -0.24 26.01
C THR B 50 46.37 -1.76 26.21
N SER B 51 45.54 -2.25 27.13
CA SER B 51 45.44 -3.68 27.41
C SER B 51 44.27 -4.39 26.72
N ASN B 52 43.45 -3.64 25.96
CA ASN B 52 42.34 -4.19 25.19
C ASN B 52 42.44 -3.75 23.72
N VAL B 53 42.06 -4.66 22.81
CA VAL B 53 41.90 -4.33 21.39
C VAL B 53 40.41 -4.27 21.00
N ALA B 54 39.53 -4.61 21.94
CA ALA B 54 38.08 -4.51 21.76
C ALA B 54 37.50 -3.89 23.02
N TYR B 55 36.62 -2.91 22.82
CA TYR B 55 36.06 -2.11 23.91
C TYR B 55 34.56 -2.25 23.86
N GLY B 56 33.97 -2.61 24.99
CA GLY B 56 32.53 -2.83 25.08
C GLY B 56 32.05 -3.86 24.06
N SER B 57 30.92 -3.56 23.45
CA SER B 57 30.28 -4.48 22.50
C SER B 57 30.81 -4.32 21.08
N THR B 58 31.25 -3.11 20.72
CA THR B 58 31.55 -2.77 19.32
C THR B 58 32.82 -1.94 19.04
N GLY B 59 33.55 -1.51 20.07
CA GLY B 59 34.79 -0.78 19.89
C GLY B 59 35.89 -1.70 19.40
N ILE B 60 36.70 -1.20 18.48
CA ILE B 60 37.82 -1.94 17.90
C ILE B 60 39.04 -1.01 17.83
N ARG B 61 40.18 -1.48 18.29
CA ARG B 61 41.46 -0.82 18.07
C ARG B 61 42.11 -1.42 16.82
N ASP B 62 42.37 -0.59 15.81
CA ASP B 62 43.08 -1.05 14.60
C ASP B 62 44.57 -1.09 14.88
N VAL B 63 45.01 -2.17 15.51
CA VAL B 63 46.39 -2.32 16.02
C VAL B 63 47.44 -2.19 14.90
N HIS B 64 47.13 -2.67 13.70
CA HIS B 64 48.06 -2.62 12.57
C HIS B 64 48.38 -1.20 12.08
N LEU B 65 47.55 -0.21 12.42
CA LEU B 65 47.80 1.19 12.06
C LEU B 65 48.65 1.98 13.10
N GLU B 66 48.93 1.37 14.25
CA GLU B 66 49.64 2.04 15.33
C GLU B 66 50.91 2.70 14.84
N LEU B 67 51.05 4.01 15.05
CA LEU B 67 52.30 4.72 14.75
C LEU B 67 53.18 4.66 16.00
N LYS B 68 54.40 4.14 15.83
CA LYS B 68 55.24 3.76 16.96
C LYS B 68 56.38 4.76 17.11
N ASP B 69 56.81 4.97 18.35
N ASP B 69 56.78 5.01 18.35
CA ASP B 69 57.90 5.92 18.69
CA ASP B 69 57.91 5.90 18.67
C ASP B 69 57.78 7.27 17.99
C ASP B 69 57.79 7.27 17.98
N LEU B 70 56.61 7.89 18.12
CA LEU B 70 56.32 9.20 17.56
C LEU B 70 56.70 10.26 18.57
N THR B 71 57.29 11.36 18.11
CA THR B 71 57.46 12.54 18.93
C THR B 71 56.45 13.58 18.51
N LEU B 72 55.66 14.04 19.48
CA LEU B 72 54.51 14.91 19.26
C LEU B 72 54.42 15.92 20.41
N CYS B 73 54.69 17.19 20.13
N CYS B 73 54.65 17.19 20.11
CA CYS B 73 54.58 18.26 21.13
CA CYS B 73 54.64 18.28 21.11
C CYS B 73 55.54 18.01 22.31
C CYS B 73 55.55 17.99 22.30
N GLY B 74 56.79 17.62 22.00
CA GLY B 74 57.81 17.35 23.02
C GLY B 74 57.71 16.04 23.80
N ARG B 75 56.79 15.16 23.41
CA ARG B 75 56.53 13.90 24.13
C ARG B 75 56.71 12.72 23.18
N LYS B 76 57.27 11.62 23.70
CA LYS B 76 57.47 10.41 22.91
C LYS B 76 56.45 9.34 23.29
N GLY B 77 55.91 8.70 22.28
CA GLY B 77 54.94 7.63 22.48
C GLY B 77 54.30 7.17 21.20
N ASN B 78 53.24 6.37 21.33
CA ASN B 78 52.57 5.77 20.19
C ASN B 78 51.18 6.36 19.95
N LEU B 79 50.79 6.43 18.67
CA LEU B 79 49.47 6.86 18.26
C LEU B 79 48.62 5.64 17.89
N HIS B 80 47.48 5.49 18.55
CA HIS B 80 46.53 4.41 18.30
C HIS B 80 45.32 4.90 17.53
N PHE B 81 44.68 4.00 16.80
CA PHE B 81 43.53 4.32 15.98
C PHE B 81 42.39 3.39 16.34
N ILE B 82 41.29 3.97 16.81
CA ILE B 82 40.15 3.25 17.40
C ILE B 82 38.85 3.68 16.70
N ARG B 83 37.94 2.74 16.51
CA ARG B 83 36.64 3.01 15.88
C ARG B 83 35.49 2.24 16.51
N PHE B 84 34.31 2.85 16.50
CA PHE B 84 33.06 2.17 16.84
C PHE B 84 31.88 2.78 16.08
N PRO B 85 30.76 2.04 15.94
CA PRO B 85 29.63 2.58 15.19
C PRO B 85 28.97 3.78 15.87
N THR B 86 28.68 4.82 15.10
CA THR B 86 27.93 6.00 15.61
C THR B 86 26.60 5.60 16.28
N HIS B 87 25.97 4.52 15.78
CA HIS B 87 24.79 3.92 16.40
C HIS B 87 24.94 3.63 17.90
N ASP B 88 26.15 3.25 18.34
CA ASP B 88 26.42 3.01 19.76
C ASP B 88 26.95 4.23 20.53
N MET B 89 26.75 5.43 19.98
CA MET B 89 27.05 6.69 20.71
C MET B 89 26.39 6.81 22.10
N PRO B 90 25.11 6.40 22.24
CA PRO B 90 24.53 6.46 23.60
C PRO B 90 25.36 5.71 24.67
N ALA B 91 25.82 4.51 24.34
CA ALA B 91 26.73 3.75 25.24
C ALA B 91 28.09 4.43 25.48
N PHE B 92 28.67 5.01 24.44
CA PHE B 92 29.94 5.74 24.58
C PHE B 92 29.80 6.92 25.55
N ILE B 93 28.73 7.68 25.39
CA ILE B 93 28.46 8.82 26.29
C ILE B 93 28.23 8.34 27.73
N GLN B 94 27.46 7.27 27.91
CA GLN B 94 27.25 6.69 29.25
C GLN B 94 28.57 6.19 29.86
N MET B 95 29.36 5.46 29.07
CA MET B 95 30.74 5.08 29.47
C MET B 95 31.55 6.32 29.87
N GLY B 96 31.37 7.42 29.14
CA GLY B 96 31.94 8.72 29.51
C GLY B 96 31.68 9.15 30.95
N ARG B 97 30.45 8.97 31.42
CA ARG B 97 30.14 9.22 32.84
C ARG B 97 30.69 8.14 33.77
N ASP B 98 30.53 6.87 33.40
CA ASP B 98 31.01 5.74 34.21
C ASP B 98 32.52 5.73 34.44
N LYS B 99 33.26 6.20 33.45
CA LYS B 99 34.72 6.26 33.53
C LYS B 99 35.26 7.67 33.81
N ASN B 100 34.39 8.59 34.22
CA ASN B 100 34.77 9.94 34.65
C ASN B 100 35.68 10.67 33.65
N PHE B 101 35.27 10.65 32.38
CA PHE B 101 35.95 11.37 31.30
C PHE B 101 36.13 12.84 31.66
N SER B 102 35.15 13.45 32.35
CA SER B 102 35.24 14.87 32.75
C SER B 102 36.38 15.17 33.72
N SER B 103 36.79 14.19 34.54
CA SER B 103 37.98 14.35 35.40
C SER B 103 39.31 14.20 34.64
N LEU B 104 39.27 13.76 33.39
CA LEU B 104 40.44 13.76 32.51
C LEU B 104 40.61 15.15 31.89
N HIS B 105 39.56 15.61 31.22
CA HIS B 105 39.50 16.97 30.67
C HIS B 105 38.06 17.43 30.70
N THR B 106 37.87 18.74 30.82
CA THR B 106 36.53 19.33 30.67
C THR B 106 36.05 19.30 29.23
N VAL B 107 36.98 19.56 28.31
CA VAL B 107 36.72 19.63 26.86
C VAL B 107 37.36 18.45 26.11
N PHE B 108 36.68 17.97 25.07
CA PHE B 108 37.26 17.00 24.13
C PHE B 108 37.06 17.50 22.70
N CYS B 109 38.13 17.43 21.90
CA CYS B 109 38.08 17.95 20.54
C CYS B 109 37.42 16.94 19.62
N ALA B 110 36.39 17.40 18.92
CA ALA B 110 35.56 16.52 18.10
C ALA B 110 35.24 17.16 16.76
N THR B 111 35.44 16.39 15.70
CA THR B 111 35.00 16.79 14.39
C THR B 111 33.90 15.84 13.91
N GLY B 112 33.42 16.08 12.69
CA GLY B 112 32.30 15.35 12.12
C GLY B 112 30.96 15.91 12.54
N GLY B 113 29.92 15.55 11.78
CA GLY B 113 28.56 16.00 12.08
C GLY B 113 28.11 15.71 13.49
N GLY B 114 28.53 14.58 14.04
CA GLY B 114 28.15 14.20 15.40
C GLY B 114 28.66 15.11 16.50
N ALA B 115 29.75 15.83 16.27
CA ALA B 115 30.22 16.87 17.21
C ALA B 115 29.12 17.89 17.50
N TYR B 116 28.37 18.27 16.45
CA TYR B 116 27.14 19.07 16.60
C TYR B 116 25.94 18.28 17.14
N LYS B 117 25.59 17.17 16.48
CA LYS B 117 24.42 16.35 16.86
C LYS B 117 24.37 15.95 18.34
N PHE B 118 25.52 15.50 18.86
CA PHE B 118 25.60 14.93 20.22
C PHE B 118 26.14 15.88 21.31
N GLU B 119 26.39 17.14 20.96
CA GLU B 119 26.92 18.14 21.90
C GLU B 119 26.16 18.18 23.22
N GLN B 120 24.84 18.39 23.15
CA GLN B 120 24.01 18.53 24.36
C GLN B 120 24.00 17.24 25.17
N ASP B 121 23.82 16.09 24.50
CA ASP B 121 23.92 14.77 25.13
C ASP B 121 25.23 14.62 25.91
N PHE B 122 26.35 14.92 25.27
CA PHE B 122 27.67 14.83 25.94
C PHE B 122 27.79 15.68 27.20
N LEU B 123 27.20 16.87 27.16
CA LEU B 123 27.18 17.77 28.31
C LEU B 123 26.29 17.25 29.44
N THR B 124 25.01 16.94 29.12
CA THR B 124 24.03 16.54 30.15
C THR B 124 24.36 15.17 30.76
N ILE B 125 24.56 14.18 29.90
CA ILE B 125 24.78 12.81 30.33
C ILE B 125 26.25 12.57 30.67
N GLY B 126 27.16 13.10 29.86
CA GLY B 126 28.59 12.82 30.00
C GLY B 126 29.40 13.80 30.83
N ASP B 127 28.82 14.97 31.13
CA ASP B 127 29.50 16.06 31.86
C ASP B 127 30.66 16.70 31.07
N LEU B 128 30.61 16.64 29.73
CA LEU B 128 31.72 17.06 28.85
C LEU B 128 31.31 18.13 27.85
N GLN B 129 32.17 19.10 27.60
CA GLN B 129 32.00 20.08 26.51
C GLN B 129 32.74 19.52 25.31
N LEU B 130 32.11 19.53 24.14
CA LEU B 130 32.81 19.21 22.90
C LEU B 130 33.37 20.49 22.30
N CYS B 131 34.65 20.49 21.91
CA CYS B 131 35.19 21.53 21.05
C CYS B 131 34.96 21.12 19.60
N LYS B 132 33.99 21.77 18.96
CA LYS B 132 33.50 21.37 17.64
C LYS B 132 34.37 21.95 16.53
N LEU B 133 34.85 21.10 15.62
CA LEU B 133 35.76 21.51 14.57
C LEU B 133 35.29 21.00 13.21
N ASP B 134 35.56 21.77 12.16
CA ASP B 134 35.12 21.44 10.79
C ASP B 134 35.72 20.13 10.26
N GLU B 135 34.85 19.24 9.76
CA GLU B 135 35.26 17.89 9.33
C GLU B 135 36.29 17.90 8.19
N LEU B 136 36.08 18.79 7.22
CA LEU B 136 36.97 18.86 6.06
C LEU B 136 38.31 19.55 6.41
N ASP B 137 38.28 20.63 7.19
CA ASP B 137 39.52 21.23 7.72
C ASP B 137 40.39 20.21 8.47
N CYS B 138 39.76 19.47 9.39
CA CYS B 138 40.46 18.43 10.16
C CYS B 138 41.01 17.32 9.27
N LEU B 139 40.23 16.97 8.24
CA LEU B 139 40.68 16.02 7.23
C LEU B 139 41.99 16.49 6.56
N ILE B 140 42.02 17.74 6.13
CA ILE B 140 43.21 18.30 5.47
C ILE B 140 44.43 18.32 6.42
N LYS B 141 44.25 18.86 7.62
CA LYS B 141 45.34 18.93 8.59
C LYS B 141 45.84 17.52 8.98
N GLY B 142 44.92 16.57 9.11
CA GLY B 142 45.27 15.20 9.46
C GLY B 142 46.09 14.45 8.42
N ILE B 143 45.69 14.52 7.16
CA ILE B 143 46.44 13.82 6.10
C ILE B 143 47.79 14.47 5.83
N LEU B 144 47.84 15.80 5.89
CA LEU B 144 49.12 16.50 5.75
C LEU B 144 50.06 16.14 6.90
N TYR B 145 49.57 16.16 8.15
CA TYR B 145 50.38 15.71 9.28
C TYR B 145 50.83 14.23 9.17
N ILE B 146 49.86 13.34 8.97
CA ILE B 146 50.18 11.91 8.93
C ILE B 146 51.17 11.55 7.81
N ASP B 147 51.04 12.18 6.65
CA ASP B 147 52.01 12.01 5.57
C ASP B 147 53.41 12.47 5.97
N SER B 148 53.50 13.62 6.64
CA SER B 148 54.81 14.19 7.03
C SER B 148 55.60 13.27 7.96
N VAL B 149 54.89 12.54 8.84
CA VAL B 149 55.56 11.61 9.76
C VAL B 149 55.81 10.21 9.18
N GLY B 150 54.99 9.80 8.21
CA GLY B 150 55.16 8.49 7.57
C GLY B 150 54.65 7.39 8.48
N PHE B 151 54.68 6.17 7.98
CA PHE B 151 54.05 5.03 8.63
C PHE B 151 55.12 4.01 9.03
N ASN B 152 55.80 4.31 10.15
CA ASN B 152 56.83 3.45 10.73
C ASN B 152 57.93 3.09 9.72
N GLY B 153 58.37 4.08 8.96
CA GLY B 153 59.40 3.87 7.94
C GLY B 153 58.86 3.78 6.52
N ARG B 154 57.60 3.34 6.37
CA ARG B 154 56.93 3.27 5.07
C ARG B 154 56.29 4.60 4.72
N SER B 155 55.99 4.79 3.44
CA SER B 155 55.26 5.95 2.95
C SER B 155 53.79 5.84 3.38
N GLN B 156 53.17 6.99 3.62
CA GLN B 156 51.76 7.07 3.96
C GLN B 156 50.88 6.83 2.74
N CYS B 157 51.22 7.53 1.65
CA CYS B 157 50.45 7.45 0.42
C CYS B 157 51.12 6.55 -0.60
N TYR B 158 50.29 6.00 -1.48
CA TYR B 158 50.73 5.00 -2.43
C TYR B 158 49.79 4.97 -3.64
N TYR B 159 50.27 4.35 -4.71
CA TYR B 159 49.46 4.08 -5.90
C TYR B 159 49.64 2.64 -6.37
N PHE B 160 48.70 2.16 -7.18
CA PHE B 160 48.78 0.84 -7.79
C PHE B 160 49.27 0.94 -9.22
N GLU B 161 50.43 0.35 -9.47
CA GLU B 161 50.93 0.15 -10.83
C GLU B 161 50.28 -1.11 -11.39
N ASN B 162 49.84 -1.03 -12.65
CA ASN B 162 49.13 -2.13 -13.32
C ASN B 162 47.95 -2.72 -12.50
N PRO B 163 47.00 -1.87 -12.07
CA PRO B 163 45.96 -2.29 -11.14
C PRO B 163 45.00 -3.39 -11.64
N ALA B 164 44.79 -3.48 -12.94
CA ALA B 164 43.84 -4.45 -13.51
C ALA B 164 44.35 -5.89 -13.54
N ASP B 165 45.68 -6.07 -13.59
CA ASP B 165 46.28 -7.40 -13.73
C ASP B 165 46.93 -7.87 -12.45
N SER B 166 46.39 -8.95 -11.89
CA SER B 166 46.96 -9.57 -10.70
C SER B 166 48.39 -10.10 -10.93
N GLU B 167 48.75 -10.38 -12.18
CA GLU B 167 50.14 -10.75 -12.55
C GLU B 167 51.15 -9.64 -12.26
N LYS B 168 50.77 -8.39 -12.51
CA LYS B 168 51.68 -7.23 -12.44
C LYS B 168 51.31 -6.17 -11.38
N CYS B 169 50.16 -6.30 -10.70
CA CYS B 169 49.74 -5.25 -9.76
C CYS B 169 50.78 -5.07 -8.65
N GLN B 170 51.19 -3.81 -8.44
CA GLN B 170 52.21 -3.42 -7.48
C GLN B 170 51.73 -2.21 -6.70
N LYS B 171 51.93 -2.21 -5.40
CA LYS B 171 51.67 -1.06 -4.55
C LYS B 171 52.99 -0.30 -4.40
N LEU B 172 53.09 0.88 -4.99
CA LEU B 172 54.32 1.66 -4.98
C LEU B 172 54.15 2.96 -4.18
N PRO B 173 55.22 3.44 -3.52
CA PRO B 173 55.11 4.63 -2.68
C PRO B 173 54.94 5.91 -3.48
N PHE B 174 54.20 6.88 -2.92
CA PHE B 174 54.03 8.20 -3.52
C PHE B 174 54.28 9.29 -2.46
N ASP B 175 55.29 10.12 -2.70
CA ASP B 175 55.62 11.22 -1.79
C ASP B 175 54.62 12.38 -1.98
N LEU B 176 53.98 12.80 -0.88
CA LEU B 176 53.14 14.00 -0.88
C LEU B 176 53.92 15.28 -0.53
N LYS B 177 55.22 15.32 -0.83
CA LYS B 177 55.99 16.57 -0.84
C LYS B 177 55.71 17.29 -2.17
N ASN B 178 55.42 18.59 -2.09
CA ASN B 178 54.97 19.41 -3.23
C ASN B 178 53.83 18.75 -4.04
N PRO B 179 52.72 18.41 -3.36
CA PRO B 179 51.65 17.64 -3.98
C PRO B 179 50.59 18.49 -4.69
N TYR B 180 50.62 19.82 -4.53
CA TYR B 180 49.52 20.68 -4.96
C TYR B 180 49.62 21.03 -6.45
N PRO B 181 48.48 21.11 -7.16
CA PRO B 181 47.15 20.89 -6.60
C PRO B 181 46.76 19.40 -6.63
N LEU B 182 45.87 19.00 -5.72
CA LEU B 182 45.34 17.64 -5.69
C LEU B 182 43.83 17.61 -5.48
N LEU B 183 43.18 16.56 -5.99
CA LEU B 183 41.76 16.30 -5.70
C LEU B 183 41.72 15.27 -4.58
N LEU B 184 40.90 15.53 -3.57
CA LEU B 184 40.79 14.63 -2.43
C LEU B 184 39.35 14.16 -2.40
N VAL B 185 39.17 12.85 -2.49
CA VAL B 185 37.84 12.23 -2.55
C VAL B 185 37.64 11.47 -1.25
N ASN B 186 36.79 12.02 -0.39
CA ASN B 186 36.53 11.46 0.92
C ASN B 186 35.32 10.53 0.86
N ILE B 187 35.56 9.22 0.76
CA ILE B 187 34.47 8.22 0.65
C ILE B 187 34.06 7.69 2.04
N GLY B 188 33.09 8.34 2.66
CA GLY B 188 32.50 7.87 3.91
C GLY B 188 31.15 7.23 3.65
N SER B 189 30.19 7.51 4.53
CA SER B 189 28.80 7.15 4.29
C SER B 189 28.34 7.84 3.00
N GLY B 190 28.62 9.14 2.92
CA GLY B 190 28.58 9.90 1.66
C GLY B 190 29.97 10.30 1.23
N VAL B 191 30.06 11.11 0.17
CA VAL B 191 31.32 11.46 -0.46
C VAL B 191 31.43 12.98 -0.60
N SER B 192 32.53 13.54 -0.12
CA SER B 192 32.91 14.94 -0.39
C SER B 192 34.15 14.93 -1.27
N ILE B 193 34.15 15.80 -2.28
CA ILE B 193 35.24 15.90 -3.24
C ILE B 193 35.82 17.30 -3.14
N LEU B 194 37.10 17.38 -2.73
CA LEU B 194 37.82 18.63 -2.52
C LEU B 194 38.88 18.87 -3.61
N ALA B 195 39.00 20.10 -4.09
CA ALA B 195 40.17 20.53 -4.84
C ALA B 195 41.05 21.28 -3.84
N VAL B 196 42.25 20.78 -3.60
CA VAL B 196 43.16 21.32 -2.60
C VAL B 196 44.33 22.03 -3.30
N TYR B 197 44.37 23.35 -3.20
CA TYR B 197 45.41 24.18 -3.85
C TYR B 197 46.60 24.41 -2.94
N SER B 198 46.35 24.45 -1.63
CA SER B 198 47.42 24.48 -0.64
C SER B 198 46.89 23.96 0.71
N LYS B 199 47.73 23.98 1.74
CA LYS B 199 47.34 23.51 3.08
C LYS B 199 46.24 24.36 3.72
N ASP B 200 46.21 25.66 3.36
CA ASP B 200 45.16 26.59 3.79
C ASP B 200 44.10 26.87 2.72
N ASN B 201 44.40 26.59 1.45
CA ASN B 201 43.50 26.89 0.33
C ASN B 201 42.89 25.63 -0.30
N TYR B 202 41.61 25.43 -0.06
CA TYR B 202 40.87 24.37 -0.71
C TYR B 202 39.39 24.73 -0.85
N LYS B 203 38.69 24.02 -1.73
CA LYS B 203 37.24 24.18 -1.86
C LYS B 203 36.58 22.83 -2.04
N ARG B 204 35.33 22.72 -1.56
CA ARG B 204 34.51 21.55 -1.83
C ARG B 204 33.90 21.72 -3.22
N VAL B 205 34.39 20.94 -4.18
CA VAL B 205 33.93 21.05 -5.57
C VAL B 205 32.50 20.52 -5.61
N THR B 206 32.32 19.30 -5.12
CA THR B 206 31.02 18.66 -5.09
C THR B 206 31.07 17.44 -4.14
N GLY B 207 30.07 16.58 -4.28
CA GLY B 207 30.01 15.34 -3.52
C GLY B 207 28.98 14.41 -4.15
N THR B 208 28.79 13.25 -3.54
CA THR B 208 27.68 12.37 -3.91
C THR B 208 27.21 11.66 -2.68
N SER B 209 25.89 11.51 -2.58
CA SER B 209 25.28 10.68 -1.56
C SER B 209 25.43 9.18 -1.85
N LEU B 210 25.89 8.80 -3.04
CA LEU B 210 26.10 7.39 -3.34
C LEU B 210 27.49 6.95 -2.88
N GLY B 211 27.62 6.61 -1.60
CA GLY B 211 28.92 6.38 -0.99
C GLY B 211 29.05 5.03 -0.32
N GLY B 212 29.92 4.96 0.69
CA GLY B 212 30.13 3.74 1.44
C GLY B 212 28.87 3.24 2.12
N GLY B 213 27.99 4.18 2.51
CA GLY B 213 26.72 3.86 3.15
C GLY B 213 25.75 3.22 2.18
N THR B 214 25.81 3.64 0.92
CA THR B 214 25.00 3.09 -0.15
C THR B 214 25.47 1.66 -0.49
N PHE B 215 26.78 1.46 -0.59
CA PHE B 215 27.33 0.11 -0.75
C PHE B 215 26.90 -0.79 0.40
N PHE B 216 27.03 -0.30 1.63
CA PHE B 216 26.82 -1.15 2.81
C PHE B 216 25.32 -1.39 3.05
N GLY B 217 24.53 -0.32 3.00
CA GLY B 217 23.08 -0.41 3.09
C GLY B 217 22.45 -1.35 2.08
N LEU B 218 22.73 -1.14 0.79
CA LEU B 218 22.20 -2.01 -0.26
C LEU B 218 22.64 -3.48 -0.09
N CYS B 219 23.91 -3.70 0.26
CA CYS B 219 24.42 -5.05 0.49
C CYS B 219 23.63 -5.76 1.59
N CYS B 220 23.35 -5.05 2.69
CA CYS B 220 22.56 -5.63 3.78
C CYS B 220 21.14 -6.02 3.35
N LEU B 221 20.49 -5.14 2.58
CA LEU B 221 19.15 -5.39 2.07
C LEU B 221 19.11 -6.53 1.07
N LEU B 222 20.05 -6.52 0.11
CA LEU B 222 20.04 -7.47 -0.99
C LEU B 222 20.59 -8.85 -0.67
N THR B 223 21.45 -8.94 0.34
CA THR B 223 22.15 -10.19 0.65
C THR B 223 21.93 -10.76 2.06
N GLY B 224 21.37 -9.98 2.99
CA GLY B 224 21.26 -10.40 4.39
C GLY B 224 22.56 -10.37 5.21
N CYS B 225 23.64 -9.82 4.64
CA CYS B 225 24.86 -9.59 5.41
C CYS B 225 24.59 -8.54 6.49
N THR B 226 25.25 -8.67 7.62
CA THR B 226 25.10 -7.75 8.76
C THR B 226 26.35 -6.89 9.03
N THR B 227 27.49 -7.28 8.47
CA THR B 227 28.75 -6.54 8.65
C THR B 227 29.39 -6.18 7.31
N PHE B 228 30.20 -5.11 7.35
CA PHE B 228 30.92 -4.60 6.20
C PHE B 228 31.91 -5.62 5.67
N GLU B 229 32.51 -6.38 6.58
CA GLU B 229 33.46 -7.44 6.24
C GLU B 229 32.78 -8.56 5.46
N GLU B 230 31.59 -8.97 5.91
CA GLU B 230 30.80 -9.97 5.19
C GLU B 230 30.44 -9.47 3.77
N ALA B 231 29.99 -8.22 3.67
CA ALA B 231 29.64 -7.61 2.38
C ALA B 231 30.79 -7.73 1.36
N LEU B 232 32.01 -7.33 1.77
CA LEU B 232 33.21 -7.43 0.92
C LEU B 232 33.65 -8.86 0.64
N GLU B 233 33.52 -9.74 1.63
CA GLU B 233 33.75 -11.17 1.42
C GLU B 233 32.81 -11.70 0.33
N MET B 234 31.51 -11.42 0.46
CA MET B 234 30.51 -11.80 -0.56
C MET B 234 30.84 -11.24 -1.95
N ALA B 235 31.20 -9.96 -2.01
CA ALA B 235 31.55 -9.31 -3.28
C ALA B 235 32.78 -9.90 -3.95
N SER B 236 33.75 -10.38 -3.15
CA SER B 236 34.96 -11.03 -3.67
C SER B 236 34.72 -12.35 -4.41
N ARG B 237 33.61 -13.02 -4.09
CA ARG B 237 33.26 -14.31 -4.73
C ARG B 237 32.17 -14.18 -5.80
N GLY B 238 31.74 -12.96 -6.12
CA GLY B 238 30.64 -12.74 -7.07
C GLY B 238 31.04 -12.41 -8.50
N ASP B 239 30.07 -12.52 -9.41
CA ASP B 239 30.19 -12.10 -10.81
C ASP B 239 29.12 -11.04 -11.11
N SER B 240 29.56 -9.78 -11.27
CA SER B 240 28.64 -8.67 -11.59
C SER B 240 28.01 -8.75 -12.98
N THR B 241 28.61 -9.50 -13.91
CA THR B 241 28.12 -9.55 -15.30
C THR B 241 26.82 -10.35 -15.47
N LYS B 242 26.44 -11.14 -14.46
CA LYS B 242 25.08 -11.72 -14.38
C LYS B 242 24.03 -10.70 -13.91
N VAL B 243 24.47 -9.63 -13.24
CA VAL B 243 23.58 -8.61 -12.65
C VAL B 243 23.45 -7.40 -13.59
N ASP B 244 24.57 -6.91 -14.08
CA ASP B 244 24.59 -5.71 -14.92
C ASP B 244 24.34 -6.05 -16.37
N LYS B 245 23.86 -5.05 -17.11
CA LYS B 245 23.71 -5.11 -18.56
C LYS B 245 24.90 -4.41 -19.19
N LEU B 246 25.68 -5.15 -19.98
CA LEU B 246 26.86 -4.63 -20.65
C LEU B 246 26.48 -4.02 -22.00
N VAL B 247 27.39 -3.22 -22.55
CA VAL B 247 27.19 -2.59 -23.86
C VAL B 247 26.96 -3.70 -24.90
N ARG B 248 27.75 -4.77 -24.79
CA ARG B 248 27.60 -6.06 -25.53
C ARG B 248 26.19 -6.60 -25.58
N ASP B 249 25.49 -6.57 -24.45
CA ASP B 249 24.13 -7.11 -24.34
C ASP B 249 23.12 -6.30 -25.16
N ILE B 250 23.43 -5.03 -25.40
CA ILE B 250 22.56 -4.12 -26.14
C ILE B 250 22.96 -4.09 -27.62
N TYR B 251 24.25 -3.87 -27.89
CA TYR B 251 24.76 -3.73 -29.27
C TYR B 251 25.18 -5.02 -29.98
N GLY B 252 25.44 -6.09 -29.21
CA GLY B 252 26.10 -7.30 -29.74
C GLY B 252 27.61 -7.14 -29.93
N GLY B 253 28.18 -6.10 -29.31
CA GLY B 253 29.60 -5.78 -29.42
C GLY B 253 29.79 -4.34 -28.94
N ASP B 254 30.80 -3.66 -29.48
CA ASP B 254 31.05 -2.25 -29.14
C ASP B 254 29.98 -1.34 -29.73
N TYR B 255 29.70 -0.23 -29.04
CA TYR B 255 29.06 0.92 -29.64
C TYR B 255 30.20 1.76 -30.21
N GLU B 256 30.45 1.56 -31.50
CA GLU B 256 31.68 1.99 -32.15
C GLU B 256 31.74 3.50 -32.35
N ARG B 257 30.60 4.11 -32.68
CA ARG B 257 30.53 5.56 -32.96
C ARG B 257 31.08 6.42 -31.82
N PHE B 258 30.72 6.08 -30.59
CA PHE B 258 31.14 6.86 -29.41
C PHE B 258 32.10 6.10 -28.49
N GLY B 259 32.74 5.05 -29.01
CA GLY B 259 33.84 4.37 -28.33
C GLY B 259 33.53 3.71 -26.99
N LEU B 260 32.35 3.09 -26.89
CA LEU B 260 32.00 2.29 -25.71
C LEU B 260 32.25 0.81 -26.04
N PRO B 261 33.24 0.19 -25.37
CA PRO B 261 33.55 -1.19 -25.69
C PRO B 261 32.46 -2.14 -25.20
N GLY B 262 32.34 -3.27 -25.91
CA GLY B 262 31.36 -4.31 -25.58
C GLY B 262 31.32 -4.69 -24.11
N TRP B 263 32.48 -4.73 -23.47
CA TRP B 263 32.59 -5.13 -22.05
C TRP B 263 32.18 -4.07 -21.01
N ALA B 264 32.03 -2.80 -21.41
CA ALA B 264 31.63 -1.73 -20.46
C ALA B 264 30.19 -1.93 -19.97
N VAL B 265 29.91 -1.49 -18.74
CA VAL B 265 28.56 -1.62 -18.19
C VAL B 265 27.69 -0.53 -18.86
N ALA B 266 26.55 -0.94 -19.41
CA ALA B 266 25.57 -0.02 -20.01
C ALA B 266 24.53 0.36 -18.99
N SER B 267 24.07 -0.63 -18.23
CA SER B 267 23.07 -0.42 -17.21
C SER B 267 23.36 -1.33 -16.01
N SER B 268 23.78 -0.70 -14.91
CA SER B 268 24.07 -1.41 -13.67
C SER B 268 22.77 -1.97 -13.10
N PHE B 269 22.80 -3.23 -12.68
CA PHE B 269 21.58 -3.98 -12.30
C PHE B 269 20.53 -4.05 -13.42
N GLY B 270 20.95 -3.90 -14.67
CA GLY B 270 20.01 -3.78 -15.80
C GLY B 270 19.36 -5.10 -16.17
N ASN B 271 20.02 -6.22 -15.88
CA ASN B 271 19.44 -7.53 -16.14
C ASN B 271 18.38 -7.92 -15.11
N MET B 272 18.32 -7.21 -13.98
CA MET B 272 17.48 -7.64 -12.85
C MET B 272 15.98 -7.31 -12.99
N MET B 273 15.59 -6.69 -14.11
CA MET B 273 14.17 -6.67 -14.51
C MET B 273 13.67 -8.04 -14.99
N SER B 274 14.59 -8.87 -15.49
CA SER B 274 14.28 -10.22 -15.99
C SER B 274 14.20 -11.22 -14.83
N LYS B 275 13.06 -11.90 -14.70
CA LYS B 275 12.85 -12.93 -13.66
C LYS B 275 13.87 -14.08 -13.81
N GLU B 276 14.11 -14.50 -15.04
CA GLU B 276 15.08 -15.55 -15.36
C GLU B 276 16.48 -15.18 -14.86
N LYS B 277 16.88 -13.92 -15.09
CA LYS B 277 18.16 -13.40 -14.63
CA LYS B 277 18.16 -13.42 -14.63
C LYS B 277 18.20 -13.30 -13.11
N ARG B 278 17.10 -12.87 -12.50
CA ARG B 278 17.03 -12.79 -11.04
C ARG B 278 17.20 -14.17 -10.38
N GLU B 279 16.53 -15.18 -10.92
CA GLU B 279 16.65 -16.56 -10.44
C GLU B 279 18.07 -17.14 -10.64
N ALA B 280 18.78 -16.64 -11.64
CA ALA B 280 20.17 -17.04 -11.90
C ALA B 280 21.23 -16.48 -10.93
N VAL B 281 21.00 -15.29 -10.34
CA VAL B 281 22.07 -14.64 -9.55
C VAL B 281 22.12 -15.14 -8.10
N SER B 282 23.30 -14.97 -7.50
CA SER B 282 23.54 -15.29 -6.11
C SER B 282 23.70 -14.01 -5.28
N LYS B 283 23.69 -14.17 -3.96
CA LYS B 283 23.94 -13.08 -3.02
C LYS B 283 25.31 -12.42 -3.28
N GLU B 284 26.29 -13.26 -3.63
CA GLU B 284 27.65 -12.81 -3.93
C GLU B 284 27.69 -11.95 -5.20
N ASP B 285 26.95 -12.36 -6.23
CA ASP B 285 26.87 -11.59 -7.49
C ASP B 285 26.30 -10.19 -7.22
N LEU B 286 25.26 -10.12 -6.40
CA LEU B 286 24.61 -8.84 -6.05
C LEU B 286 25.54 -7.95 -5.27
N ALA B 287 26.26 -8.52 -4.30
CA ALA B 287 27.26 -7.80 -3.52
C ALA B 287 28.39 -7.27 -4.41
N ARG B 288 28.82 -8.08 -5.38
CA ARG B 288 29.85 -7.66 -6.34
C ARG B 288 29.33 -6.52 -7.24
N ALA B 289 28.13 -6.68 -7.78
CA ALA B 289 27.50 -5.62 -8.59
C ALA B 289 27.34 -4.31 -7.82
N THR B 290 26.96 -4.41 -6.56
CA THR B 290 26.81 -3.22 -5.72
C THR B 290 28.17 -2.51 -5.52
N LEU B 291 29.21 -3.30 -5.25
CA LEU B 291 30.56 -2.77 -5.06
C LEU B 291 31.07 -2.04 -6.30
N ILE B 292 30.89 -2.68 -7.46
CA ILE B 292 31.32 -2.14 -8.77
C ILE B 292 30.58 -0.84 -9.11
N THR B 293 29.26 -0.82 -8.89
CA THR B 293 28.40 0.30 -9.30
C THR B 293 28.68 1.58 -8.50
N ILE B 294 28.81 1.42 -7.19
CA ILE B 294 29.11 2.54 -6.29
C ILE B 294 30.53 3.05 -6.55
N THR B 295 31.47 2.15 -6.78
CA THR B 295 32.87 2.52 -6.96
C THR B 295 33.12 3.20 -8.32
N ASN B 296 32.60 2.64 -9.40
CA ASN B 296 32.81 3.23 -10.75
C ASN B 296 32.08 4.55 -10.92
N ASN B 297 30.93 4.70 -10.27
CA ASN B 297 30.21 5.97 -10.25
C ASN B 297 31.00 7.08 -9.52
N ILE B 298 31.61 6.74 -8.37
CA ILE B 298 32.49 7.67 -7.67
C ILE B 298 33.73 8.00 -8.55
N GLY B 299 34.31 6.97 -9.17
CA GLY B 299 35.45 7.15 -10.09
C GLY B 299 35.15 8.09 -11.25
N SER B 300 34.02 7.84 -11.91
CA SER B 300 33.56 8.70 -12.99
C SER B 300 33.39 10.16 -12.55
N ILE B 301 32.71 10.36 -11.41
CA ILE B 301 32.48 11.72 -10.90
C ILE B 301 33.82 12.39 -10.55
N ALA B 302 34.69 11.65 -9.88
CA ALA B 302 36.04 12.15 -9.55
C ALA B 302 36.84 12.50 -10.80
N ARG B 303 36.78 11.62 -11.81
CA ARG B 303 37.46 11.87 -13.10
C ARG B 303 36.99 13.19 -13.72
N MET B 304 35.68 13.40 -13.77
CA MET B 304 35.11 14.65 -14.28
C MET B 304 35.55 15.88 -13.49
N CYS B 305 35.60 15.77 -12.17
CA CYS B 305 36.09 16.88 -11.34
C CYS B 305 37.59 17.17 -11.60
N ALA B 306 38.39 16.12 -11.63
CA ALA B 306 39.84 16.23 -11.90
C ALA B 306 40.13 16.90 -13.25
N LEU B 307 39.45 16.46 -14.30
CA LEU B 307 39.66 17.02 -15.65
C LEU B 307 39.19 18.47 -15.76
N ASN B 308 38.03 18.78 -15.18
CA ASN B 308 37.48 20.14 -15.24
C ASN B 308 38.32 21.17 -14.46
N GLU B 309 38.86 20.75 -13.30
CA GLU B 309 39.72 21.59 -12.48
C GLU B 309 41.21 21.54 -12.90
N ASN B 310 41.53 20.83 -13.97
CA ASN B 310 42.91 20.62 -14.44
C ASN B 310 43.80 20.03 -13.34
N ILE B 311 43.23 19.12 -12.55
CA ILE B 311 43.96 18.42 -11.49
C ILE B 311 44.24 17.02 -12.03
N ASN B 312 45.49 16.58 -11.89
CA ASN B 312 45.92 15.27 -12.40
C ASN B 312 46.17 14.21 -11.33
N GLN B 313 46.07 14.61 -10.05
CA GLN B 313 46.32 13.71 -8.93
C GLN B 313 45.08 13.63 -8.03
N VAL B 314 44.55 12.43 -7.84
CA VAL B 314 43.34 12.21 -7.03
C VAL B 314 43.65 11.26 -5.88
N VAL B 315 43.59 11.75 -4.65
CA VAL B 315 43.80 10.92 -3.46
C VAL B 315 42.43 10.52 -2.95
N PHE B 316 42.20 9.20 -2.82
CA PHE B 316 40.92 8.67 -2.33
C PHE B 316 41.09 8.27 -0.86
N VAL B 317 40.20 8.76 0.01
CA VAL B 317 40.25 8.44 1.45
C VAL B 317 38.85 8.04 1.94
N GLY B 318 38.76 7.65 3.22
CA GLY B 318 37.52 7.28 3.88
C GLY B 318 37.45 5.79 4.17
N ASN B 319 36.58 5.39 5.10
CA ASN B 319 36.52 3.99 5.51
C ASN B 319 35.80 3.04 4.56
N PHE B 320 35.17 3.56 3.51
CA PHE B 320 34.73 2.71 2.41
C PHE B 320 35.88 1.86 1.85
N LEU B 321 37.11 2.40 1.89
CA LEU B 321 38.28 1.73 1.35
C LEU B 321 39.05 0.82 2.32
N ARG B 322 38.57 0.71 3.56
CA ARG B 322 39.20 -0.17 4.54
C ARG B 322 39.00 -1.61 4.10
N ILE B 323 40.06 -2.41 4.22
CA ILE B 323 40.14 -3.78 3.66
C ILE B 323 39.52 -3.93 2.26
N ASN B 324 39.68 -2.91 1.43
CA ASN B 324 38.98 -2.82 0.14
C ASN B 324 39.97 -2.55 -0.99
N THR B 325 40.96 -3.42 -1.11
CA THR B 325 41.91 -3.35 -2.22
C THR B 325 41.21 -3.54 -3.58
N ILE B 326 40.10 -4.29 -3.60
CA ILE B 326 39.33 -4.48 -4.83
C ILE B 326 38.77 -3.16 -5.35
N ALA B 327 38.09 -2.38 -4.50
CA ALA B 327 37.62 -1.04 -4.93
C ALA B 327 38.78 -0.10 -5.28
N MET B 328 39.87 -0.14 -4.51
CA MET B 328 41.04 0.71 -4.81
C MET B 328 41.62 0.41 -6.19
N ARG B 329 41.76 -0.88 -6.51
CA ARG B 329 42.21 -1.30 -7.83
C ARG B 329 41.24 -0.91 -8.96
N LEU B 330 39.93 -0.95 -8.69
CA LEU B 330 38.92 -0.48 -9.66
C LEU B 330 39.03 1.04 -9.89
N LEU B 331 39.19 1.78 -8.80
CA LEU B 331 39.37 3.23 -8.89
C LEU B 331 40.64 3.55 -9.68
N ALA B 332 41.72 2.86 -9.36
CA ALA B 332 43.01 3.05 -10.03
C ALA B 332 42.92 2.75 -11.53
N TYR B 333 42.27 1.64 -11.88
CA TYR B 333 42.10 1.25 -13.29
C TYR B 333 41.22 2.25 -14.04
N ALA B 334 40.03 2.52 -13.50
CA ALA B 334 39.06 3.41 -14.16
C ALA B 334 39.62 4.81 -14.45
N LEU B 335 40.26 5.42 -13.45
CA LEU B 335 40.92 6.73 -13.65
C LEU B 335 42.02 6.68 -14.72
N ASP B 336 42.85 5.65 -14.68
CA ASP B 336 43.92 5.48 -15.67
C ASP B 336 43.35 5.28 -17.09
N TYR B 337 42.47 4.27 -17.24
CA TYR B 337 41.90 3.89 -18.54
C TYR B 337 41.13 5.03 -19.22
N TRP B 338 40.09 5.53 -18.55
CA TRP B 338 39.20 6.55 -19.13
C TRP B 338 39.80 7.97 -19.28
N SER B 339 41.05 8.16 -18.84
CA SER B 339 41.81 9.40 -19.07
C SER B 339 43.10 9.20 -19.91
N LYS B 340 43.30 7.99 -20.44
CA LYS B 340 44.48 7.62 -21.23
C LYS B 340 45.82 7.89 -20.51
N GLY B 341 45.87 7.50 -19.25
CA GLY B 341 47.07 7.66 -18.42
C GLY B 341 47.38 9.07 -17.94
N GLN B 342 46.39 9.97 -17.97
CA GLN B 342 46.60 11.37 -17.58
C GLN B 342 46.33 11.60 -16.08
N LEU B 343 45.33 10.90 -15.54
CA LEU B 343 44.98 10.98 -14.11
C LEU B 343 45.55 9.79 -13.34
N LYS B 344 46.01 10.07 -12.13
CA LYS B 344 46.60 9.08 -11.24
C LYS B 344 45.77 9.01 -9.96
N ALA B 345 45.41 7.79 -9.55
CA ALA B 345 44.71 7.56 -8.29
C ALA B 345 45.73 7.28 -7.20
N LEU B 346 45.57 7.95 -6.07
CA LEU B 346 46.42 7.77 -4.90
C LEU B 346 45.57 7.32 -3.72
N PHE B 347 46.19 6.56 -2.82
CA PHE B 347 45.50 6.03 -1.65
C PHE B 347 46.39 6.20 -0.42
N SER B 348 45.84 5.93 0.76
CA SER B 348 46.53 6.17 2.01
C SER B 348 46.38 4.99 2.95
N GLU B 349 47.34 4.85 3.85
CA GLU B 349 47.34 3.74 4.82
C GLU B 349 46.38 3.99 5.98
N HIS B 350 46.22 5.25 6.39
CA HIS B 350 45.28 5.60 7.49
C HIS B 350 43.99 6.23 6.95
N GLU B 351 43.44 5.58 5.91
CA GLU B 351 42.31 6.09 5.13
C GLU B 351 41.20 6.83 5.88
N GLY B 352 40.75 6.30 7.02
CA GLY B 352 39.54 6.78 7.67
C GLY B 352 39.71 7.64 8.92
N TYR B 353 40.96 7.87 9.32
CA TYR B 353 41.27 8.47 10.61
C TYR B 353 41.81 9.90 10.53
N PHE B 354 41.84 10.51 9.34
CA PHE B 354 42.52 11.80 9.19
C PHE B 354 41.83 12.95 9.92
N GLY B 355 40.50 12.95 9.91
CA GLY B 355 39.71 13.92 10.67
C GLY B 355 39.94 13.86 12.18
N ALA B 356 40.02 12.66 12.74
CA ALA B 356 40.33 12.50 14.18
C ALA B 356 41.74 13.03 14.53
N VAL B 357 42.70 12.78 13.63
CA VAL B 357 44.05 13.30 13.77
C VAL B 357 44.03 14.83 13.77
N GLY B 358 43.30 15.43 12.81
CA GLY B 358 43.10 16.87 12.78
C GLY B 358 42.53 17.43 14.08
N ALA B 359 41.55 16.75 14.65
CA ALA B 359 41.00 17.15 15.95
C ALA B 359 42.03 17.07 17.07
N LEU B 360 42.87 16.02 17.04
CA LEU B 360 43.98 15.89 17.97
C LEU B 360 44.99 17.04 17.83
N LEU B 361 45.33 17.43 16.61
CA LEU B 361 46.32 18.49 16.37
C LEU B 361 45.79 19.87 16.77
N GLU B 362 44.49 20.07 16.59
CA GLU B 362 43.81 21.28 17.09
C GLU B 362 43.92 21.39 18.62
N LEU B 363 43.77 20.26 19.33
CA LEU B 363 43.93 20.23 20.78
C LEU B 363 45.32 20.69 21.24
N LEU B 364 46.35 20.27 20.49
CA LEU B 364 47.74 20.57 20.86
C LEU B 364 48.25 21.91 20.30
N LYS B 365 47.35 22.72 19.76
CA LYS B 365 47.56 24.12 19.34
C LYS B 365 47.70 24.19 17.83
CA LYS C 4 3.70 29.08 2.04
C LYS C 4 2.27 28.87 1.56
N ARG C 5 1.65 29.96 1.08
CA ARG C 5 0.26 29.94 0.62
C ARG C 5 0.13 29.21 -0.74
N PRO C 6 -0.71 28.15 -0.80
CA PRO C 6 -0.86 27.42 -2.06
C PRO C 6 -1.59 28.23 -3.13
N LEU C 7 -1.34 27.91 -4.39
CA LEU C 7 -1.93 28.64 -5.52
C LEU C 7 -3.40 28.24 -5.74
N PHE C 8 -4.20 29.20 -6.21
CA PHE C 8 -5.59 28.92 -6.62
C PHE C 8 -5.60 28.04 -7.87
N PRO C 9 -6.64 27.22 -8.10
CA PRO C 9 -7.81 27.08 -7.22
C PRO C 9 -7.56 26.14 -6.02
N TRP C 10 -8.22 26.44 -4.90
CA TRP C 10 -8.11 25.61 -3.69
C TRP C 10 -9.24 24.58 -3.69
N PHE C 11 -8.87 23.31 -3.91
CA PHE C 11 -9.81 22.17 -3.93
C PHE C 11 -9.46 21.13 -2.87
N GLY C 12 -10.48 20.38 -2.47
CA GLY C 12 -10.32 19.12 -1.73
C GLY C 12 -11.15 18.07 -2.44
N LEU C 13 -10.55 16.91 -2.68
CA LEU C 13 -11.18 15.84 -3.45
C LEU C 13 -11.23 14.57 -2.61
N ASP C 14 -12.39 13.91 -2.61
CA ASP C 14 -12.57 12.61 -1.95
C ASP C 14 -13.16 11.65 -2.97
N ILE C 15 -12.33 10.78 -3.53
CA ILE C 15 -12.75 9.89 -4.60
C ILE C 15 -13.11 8.54 -3.97
N GLY C 16 -14.40 8.31 -3.78
CA GLY C 16 -14.90 7.14 -3.06
C GLY C 16 -15.27 5.98 -3.97
N GLY C 17 -15.81 4.94 -3.35
CA GLY C 17 -16.32 3.78 -4.10
C GLY C 17 -17.46 4.10 -5.04
N THR C 18 -18.37 4.99 -4.61
CA THR C 18 -19.55 5.34 -5.38
C THR C 18 -19.50 6.81 -5.84
N LEU C 19 -19.25 7.74 -4.92
CA LEU C 19 -19.29 9.18 -5.22
C LEU C 19 -17.92 9.85 -5.06
N VAL C 20 -17.66 10.83 -5.93
CA VAL C 20 -16.53 11.76 -5.80
C VAL C 20 -17.09 13.03 -5.18
N LYS C 21 -16.44 13.52 -4.13
CA LYS C 21 -16.85 14.76 -3.49
C LYS C 21 -15.75 15.77 -3.70
N LEU C 22 -16.15 17.00 -4.02
CA LEU C 22 -15.23 18.07 -4.39
C LEU C 22 -15.66 19.32 -3.64
N VAL C 23 -14.75 19.87 -2.84
CA VAL C 23 -15.02 21.06 -2.09
C VAL C 23 -14.11 22.15 -2.65
N TYR C 24 -14.71 23.29 -3.01
CA TYR C 24 -14.00 24.40 -3.64
C TYR C 24 -14.17 25.67 -2.81
N PHE C 25 -13.04 26.28 -2.46
CA PHE C 25 -13.02 27.62 -1.84
C PHE C 25 -13.06 28.71 -2.92
N GLU C 26 -14.15 29.46 -2.97
CA GLU C 26 -14.27 30.62 -3.85
C GLU C 26 -13.74 31.88 -3.13
N PRO C 27 -12.56 32.40 -3.53
CA PRO C 27 -12.14 33.67 -2.89
C PRO C 27 -13.07 34.82 -3.30
N LYS C 28 -13.44 35.64 -2.32
CA LYS C 28 -14.30 36.81 -2.54
C LYS C 28 -13.55 38.13 -2.24
N ASP C 29 -12.22 38.05 -2.14
CA ASP C 29 -11.37 39.21 -1.87
C ASP C 29 -10.24 39.32 -2.88
N ILE C 30 -10.55 39.11 -4.15
CA ILE C 30 -9.57 39.25 -5.22
C ILE C 30 -9.37 40.75 -5.44
N THR C 31 -8.12 41.20 -5.29
CA THR C 31 -7.77 42.62 -5.48
C THR C 31 -7.74 42.97 -6.95
N ALA C 32 -7.83 44.26 -7.25
CA ALA C 32 -7.76 44.76 -8.63
C ALA C 32 -6.44 44.36 -9.30
N GLU C 33 -5.34 44.44 -8.55
CA GLU C 33 -4.03 43.95 -8.99
C GLU C 33 -4.05 42.45 -9.27
N GLU C 34 -4.68 41.70 -8.37
CA GLU C 34 -4.82 40.24 -8.55
C GLU C 34 -5.64 39.89 -9.79
N GLU C 35 -6.72 40.64 -10.05
CA GLU C 35 -7.55 40.45 -11.26
C GLU C 35 -6.77 40.68 -12.56
N GLU C 36 -5.91 41.70 -12.58
CA GLU C 36 -4.99 41.96 -13.71
C GLU C 36 -4.03 40.79 -13.96
N GLU C 37 -3.41 40.29 -12.89
CA GLU C 37 -2.33 39.29 -13.00
C GLU C 37 -2.80 37.89 -13.38
N GLU C 38 -3.99 37.50 -12.92
CA GLU C 38 -4.47 36.12 -13.06
C GLU C 38 -4.65 35.67 -14.52
N VAL C 39 -4.29 34.42 -14.79
CA VAL C 39 -4.34 33.87 -16.16
C VAL C 39 -5.78 33.46 -16.44
N GLU C 40 -6.18 33.53 -17.71
CA GLU C 40 -7.55 33.19 -18.15
C GLU C 40 -7.99 31.75 -17.88
N SER C 41 -7.05 30.83 -17.73
CA SER C 41 -7.36 29.45 -17.32
C SER C 41 -7.93 29.41 -15.88
N LEU C 42 -7.37 30.24 -15.00
CA LEU C 42 -7.87 30.37 -13.62
C LEU C 42 -9.22 31.08 -13.56
N LYS C 43 -9.41 32.14 -14.35
CA LYS C 43 -10.69 32.84 -14.39
C LYS C 43 -11.81 31.98 -15.02
N SER C 44 -11.44 31.19 -16.04
CA SER C 44 -12.38 30.26 -16.69
CA SER C 44 -12.39 30.28 -16.69
C SER C 44 -12.93 29.24 -15.70
N ILE C 45 -12.04 28.63 -14.92
CA ILE C 45 -12.45 27.58 -13.96
C ILE C 45 -13.30 28.14 -12.81
N ARG C 46 -12.94 29.32 -12.29
CA ARG C 46 -13.74 30.01 -11.27
C ARG C 46 -15.20 30.22 -11.67
N LYS C 47 -15.41 30.77 -12.87
CA LYS C 47 -16.75 31.12 -13.33
C LYS C 47 -17.51 29.90 -13.84
N TYR C 48 -16.80 28.94 -14.43
CA TYR C 48 -17.42 27.64 -14.73
C TYR C 48 -18.07 27.03 -13.46
N LEU C 49 -17.34 27.07 -12.34
CA LEU C 49 -17.79 26.44 -11.09
C LEU C 49 -18.92 27.19 -10.40
N THR C 50 -18.79 28.51 -10.31
CA THR C 50 -19.70 29.37 -9.57
C THR C 50 -20.96 29.80 -10.34
N SER C 51 -20.94 29.71 -11.66
CA SER C 51 -22.09 30.10 -12.49
C SER C 51 -22.97 28.93 -12.96
N ASN C 52 -22.57 27.70 -12.61
CA ASN C 52 -23.33 26.49 -12.97
C ASN C 52 -23.71 25.70 -11.72
N VAL C 53 -24.90 25.08 -11.77
CA VAL C 53 -25.40 24.21 -10.72
C VAL C 53 -25.25 22.73 -11.12
N ALA C 54 -25.30 22.46 -12.42
CA ALA C 54 -25.02 21.15 -12.98
C ALA C 54 -23.73 21.22 -13.81
N TYR C 55 -22.95 20.14 -13.82
CA TYR C 55 -21.73 20.05 -14.61
C TYR C 55 -21.75 18.74 -15.36
N GLY C 56 -21.65 18.81 -16.69
CA GLY C 56 -21.76 17.62 -17.53
C GLY C 56 -23.13 16.99 -17.40
N SER C 57 -23.21 15.69 -17.64
CA SER C 57 -24.45 14.93 -17.47
C SER C 57 -24.76 14.60 -16.00
N THR C 58 -23.72 14.48 -15.17
CA THR C 58 -23.86 13.87 -13.82
C THR C 58 -23.32 14.66 -12.61
N GLY C 59 -22.62 15.77 -12.83
CA GLY C 59 -22.06 16.56 -11.73
C GLY C 59 -23.09 17.51 -11.16
N ILE C 60 -23.11 17.66 -9.82
CA ILE C 60 -24.11 18.50 -9.14
C ILE C 60 -23.46 19.32 -8.03
N ARG C 61 -23.84 20.59 -7.93
CA ARG C 61 -23.41 21.46 -6.84
C ARG C 61 -24.56 21.53 -5.82
N ASP C 62 -24.27 21.18 -4.57
CA ASP C 62 -25.28 21.19 -3.51
C ASP C 62 -25.36 22.62 -2.96
N VAL C 63 -26.15 23.46 -3.65
CA VAL C 63 -26.15 24.92 -3.44
C VAL C 63 -26.51 25.29 -2.00
N HIS C 64 -27.43 24.55 -1.40
CA HIS C 64 -27.93 24.86 -0.05
C HIS C 64 -26.86 24.63 1.04
N LEU C 65 -25.82 23.86 0.73
CA LEU C 65 -24.71 23.60 1.65
C LEU C 65 -23.62 24.67 1.67
N GLU C 66 -23.69 25.65 0.76
CA GLU C 66 -22.65 26.67 0.64
C GLU C 66 -22.39 27.37 1.98
N LEU C 67 -21.12 27.41 2.40
CA LEU C 67 -20.75 28.12 3.61
C LEU C 67 -20.19 29.46 3.18
N LYS C 68 -20.68 30.53 3.79
CA LYS C 68 -20.42 31.90 3.32
C LYS C 68 -19.55 32.69 4.28
N ASP C 69 -18.67 33.53 3.72
N ASP C 69 -18.68 33.54 3.72
CA ASP C 69 -17.80 34.45 4.48
CA ASP C 69 -17.80 34.45 4.48
C ASP C 69 -16.86 33.75 5.46
C ASP C 69 -16.86 33.75 5.47
N LEU C 70 -16.28 32.63 5.05
CA LEU C 70 -15.27 31.92 5.87
C LEU C 70 -13.89 32.52 5.56
N THR C 71 -12.96 32.36 6.50
CA THR C 71 -11.57 32.79 6.33
C THR C 71 -10.64 31.57 6.40
N LEU C 72 -10.00 31.26 5.27
CA LEU C 72 -9.02 30.16 5.20
C LEU C 72 -7.70 30.68 4.63
N CYS C 73 -6.60 30.35 5.31
CA CYS C 73 -5.25 30.72 4.87
C CYS C 73 -5.13 32.20 4.47
N GLY C 74 -5.70 33.06 5.32
CA GLY C 74 -5.67 34.52 5.13
C GLY C 74 -6.47 35.09 3.97
N ARG C 75 -7.41 34.31 3.43
CA ARG C 75 -8.29 34.76 2.35
C ARG C 75 -9.74 34.61 2.79
N LYS C 76 -10.55 35.63 2.51
CA LYS C 76 -11.98 35.60 2.76
C LYS C 76 -12.70 35.00 1.56
N GLY C 77 -13.72 34.16 1.83
CA GLY C 77 -14.43 33.48 0.75
C GLY C 77 -15.51 32.49 1.17
N ASN C 78 -16.07 31.80 0.18
CA ASN C 78 -17.14 30.80 0.39
C ASN C 78 -16.72 29.37 0.00
N LEU C 79 -17.21 28.37 0.74
CA LEU C 79 -16.98 26.96 0.41
C LEU C 79 -18.17 26.35 -0.33
N HIS C 80 -17.89 25.78 -1.50
CA HIS C 80 -18.90 25.14 -2.34
C HIS C 80 -18.72 23.63 -2.29
N PHE C 81 -19.82 22.90 -2.44
CA PHE C 81 -19.85 21.45 -2.23
C PHE C 81 -20.43 20.75 -3.44
N ILE C 82 -19.59 19.95 -4.09
CA ILE C 82 -19.89 19.39 -5.40
C ILE C 82 -19.67 17.88 -5.39
N ARG C 83 -20.55 17.16 -6.10
CA ARG C 83 -20.47 15.70 -6.22
C ARG C 83 -20.77 15.20 -7.63
N PHE C 84 -20.16 14.08 -7.98
CA PHE C 84 -20.46 13.31 -9.19
C PHE C 84 -20.10 11.84 -8.96
N PRO C 85 -20.63 10.91 -9.80
CA PRO C 85 -20.31 9.49 -9.58
C PRO C 85 -18.86 9.17 -9.91
N THR C 86 -18.21 8.33 -9.08
CA THR C 86 -16.87 7.82 -9.36
C THR C 86 -16.75 7.18 -10.76
N HIS C 87 -17.84 6.58 -11.22
CA HIS C 87 -17.98 6.05 -12.58
C HIS C 87 -17.57 7.02 -13.71
N ASP C 88 -17.80 8.32 -13.52
CA ASP C 88 -17.42 9.33 -14.50
C ASP C 88 -16.04 9.97 -14.27
N MET C 89 -15.20 9.36 -13.43
CA MET C 89 -13.82 9.82 -13.20
C MET C 89 -12.94 10.04 -14.46
N PRO C 90 -13.02 9.13 -15.46
CA PRO C 90 -12.23 9.39 -16.68
C PRO C 90 -12.59 10.71 -17.37
N ALA C 91 -13.87 11.07 -17.37
CA ALA C 91 -14.31 12.39 -17.86
C ALA C 91 -13.72 13.52 -17.01
N PHE C 92 -13.69 13.35 -15.69
CA PHE C 92 -13.12 14.35 -14.79
C PHE C 92 -11.61 14.52 -15.02
N ILE C 93 -10.90 13.41 -15.19
CA ILE C 93 -9.45 13.45 -15.43
C ILE C 93 -9.13 14.12 -16.78
N GLN C 94 -9.86 13.73 -17.82
CA GLN C 94 -9.70 14.34 -19.16
C GLN C 94 -10.03 15.84 -19.16
N MET C 95 -11.07 16.24 -18.43
CA MET C 95 -11.39 17.65 -18.24
C MET C 95 -10.19 18.40 -17.66
N GLY C 96 -9.53 17.80 -16.66
CA GLY C 96 -8.31 18.36 -16.06
C GLY C 96 -7.23 18.70 -17.09
N ARG C 97 -7.01 17.81 -18.05
CA ARG C 97 -6.11 18.08 -19.17
C ARG C 97 -6.65 19.21 -20.06
N ASP C 98 -7.92 19.12 -20.43
CA ASP C 98 -8.55 20.09 -21.34
C ASP C 98 -8.55 21.52 -20.80
N LYS C 99 -8.72 21.67 -19.49
CA LYS C 99 -8.69 22.98 -18.80
C LYS C 99 -7.28 23.44 -18.33
N ASN C 100 -6.24 22.68 -18.67
CA ASN C 100 -4.84 23.05 -18.36
C ASN C 100 -4.61 23.20 -16.85
N PHE C 101 -5.17 22.28 -16.07
CA PHE C 101 -5.11 22.38 -14.59
C PHE C 101 -3.68 22.37 -14.03
N SER C 102 -2.79 21.59 -14.65
CA SER C 102 -1.40 21.46 -14.20
CA SER C 102 -1.41 21.46 -14.16
C SER C 102 -0.62 22.78 -14.27
N SER C 103 -1.02 23.64 -15.21
CA SER C 103 -0.44 24.98 -15.33
C SER C 103 -0.84 25.89 -14.16
N LEU C 104 -1.97 25.61 -13.51
CA LEU C 104 -2.43 26.37 -12.35
C LEU C 104 -1.69 25.85 -11.13
N HIS C 105 -1.77 24.54 -10.91
CA HIS C 105 -0.82 23.88 -10.02
C HIS C 105 -0.80 22.39 -10.32
N THR C 106 0.38 21.81 -10.20
CA THR C 106 0.65 20.42 -10.53
C THR C 106 0.04 19.45 -9.50
N VAL C 107 0.08 19.83 -8.22
CA VAL C 107 -0.38 18.97 -7.13
C VAL C 107 -1.78 19.33 -6.67
N PHE C 108 -2.66 18.32 -6.58
CA PHE C 108 -3.98 18.45 -5.97
C PHE C 108 -4.03 17.50 -4.76
N CYS C 109 -4.70 17.94 -3.68
CA CYS C 109 -4.86 17.11 -2.48
C CYS C 109 -6.12 16.26 -2.63
N ALA C 110 -5.95 14.93 -2.56
CA ALA C 110 -7.04 13.98 -2.79
C ALA C 110 -7.04 12.88 -1.73
N THR C 111 -8.24 12.50 -1.30
CA THR C 111 -8.43 11.38 -0.38
C THR C 111 -9.44 10.38 -0.95
N GLY C 112 -9.78 9.37 -0.16
CA GLY C 112 -10.53 8.23 -0.64
C GLY C 112 -9.65 7.25 -1.39
N GLY C 113 -10.17 6.06 -1.63
CA GLY C 113 -9.43 5.03 -2.33
C GLY C 113 -9.06 5.40 -3.76
N GLY C 114 -9.88 6.22 -4.40
CA GLY C 114 -9.62 6.63 -5.78
C GLY C 114 -8.38 7.51 -5.94
N ALA C 115 -7.95 8.15 -4.85
CA ALA C 115 -6.67 8.88 -4.82
C ALA C 115 -5.50 7.95 -5.13
N TYR C 116 -5.61 6.69 -4.70
CA TYR C 116 -4.66 5.64 -5.10
C TYR C 116 -5.00 5.00 -6.45
N LYS C 117 -6.27 4.59 -6.63
CA LYS C 117 -6.67 3.87 -7.84
C LYS C 117 -6.43 4.66 -9.14
N PHE C 118 -6.74 5.96 -9.12
CA PHE C 118 -6.65 6.78 -10.31
C PHE C 118 -5.35 7.59 -10.42
N GLU C 119 -4.40 7.37 -9.51
CA GLU C 119 -3.18 8.17 -9.43
C GLU C 119 -2.44 8.21 -10.77
N GLN C 120 -2.25 7.04 -11.40
CA GLN C 120 -1.48 6.98 -12.64
C GLN C 120 -2.23 7.52 -13.86
N ASP C 121 -3.55 7.32 -13.93
CA ASP C 121 -4.37 7.99 -14.96
C ASP C 121 -4.30 9.50 -14.85
N PHE C 122 -4.35 10.02 -13.62
CA PHE C 122 -4.18 11.46 -13.37
C PHE C 122 -2.88 12.02 -13.93
N LEU C 123 -1.80 11.24 -13.83
CA LEU C 123 -0.49 11.65 -14.36
C LEU C 123 -0.41 11.59 -15.87
N THR C 124 -0.79 10.44 -16.46
CA THR C 124 -0.69 10.25 -17.90
C THR C 124 -1.66 11.15 -18.66
N ILE C 125 -2.94 11.04 -18.35
CA ILE C 125 -3.98 11.84 -19.04
C ILE C 125 -3.98 13.29 -18.54
N GLY C 126 -3.98 13.49 -17.23
CA GLY C 126 -4.17 14.82 -16.64
C GLY C 126 -2.94 15.67 -16.40
N ASP C 127 -1.76 15.08 -16.37
CA ASP C 127 -0.52 15.76 -15.96
C ASP C 127 -0.57 16.32 -14.53
N LEU C 128 -1.32 15.65 -13.65
CA LEU C 128 -1.48 16.08 -12.27
C LEU C 128 -0.94 15.03 -11.33
N GLN C 129 -0.20 15.47 -10.32
CA GLN C 129 0.18 14.63 -9.20
C GLN C 129 -0.87 14.78 -8.12
N LEU C 130 -1.07 13.71 -7.35
CA LEU C 130 -1.99 13.75 -6.23
C LEU C 130 -1.20 13.71 -4.95
N CYS C 131 -1.54 14.61 -4.04
CA CYS C 131 -1.07 14.52 -2.66
C CYS C 131 -2.08 13.63 -1.94
N LYS C 132 -1.71 12.36 -1.78
CA LYS C 132 -2.64 11.34 -1.28
C LYS C 132 -2.77 11.39 0.24
N LEU C 133 -4.02 11.37 0.74
CA LEU C 133 -4.31 11.51 2.17
C LEU C 133 -5.28 10.42 2.62
N ASP C 134 -5.21 10.06 3.90
CA ASP C 134 -6.04 8.98 4.41
C ASP C 134 -7.51 9.40 4.53
N GLU C 135 -8.44 8.55 4.06
CA GLU C 135 -9.86 8.91 4.06
C GLU C 135 -10.45 9.16 5.44
N LEU C 136 -9.95 8.45 6.44
CA LEU C 136 -10.44 8.57 7.81
C LEU C 136 -9.79 9.72 8.57
N ASP C 137 -8.49 9.97 8.34
CA ASP C 137 -7.81 11.20 8.80
C ASP C 137 -8.55 12.44 8.31
N CYS C 138 -8.81 12.50 7.01
CA CYS C 138 -9.51 13.62 6.40
C CYS C 138 -10.95 13.79 6.90
N LEU C 139 -11.68 12.67 7.00
CA LEU C 139 -13.01 12.68 7.61
C LEU C 139 -13.01 13.40 8.96
N ILE C 140 -12.14 12.98 9.87
CA ILE C 140 -12.04 13.57 11.21
C ILE C 140 -11.69 15.05 11.18
N LYS C 141 -10.67 15.43 10.41
CA LYS C 141 -10.28 16.85 10.31
C LYS C 141 -11.41 17.67 9.72
N GLY C 142 -12.04 17.14 8.69
CA GLY C 142 -13.18 17.78 8.07
C GLY C 142 -14.31 18.08 9.01
N ILE C 143 -14.77 17.08 9.77
CA ILE C 143 -15.96 17.28 10.61
C ILE C 143 -15.67 18.24 11.78
N LEU C 144 -14.46 18.17 12.33
CA LEU C 144 -14.06 19.08 13.40
C LEU C 144 -13.99 20.54 12.93
N TYR C 145 -13.48 20.76 11.72
CA TYR C 145 -13.45 22.12 11.14
C TYR C 145 -14.84 22.62 10.82
N ILE C 146 -15.64 21.78 10.15
CA ILE C 146 -16.96 22.22 9.69
C ILE C 146 -17.89 22.50 10.88
N ASP C 147 -17.77 21.69 11.92
CA ASP C 147 -18.47 21.94 13.17
C ASP C 147 -18.08 23.26 13.84
N SER C 148 -16.78 23.57 13.86
CA SER C 148 -16.28 24.79 14.52
C SER C 148 -16.75 26.09 13.85
N VAL C 149 -16.88 26.10 12.52
CA VAL C 149 -17.39 27.28 11.79
C VAL C 149 -18.93 27.36 11.69
N GLY C 150 -19.62 26.26 12.00
CA GLY C 150 -21.08 26.22 11.88
C GLY C 150 -21.55 26.23 10.45
N PHE C 151 -22.85 26.42 10.26
CA PHE C 151 -23.51 26.39 8.95
C PHE C 151 -24.32 27.68 8.81
N ASN C 152 -23.60 28.77 8.54
CA ASN C 152 -24.18 30.10 8.38
C ASN C 152 -25.12 30.48 9.54
N GLY C 153 -24.59 30.40 10.75
CA GLY C 153 -25.35 30.64 11.99
C GLY C 153 -25.85 29.39 12.71
N ARG C 154 -26.30 28.39 11.94
CA ARG C 154 -26.85 27.17 12.51
C ARG C 154 -25.76 26.20 12.97
N SER C 155 -26.15 25.25 13.80
CA SER C 155 -25.25 24.20 14.25
CA SER C 155 -25.25 24.19 14.25
C SER C 155 -25.02 23.21 13.11
N GLN C 156 -23.83 22.63 13.05
CA GLN C 156 -23.51 21.62 12.03
C GLN C 156 -24.19 20.30 12.36
N CYS C 157 -24.15 19.93 13.64
CA CYS C 157 -24.68 18.65 14.12
C CYS C 157 -25.98 18.79 14.90
N TYR C 158 -26.75 17.71 14.88
CA TYR C 158 -28.07 17.69 15.49
C TYR C 158 -28.48 16.27 15.86
N TYR C 159 -29.50 16.18 16.70
CA TYR C 159 -30.14 14.92 17.06
C TYR C 159 -31.66 15.08 16.93
N PHE C 160 -32.39 13.97 16.93
CA PHE C 160 -33.85 14.01 16.83
C PHE C 160 -34.51 13.82 18.17
N GLU C 161 -35.38 14.76 18.53
CA GLU C 161 -36.35 14.58 19.60
C GLU C 161 -37.53 13.78 19.03
N ASN C 162 -37.99 12.77 19.76
CA ASN C 162 -39.15 11.95 19.36
C ASN C 162 -39.05 11.31 17.95
N PRO C 163 -37.96 10.58 17.67
CA PRO C 163 -37.74 10.02 16.33
C PRO C 163 -38.85 9.10 15.82
N ALA C 164 -39.44 8.29 16.71
CA ALA C 164 -40.51 7.35 16.34
C ALA C 164 -41.87 7.99 16.05
N ASP C 165 -42.10 9.23 16.51
CA ASP C 165 -43.37 9.93 16.26
C ASP C 165 -43.27 10.81 15.01
N SER C 166 -43.63 10.22 13.87
CA SER C 166 -43.58 10.90 12.57
C SER C 166 -44.13 12.33 12.52
N GLU C 167 -45.17 12.62 13.30
CA GLU C 167 -45.78 13.96 13.33
C GLU C 167 -45.04 14.99 14.22
N LYS C 168 -44.43 14.53 15.31
CA LYS C 168 -43.72 15.40 16.26
C LYS C 168 -42.19 15.40 16.12
N CYS C 169 -41.62 14.45 15.38
CA CYS C 169 -40.15 14.35 15.24
C CYS C 169 -39.51 15.71 14.96
N GLN C 170 -38.52 16.07 15.76
CA GLN C 170 -37.99 17.44 15.75
C GLN C 170 -36.47 17.46 15.87
N LYS C 171 -35.86 18.29 15.02
CA LYS C 171 -34.42 18.46 14.91
C LYS C 171 -33.95 19.41 16.02
N LEU C 172 -32.95 19.00 16.81
CA LEU C 172 -32.39 19.86 17.86
C LEU C 172 -30.87 20.02 17.73
N PRO C 173 -30.35 21.25 17.98
CA PRO C 173 -28.91 21.51 17.83
C PRO C 173 -28.04 20.75 18.83
N PHE C 174 -26.82 20.45 18.43
CA PHE C 174 -25.83 19.77 19.29
C PHE C 174 -24.44 20.33 19.03
N ASP C 175 -23.71 20.63 20.12
CA ASP C 175 -22.39 21.24 20.05
C ASP C 175 -21.29 20.20 20.28
N LEU C 176 -20.36 20.10 19.33
CA LEU C 176 -19.10 19.38 19.53
C LEU C 176 -18.02 20.37 19.99
N LYS C 177 -18.23 20.97 21.15
CA LYS C 177 -17.25 21.88 21.77
C LYS C 177 -16.29 21.07 22.64
N ASN C 178 -16.84 20.17 23.46
CA ASN C 178 -16.08 19.16 24.20
C ASN C 178 -16.60 17.76 23.85
N PRO C 179 -16.35 17.31 22.60
CA PRO C 179 -17.02 16.12 22.10
C PRO C 179 -16.40 14.77 22.49
N TYR C 180 -15.12 14.75 22.88
CA TYR C 180 -14.41 13.49 23.10
C TYR C 180 -14.84 12.83 24.41
N PRO C 181 -14.94 11.49 24.46
CA PRO C 181 -14.77 10.59 23.31
C PRO C 181 -16.05 10.50 22.46
N LEU C 182 -15.92 10.28 21.15
CA LEU C 182 -17.09 10.10 20.29
C LEU C 182 -16.93 8.95 19.31
N LEU C 183 -18.04 8.28 19.00
CA LEU C 183 -18.05 7.23 18.00
C LEU C 183 -18.53 7.85 16.70
N LEU C 184 -17.80 7.59 15.61
CA LEU C 184 -18.12 8.14 14.29
C LEU C 184 -18.35 6.99 13.33
N VAL C 185 -19.57 6.91 12.79
CA VAL C 185 -19.98 5.85 11.88
C VAL C 185 -20.12 6.45 10.47
N ASN C 186 -19.25 6.03 9.58
CA ASN C 186 -19.15 6.58 8.24
C ASN C 186 -19.78 5.60 7.27
N ILE C 187 -21.04 5.86 6.91
CA ILE C 187 -21.84 4.96 6.08
C ILE C 187 -21.80 5.43 4.63
N GLY C 188 -20.81 4.92 3.89
CA GLY C 188 -20.69 5.17 2.46
C GLY C 188 -21.16 3.96 1.68
N SER C 189 -20.41 3.59 0.64
CA SER C 189 -20.63 2.32 -0.07
C SER C 189 -20.50 1.17 0.93
N GLY C 190 -19.41 1.22 1.69
CA GLY C 190 -19.20 0.42 2.89
C GLY C 190 -19.12 1.32 4.11
N VAL C 191 -18.85 0.73 5.27
CA VAL C 191 -18.98 1.41 6.55
C VAL C 191 -17.72 1.24 7.40
N SER C 192 -17.13 2.35 7.83
CA SER C 192 -16.06 2.35 8.86
C SER C 192 -16.62 2.94 10.13
N ILE C 193 -16.29 2.31 11.26
CA ILE C 193 -16.68 2.82 12.58
C ILE C 193 -15.42 3.20 13.37
N LEU C 194 -15.36 4.46 13.79
CA LEU C 194 -14.20 5.05 14.48
C LEU C 194 -14.52 5.39 15.92
N ALA C 195 -13.59 5.06 16.82
CA ALA C 195 -13.62 5.57 18.19
C ALA C 195 -12.61 6.71 18.23
N VAL C 196 -13.09 7.93 18.48
CA VAL C 196 -12.26 9.14 18.39
C VAL C 196 -12.03 9.73 19.77
N TYR C 197 -10.78 9.65 20.24
CA TYR C 197 -10.41 10.08 21.60
C TYR C 197 -9.90 11.52 21.63
N SER C 198 -9.26 11.96 20.54
CA SER C 198 -8.92 13.36 20.32
C SER C 198 -8.70 13.57 18.81
N LYS C 199 -8.43 14.80 18.40
CA LYS C 199 -8.18 15.10 16.97
C LYS C 199 -7.04 14.27 16.37
N ASP C 200 -6.01 13.98 17.17
CA ASP C 200 -4.85 13.18 16.73
C ASP C 200 -4.88 11.71 17.14
N ASN C 201 -5.81 11.32 18.02
CA ASN C 201 -5.90 9.96 18.55
C ASN C 201 -7.27 9.31 18.30
N TYR C 202 -7.29 8.36 17.35
N TYR C 202 -7.28 8.28 17.44
CA TYR C 202 -8.48 7.57 17.05
CA TYR C 202 -8.50 7.55 17.12
C TYR C 202 -8.12 6.17 16.58
C TYR C 202 -8.12 6.18 16.58
N LYS C 203 -9.12 5.30 16.52
CA LYS C 203 -8.95 3.93 16.01
C LYS C 203 -10.16 3.54 15.18
N ARG C 204 -9.93 2.81 14.09
CA ARG C 204 -10.99 2.13 13.35
C ARG C 204 -11.36 0.85 14.09
N VAL C 205 -12.41 0.93 14.91
CA VAL C 205 -12.82 -0.19 15.78
C VAL C 205 -13.34 -1.37 14.97
N THR C 206 -14.18 -1.07 13.99
CA THR C 206 -14.69 -2.09 13.08
C THR C 206 -15.28 -1.44 11.83
N GLY C 207 -15.82 -2.28 10.96
CA GLY C 207 -16.60 -1.81 9.84
C GLY C 207 -17.55 -2.90 9.39
N THR C 208 -18.36 -2.57 8.39
CA THR C 208 -19.18 -3.56 7.70
C THR C 208 -19.32 -3.22 6.23
N SER C 209 -19.27 -4.26 5.41
CA SER C 209 -19.49 -4.13 3.98
C SER C 209 -20.99 -3.99 3.65
N LEU C 210 -21.86 -4.26 4.64
CA LEU C 210 -23.30 -4.04 4.48
C LEU C 210 -23.61 -2.54 4.68
N GLY C 211 -23.41 -1.76 3.62
CA GLY C 211 -23.50 -0.31 3.70
C GLY C 211 -24.47 0.29 2.72
N GLY C 212 -24.22 1.55 2.36
CA GLY C 212 -25.04 2.25 1.38
C GLY C 212 -25.06 1.57 0.03
N GLY C 213 -23.96 0.93 -0.34
CA GLY C 213 -23.87 0.24 -1.62
C GLY C 213 -24.71 -1.01 -1.65
N THR C 214 -24.86 -1.65 -0.49
CA THR C 214 -25.76 -2.78 -0.29
C THR C 214 -27.23 -2.39 -0.36
N PHE C 215 -27.62 -1.31 0.31
CA PHE C 215 -29.01 -0.82 0.19
C PHE C 215 -29.34 -0.49 -1.27
N PHE C 216 -28.45 0.25 -1.93
CA PHE C 216 -28.68 0.73 -3.30
C PHE C 216 -28.69 -0.44 -4.30
N GLY C 217 -27.66 -1.27 -4.21
CA GLY C 217 -27.50 -2.42 -5.10
C GLY C 217 -28.63 -3.43 -5.03
N LEU C 218 -29.01 -3.82 -3.80
CA LEU C 218 -30.14 -4.74 -3.60
C LEU C 218 -31.46 -4.13 -4.09
N CYS C 219 -31.67 -2.84 -3.84
CA CYS C 219 -32.87 -2.16 -4.34
C CYS C 219 -32.98 -2.23 -5.85
N CYS C 220 -31.90 -1.90 -6.55
CA CYS C 220 -31.85 -2.01 -8.02
C CYS C 220 -32.21 -3.42 -8.54
N LEU C 221 -31.70 -4.45 -7.86
CA LEU C 221 -32.02 -5.83 -8.21
C LEU C 221 -33.47 -6.17 -7.87
N LEU C 222 -33.89 -5.84 -6.65
CA LEU C 222 -35.20 -6.25 -6.16
C LEU C 222 -36.38 -5.46 -6.74
N THR C 223 -36.16 -4.19 -7.10
CA THR C 223 -37.24 -3.30 -7.54
C THR C 223 -37.14 -2.80 -9.00
N GLY C 224 -35.97 -2.89 -9.61
CA GLY C 224 -35.74 -2.31 -10.93
C GLY C 224 -35.51 -0.80 -10.94
N CYS C 225 -35.28 -0.19 -9.77
CA CYS C 225 -34.91 1.23 -9.69
C CYS C 225 -33.50 1.42 -10.21
N THR C 226 -33.18 2.63 -10.64
CA THR C 226 -31.88 2.95 -11.21
C THR C 226 -31.10 4.03 -10.46
N THR C 227 -31.79 4.85 -9.66
CA THR C 227 -31.13 5.87 -8.84
C THR C 227 -31.42 5.65 -7.34
N PHE C 228 -30.52 6.19 -6.53
CA PHE C 228 -30.65 6.20 -5.07
C PHE C 228 -31.91 6.95 -4.64
N GLU C 229 -32.20 8.07 -5.30
CA GLU C 229 -33.40 8.87 -5.02
C GLU C 229 -34.67 8.05 -5.28
N GLU C 230 -34.64 7.25 -6.35
CA GLU C 230 -35.79 6.39 -6.70
C GLU C 230 -35.98 5.27 -5.69
N ALA C 231 -34.88 4.67 -5.25
CA ALA C 231 -34.90 3.67 -4.17
C ALA C 231 -35.55 4.19 -2.90
N LEU C 232 -35.16 5.38 -2.46
CA LEU C 232 -35.73 5.99 -1.25
C LEU C 232 -37.23 6.29 -1.42
N GLU C 233 -37.60 6.83 -2.59
CA GLU C 233 -38.98 7.16 -2.94
C GLU C 233 -39.88 5.93 -2.77
N MET C 234 -39.42 4.80 -3.30
CA MET C 234 -40.08 3.50 -3.15
C MET C 234 -40.15 3.08 -1.69
N ALA C 235 -39.03 3.20 -0.97
CA ALA C 235 -38.99 2.82 0.45
C ALA C 235 -40.01 3.59 1.29
N SER C 236 -40.16 4.90 1.05
CA SER C 236 -41.14 5.71 1.77
C SER C 236 -42.58 5.20 1.66
N ARG C 237 -42.94 4.58 0.53
CA ARG C 237 -44.26 4.01 0.30
C ARG C 237 -44.47 2.56 0.77
N GLY C 238 -43.42 1.90 1.26
CA GLY C 238 -43.45 0.46 1.54
C GLY C 238 -43.71 0.09 2.99
N ASP C 239 -44.04 -1.19 3.20
CA ASP C 239 -44.23 -1.78 4.52
C ASP C 239 -43.33 -3.01 4.68
N SER C 240 -42.31 -2.89 5.52
CA SER C 240 -41.36 -4.00 5.75
C SER C 240 -41.94 -5.22 6.48
N THR C 241 -43.04 -5.05 7.23
CA THR C 241 -43.65 -6.15 8.01
C THR C 241 -44.29 -7.26 7.16
N LYS C 242 -44.55 -6.95 5.89
CA LYS C 242 -44.97 -7.96 4.92
C LYS C 242 -43.77 -8.86 4.56
N VAL C 243 -42.57 -8.27 4.59
CA VAL C 243 -41.34 -8.92 4.13
C VAL C 243 -40.57 -9.63 5.25
N ASP C 244 -40.46 -8.99 6.42
CA ASP C 244 -39.69 -9.54 7.53
C ASP C 244 -40.56 -10.42 8.43
N LYS C 245 -39.94 -11.46 8.99
CA LYS C 245 -40.57 -12.27 10.02
C LYS C 245 -40.27 -11.64 11.37
N LEU C 246 -41.32 -11.33 12.13
CA LEU C 246 -41.19 -10.69 13.43
C LEU C 246 -41.13 -11.72 14.57
N VAL C 247 -40.62 -11.29 15.73
CA VAL C 247 -40.58 -12.15 16.93
C VAL C 247 -41.98 -12.70 17.24
N ARG C 248 -43.01 -11.86 17.07
CA ARG C 248 -44.42 -12.22 17.24
C ARG C 248 -44.89 -13.36 16.34
N ASP C 249 -44.34 -13.46 15.13
CA ASP C 249 -44.68 -14.55 14.21
C ASP C 249 -44.14 -15.90 14.67
N ILE C 250 -43.05 -15.87 15.46
CA ILE C 250 -42.42 -17.08 16.01
C ILE C 250 -43.02 -17.40 17.37
N TYR C 251 -43.09 -16.41 18.26
CA TYR C 251 -43.54 -16.60 19.65
C TYR C 251 -45.04 -16.41 19.89
N GLY C 252 -45.75 -15.85 18.93
CA GLY C 252 -47.12 -15.39 19.15
C GLY C 252 -47.19 -14.20 20.11
N GLY C 253 -46.06 -13.49 20.24
CA GLY C 253 -45.94 -12.35 21.16
C GLY C 253 -44.47 -12.09 21.46
N ASP C 254 -44.20 -11.53 22.64
CA ASP C 254 -42.83 -11.21 23.04
C ASP C 254 -42.04 -12.48 23.37
N TYR C 255 -40.71 -12.36 23.28
CA TYR C 255 -39.80 -13.35 23.87
C TYR C 255 -39.30 -12.75 25.18
N GLU C 256 -40.06 -13.00 26.25
CA GLU C 256 -39.94 -12.27 27.53
C GLU C 256 -38.59 -12.41 28.21
N ARG C 257 -38.07 -13.65 28.22
CA ARG C 257 -36.79 -13.96 28.87
C ARG C 257 -35.68 -12.97 28.54
N PHE C 258 -35.46 -12.72 27.25
CA PHE C 258 -34.40 -11.80 26.80
C PHE C 258 -34.94 -10.47 26.24
N GLY C 259 -36.15 -10.07 26.66
CA GLY C 259 -36.72 -8.77 26.32
C GLY C 259 -36.66 -8.39 24.85
N LEU C 260 -37.06 -9.32 23.99
CA LEU C 260 -37.24 -9.04 22.57
C LEU C 260 -38.74 -8.83 22.34
N PRO C 261 -39.16 -7.57 22.09
CA PRO C 261 -40.61 -7.34 21.91
C PRO C 261 -41.16 -8.03 20.67
N GLY C 262 -42.46 -8.29 20.67
CA GLY C 262 -43.10 -8.99 19.56
C GLY C 262 -42.96 -8.27 18.22
N TRP C 263 -43.01 -6.94 18.27
CA TRP C 263 -42.87 -6.11 17.06
C TRP C 263 -41.46 -6.14 16.44
N ALA C 264 -40.44 -6.48 17.23
CA ALA C 264 -39.06 -6.49 16.71
C ALA C 264 -38.88 -7.56 15.63
N VAL C 265 -37.97 -7.28 14.70
CA VAL C 265 -37.69 -8.20 13.58
C VAL C 265 -36.85 -9.39 14.07
N ALA C 266 -37.35 -10.58 13.81
CA ALA C 266 -36.68 -11.83 14.17
C ALA C 266 -35.77 -12.27 13.03
N SER C 267 -36.24 -12.09 11.79
CA SER C 267 -35.52 -12.53 10.61
C SER C 267 -35.86 -11.61 9.45
N SER C 268 -34.87 -10.84 9.00
CA SER C 268 -35.04 -9.91 7.91
C SER C 268 -35.26 -10.67 6.62
N PHE C 269 -36.19 -10.20 5.79
CA PHE C 269 -36.67 -10.92 4.61
C PHE C 269 -37.16 -12.36 4.87
N GLY C 270 -37.39 -12.70 6.13
CA GLY C 270 -37.60 -14.08 6.54
C GLY C 270 -38.93 -14.69 6.08
N ASN C 271 -39.94 -13.87 5.80
CA ASN C 271 -41.20 -14.39 5.21
C ASN C 271 -41.08 -14.72 3.73
N MET C 272 -39.99 -14.29 3.08
CA MET C 272 -39.87 -14.42 1.61
C MET C 272 -39.54 -15.83 1.11
N MET C 273 -39.32 -16.77 2.02
CA MET C 273 -39.36 -18.22 1.71
C MET C 273 -40.75 -18.72 1.27
N SER C 274 -41.81 -18.04 1.71
CA SER C 274 -43.21 -18.42 1.37
C SER C 274 -43.62 -17.79 0.04
N LYS C 275 -44.10 -18.62 -0.89
CA LYS C 275 -44.58 -18.14 -2.18
C LYS C 275 -45.76 -17.18 -2.06
N GLU C 276 -46.68 -17.46 -1.12
CA GLU C 276 -47.84 -16.61 -0.88
C GLU C 276 -47.45 -15.25 -0.31
N LYS C 277 -46.44 -15.23 0.56
CA LYS C 277 -45.88 -13.97 1.08
C LYS C 277 -45.17 -13.17 -0.02
N ARG C 278 -44.40 -13.85 -0.86
CA ARG C 278 -43.69 -13.20 -1.99
C ARG C 278 -44.63 -12.52 -2.98
N GLU C 279 -45.78 -13.14 -3.24
CA GLU C 279 -46.78 -12.62 -4.18
C GLU C 279 -47.58 -11.45 -3.59
N ALA C 280 -47.67 -11.39 -2.27
CA ALA C 280 -48.34 -10.28 -1.59
C ALA C 280 -47.49 -8.99 -1.44
N VAL C 281 -46.16 -9.09 -1.52
CA VAL C 281 -45.32 -7.88 -1.40
C VAL C 281 -45.22 -7.09 -2.70
N SER C 282 -45.10 -5.78 -2.56
CA SER C 282 -44.80 -4.87 -3.66
C SER C 282 -43.32 -4.57 -3.69
N LYS C 283 -42.85 -4.04 -4.81
CA LYS C 283 -41.48 -3.52 -4.92
C LYS C 283 -41.15 -2.47 -3.84
N GLU C 284 -42.15 -1.67 -3.47
CA GLU C 284 -42.00 -0.66 -2.41
C GLU C 284 -41.80 -1.31 -1.05
N ASP C 285 -42.50 -2.41 -0.80
CA ASP C 285 -42.30 -3.18 0.44
C ASP C 285 -40.86 -3.70 0.53
N LEU C 286 -40.33 -4.17 -0.60
CA LEU C 286 -38.97 -4.68 -0.69
C LEU C 286 -37.91 -3.59 -0.49
N ALA C 287 -38.17 -2.40 -1.03
CA ALA C 287 -37.28 -1.24 -0.85
C ALA C 287 -37.19 -0.84 0.62
N ARG C 288 -38.34 -0.75 1.27
CA ARG C 288 -38.44 -0.39 2.70
C ARG C 288 -37.72 -1.45 3.57
N ALA C 289 -38.03 -2.72 3.32
CA ALA C 289 -37.36 -3.84 3.99
C ALA C 289 -35.83 -3.79 3.85
N THR C 290 -35.32 -3.50 2.64
CA THR C 290 -33.88 -3.38 2.40
C THR C 290 -33.27 -2.25 3.24
N LEU C 291 -33.99 -1.11 3.28
CA LEU C 291 -33.57 0.08 4.03
C LEU C 291 -33.51 -0.18 5.55
N ILE C 292 -34.59 -0.76 6.06
CA ILE C 292 -34.73 -1.15 7.49
C ILE C 292 -33.57 -2.04 7.92
N THR C 293 -33.29 -3.04 7.10
CA THR C 293 -32.37 -4.12 7.40
C THR C 293 -30.92 -3.64 7.42
N ILE C 294 -30.56 -2.89 6.39
CA ILE C 294 -29.24 -2.27 6.32
C ILE C 294 -29.02 -1.30 7.47
N THR C 295 -30.00 -0.43 7.71
CA THR C 295 -29.90 0.59 8.75
C THR C 295 -29.78 -0.03 10.13
N ASN C 296 -30.66 -0.98 10.44
CA ASN C 296 -30.69 -1.58 11.78
C ASN C 296 -29.48 -2.42 12.08
N ASN C 297 -28.93 -3.07 11.06
CA ASN C 297 -27.70 -3.81 11.20
C ASN C 297 -26.55 -2.86 11.58
N ILE C 298 -26.44 -1.74 10.88
CA ILE C 298 -25.45 -0.69 11.22
C ILE C 298 -25.66 -0.17 12.65
N GLY C 299 -26.90 0.12 13.01
CA GLY C 299 -27.22 0.65 14.34
C GLY C 299 -26.85 -0.26 15.50
N SER C 300 -27.11 -1.55 15.34
CA SER C 300 -26.77 -2.56 16.35
C SER C 300 -25.25 -2.74 16.53
N ILE C 301 -24.54 -2.80 15.43
CA ILE C 301 -23.07 -2.85 15.44
C ILE C 301 -22.51 -1.58 16.11
N ALA C 302 -23.08 -0.43 15.75
CA ALA C 302 -22.67 0.85 16.35
C ALA C 302 -22.94 0.88 17.86
N ARG C 303 -24.10 0.33 18.25
CA ARG C 303 -24.50 0.21 19.65
C ARG C 303 -23.52 -0.63 20.44
N MET C 304 -23.14 -1.77 19.90
CA MET C 304 -22.14 -2.65 20.51
C MET C 304 -20.79 -1.95 20.70
N CYS C 305 -20.34 -1.28 19.65
CA CYS C 305 -19.06 -0.56 19.70
C CYS C 305 -19.07 0.56 20.72
N ALA C 306 -20.18 1.30 20.78
CA ALA C 306 -20.33 2.40 21.74
C ALA C 306 -20.30 1.88 23.18
N LEU C 307 -21.08 0.85 23.47
CA LEU C 307 -21.13 0.26 24.82
C LEU C 307 -19.77 -0.27 25.29
N ASN C 308 -19.08 -1.02 24.42
CA ASN C 308 -17.74 -1.55 24.75
C ASN C 308 -16.70 -0.45 25.03
N GLU C 309 -16.69 0.58 24.19
CA GLU C 309 -15.75 1.70 24.30
C GLU C 309 -16.12 2.70 25.40
N ASN C 310 -17.26 2.51 26.05
CA ASN C 310 -17.84 3.45 27.02
C ASN C 310 -18.03 4.87 26.44
N ILE C 311 -18.55 4.92 25.21
CA ILE C 311 -18.89 6.16 24.48
C ILE C 311 -20.41 6.33 24.47
N ASN C 312 -20.87 7.56 24.70
CA ASN C 312 -22.32 7.86 24.78
C ASN C 312 -22.88 8.66 23.61
N GLN C 313 -22.01 9.13 22.71
CA GLN C 313 -22.39 9.90 21.53
C GLN C 313 -21.91 9.21 20.25
N VAL C 314 -22.84 8.93 19.35
CA VAL C 314 -22.55 8.29 18.07
C VAL C 314 -22.97 9.24 16.95
N VAL C 315 -22.01 9.69 16.16
CA VAL C 315 -22.28 10.58 15.03
C VAL C 315 -22.29 9.74 13.76
N PHE C 316 -23.41 9.75 13.04
CA PHE C 316 -23.54 9.00 11.79
C PHE C 316 -23.36 9.96 10.63
N VAL C 317 -22.47 9.62 9.71
CA VAL C 317 -22.20 10.45 8.52
C VAL C 317 -22.10 9.55 7.30
N GLY C 318 -21.97 10.18 6.13
CA GLY C 318 -21.86 9.46 4.86
C GLY C 318 -23.09 9.65 4.02
N ASN C 319 -22.93 9.52 2.71
CA ASN C 319 -24.02 9.79 1.78
C ASN C 319 -25.16 8.78 1.72
N PHE C 320 -25.04 7.63 2.40
CA PHE C 320 -26.21 6.78 2.64
C PHE C 320 -27.35 7.57 3.30
N LEU C 321 -26.99 8.49 4.21
CA LEU C 321 -27.94 9.28 4.97
C LEU C 321 -28.53 10.52 4.25
N ARG C 322 -27.95 10.89 3.11
CA ARG C 322 -28.45 12.03 2.33
C ARG C 322 -29.93 11.83 2.00
N ILE C 323 -30.75 12.85 2.27
CA ILE C 323 -32.23 12.82 2.14
C ILE C 323 -32.91 11.53 2.66
N ASN C 324 -32.32 10.94 3.68
CA ASN C 324 -32.69 9.63 4.17
C ASN C 324 -33.17 9.79 5.60
N THR C 325 -34.34 10.41 5.70
CA THR C 325 -35.09 10.64 6.94
C THR C 325 -35.41 9.38 7.70
N ILE C 326 -35.87 8.34 6.99
CA ILE C 326 -36.23 7.09 7.66
C ILE C 326 -35.01 6.44 8.33
N ALA C 327 -33.88 6.39 7.63
CA ALA C 327 -32.67 5.79 8.21
C ALA C 327 -32.20 6.56 9.44
N MET C 328 -32.11 7.88 9.35
CA MET C 328 -31.71 8.69 10.50
C MET C 328 -32.65 8.49 11.69
N ARG C 329 -33.96 8.46 11.43
CA ARG C 329 -34.95 8.26 12.50
C ARG C 329 -34.87 6.86 13.11
N LEU C 330 -34.65 5.86 12.26
CA LEU C 330 -34.44 4.49 12.74
C LEU C 330 -33.22 4.41 13.68
N LEU C 331 -32.10 4.97 13.22
CA LEU C 331 -30.87 4.97 14.02
C LEU C 331 -31.07 5.68 15.37
N ALA C 332 -31.72 6.82 15.34
CA ALA C 332 -32.02 7.57 16.57
C ALA C 332 -32.86 6.76 17.56
N TYR C 333 -34.00 6.26 17.08
CA TYR C 333 -34.93 5.47 17.91
C TYR C 333 -34.25 4.22 18.46
N ALA C 334 -33.60 3.46 17.56
CA ALA C 334 -32.95 2.20 17.94
C ALA C 334 -31.87 2.40 19.00
N LEU C 335 -30.94 3.32 18.76
CA LEU C 335 -29.86 3.56 19.71
C LEU C 335 -30.40 3.92 21.08
N ASP C 336 -31.41 4.80 21.11
CA ASP C 336 -32.03 5.18 22.36
C ASP C 336 -32.68 3.96 23.02
N TYR C 337 -33.62 3.34 22.30
CA TYR C 337 -34.41 2.23 22.84
C TYR C 337 -33.53 1.13 23.43
N TRP C 338 -32.67 0.55 22.59
CA TRP C 338 -31.89 -0.63 22.98
C TRP C 338 -30.80 -0.36 24.01
N SER C 339 -30.35 0.89 24.12
CA SER C 339 -29.37 1.28 25.13
C SER C 339 -29.98 1.80 26.44
N LYS C 340 -31.32 1.94 26.49
CA LYS C 340 -32.04 2.50 27.63
C LYS C 340 -31.64 3.95 27.90
N GLY C 341 -31.56 4.74 26.83
CA GLY C 341 -31.19 6.15 26.94
C GLY C 341 -29.73 6.47 27.23
N GLN C 342 -28.85 5.46 27.18
CA GLN C 342 -27.42 5.69 27.37
C GLN C 342 -26.80 6.35 26.14
N LEU C 343 -27.17 5.89 24.94
CA LEU C 343 -26.58 6.40 23.70
C LEU C 343 -27.49 7.43 23.03
N LYS C 344 -26.87 8.38 22.35
CA LYS C 344 -27.59 9.38 21.54
C LYS C 344 -27.02 9.34 20.11
N ALA C 345 -27.93 9.27 19.13
CA ALA C 345 -27.56 9.36 17.73
C ALA C 345 -27.43 10.82 17.36
N LEU C 346 -26.30 11.18 16.76
CA LEU C 346 -26.08 12.52 16.23
C LEU C 346 -25.91 12.44 14.72
N PHE C 347 -26.33 13.50 14.03
CA PHE C 347 -26.26 13.59 12.58
C PHE C 347 -25.66 14.93 12.21
N SER C 348 -25.41 15.14 10.92
CA SER C 348 -24.71 16.34 10.48
C SER C 348 -25.25 16.86 9.15
N GLU C 349 -25.17 18.18 8.98
CA GLU C 349 -25.74 18.86 7.81
C GLU C 349 -24.92 18.65 6.54
N HIS C 350 -23.60 18.47 6.68
CA HIS C 350 -22.68 18.27 5.55
C HIS C 350 -22.12 16.84 5.52
N GLU C 351 -23.00 15.89 5.82
CA GLU C 351 -22.64 14.48 6.09
C GLU C 351 -21.74 13.76 5.08
N GLY C 352 -21.87 14.10 3.80
CA GLY C 352 -21.12 13.46 2.73
C GLY C 352 -19.77 14.05 2.41
N TYR C 353 -19.47 15.26 2.92
CA TYR C 353 -18.36 16.07 2.41
C TYR C 353 -17.11 16.22 3.30
N PHE C 354 -17.09 15.59 4.47
CA PHE C 354 -16.04 15.87 5.46
C PHE C 354 -14.65 15.42 5.02
N GLY C 355 -14.56 14.27 4.36
CA GLY C 355 -13.30 13.83 3.78
C GLY C 355 -12.73 14.84 2.78
N ALA C 356 -13.60 15.34 1.90
CA ALA C 356 -13.18 16.34 0.89
C ALA C 356 -12.69 17.63 1.56
N VAL C 357 -13.36 18.03 2.64
CA VAL C 357 -12.95 19.18 3.45
C VAL C 357 -11.58 18.93 4.09
N GLY C 358 -11.37 17.72 4.62
CA GLY C 358 -10.10 17.33 5.20
C GLY C 358 -8.96 17.49 4.22
N ALA C 359 -9.19 17.02 3.00
CA ALA C 359 -8.24 17.15 1.90
C ALA C 359 -7.94 18.62 1.56
N LEU C 360 -8.98 19.45 1.56
CA LEU C 360 -8.82 20.88 1.35
C LEU C 360 -7.93 21.51 2.43
N LEU C 361 -8.13 21.11 3.68
CA LEU C 361 -7.39 21.69 4.81
C LEU C 361 -5.90 21.32 4.90
N GLU C 362 -5.53 20.14 4.40
CA GLU C 362 -4.12 19.72 4.29
C GLU C 362 -3.32 20.78 3.54
N LEU C 363 -3.84 21.13 2.38
CA LEU C 363 -3.34 22.19 1.51
C LEU C 363 -3.09 23.50 2.27
N LEU C 364 -4.10 23.89 3.05
CA LEU C 364 -4.17 25.18 3.69
C LEU C 364 -3.76 25.09 5.16
N ARG D 5 -38.83 -41.74 36.78
CA ARG D 5 -38.51 -42.09 35.36
C ARG D 5 -39.72 -41.80 34.48
N PRO D 6 -39.59 -40.84 33.53
CA PRO D 6 -40.75 -40.51 32.71
C PRO D 6 -41.15 -41.64 31.75
N LEU D 7 -42.43 -41.64 31.39
CA LEU D 7 -43.00 -42.68 30.54
C LEU D 7 -42.58 -42.46 29.09
N PHE D 8 -42.37 -43.56 28.37
CA PHE D 8 -42.16 -43.52 26.92
C PHE D 8 -43.42 -42.96 26.20
N PRO D 9 -43.30 -42.37 25.00
CA PRO D 9 -42.04 -42.17 24.28
C PRO D 9 -41.34 -40.91 24.77
N TRP D 10 -40.02 -40.90 24.65
CA TRP D 10 -39.20 -39.78 25.08
C TRP D 10 -38.89 -38.85 23.90
N PHE D 11 -39.53 -37.67 23.87
CA PHE D 11 -39.37 -36.66 22.80
C PHE D 11 -38.84 -35.36 23.36
N GLY D 12 -38.06 -34.67 22.53
CA GLY D 12 -37.75 -33.27 22.73
C GLY D 12 -38.14 -32.54 21.47
N LEU D 13 -38.84 -31.42 21.62
CA LEU D 13 -39.38 -30.70 20.48
C LEU D 13 -38.87 -29.25 20.51
N ASP D 14 -38.42 -28.75 19.36
CA ASP D 14 -38.02 -27.35 19.21
C ASP D 14 -38.75 -26.74 18.02
N ILE D 15 -39.75 -25.91 18.30
CA ILE D 15 -40.60 -25.33 17.27
C ILE D 15 -40.06 -23.93 16.95
N GLY D 16 -39.18 -23.84 15.96
CA GLY D 16 -38.59 -22.58 15.56
C GLY D 16 -39.44 -21.77 14.58
N GLY D 17 -38.86 -20.68 14.10
CA GLY D 17 -39.51 -19.82 13.12
C GLY D 17 -39.65 -20.43 11.75
N THR D 18 -38.68 -21.26 11.37
CA THR D 18 -38.70 -21.92 10.08
C THR D 18 -38.85 -23.44 10.19
N LEU D 19 -38.13 -24.06 11.12
CA LEU D 19 -38.10 -25.52 11.26
C LEU D 19 -38.51 -26.00 12.64
N VAL D 20 -39.17 -27.16 12.66
CA VAL D 20 -39.48 -27.88 13.88
C VAL D 20 -38.50 -29.04 13.94
N LYS D 21 -37.83 -29.18 15.07
CA LYS D 21 -36.84 -30.22 15.30
C LYS D 21 -37.41 -31.13 16.37
N LEU D 22 -37.37 -32.43 16.09
CA LEU D 22 -37.88 -33.46 16.98
C LEU D 22 -36.75 -34.47 17.19
N VAL D 23 -36.41 -34.71 18.45
CA VAL D 23 -35.41 -35.71 18.82
C VAL D 23 -36.15 -36.81 19.57
N TYR D 24 -35.90 -38.05 19.16
CA TYR D 24 -36.60 -39.21 19.70
C TYR D 24 -35.62 -40.31 20.12
N PHE D 25 -35.72 -40.73 21.38
CA PHE D 25 -34.89 -41.80 21.89
C PHE D 25 -35.64 -43.12 21.70
N GLU D 26 -35.12 -43.98 20.81
CA GLU D 26 -35.67 -45.32 20.58
C GLU D 26 -35.04 -46.29 21.58
N PRO D 27 -35.80 -46.72 22.60
CA PRO D 27 -35.19 -47.67 23.54
C PRO D 27 -34.96 -49.03 22.86
N LYS D 28 -33.79 -49.63 23.09
CA LYS D 28 -33.41 -50.91 22.47
C LYS D 28 -33.27 -52.04 23.50
N ASP D 29 -33.70 -51.79 24.74
CA ASP D 29 -33.64 -52.81 25.82
C ASP D 29 -35.05 -53.21 26.33
N ILE D 30 -36.07 -53.14 25.46
CA ILE D 30 -37.44 -53.54 25.84
C ILE D 30 -37.48 -55.07 25.89
N THR D 31 -37.77 -55.60 27.06
CA THR D 31 -37.92 -57.05 27.24
C THR D 31 -39.25 -57.49 26.66
N ALA D 32 -39.37 -58.78 26.37
CA ALA D 32 -40.63 -59.36 25.91
C ALA D 32 -41.78 -59.07 26.86
N GLU D 33 -41.49 -59.06 28.16
CA GLU D 33 -42.51 -58.76 29.18
C GLU D 33 -42.98 -57.30 29.13
N GLU D 34 -42.03 -56.37 29.00
CA GLU D 34 -42.36 -54.94 28.86
C GLU D 34 -43.22 -54.69 27.64
N GLU D 35 -42.76 -55.22 26.50
CA GLU D 35 -43.49 -55.13 25.24
C GLU D 35 -44.95 -55.62 25.35
N GLU D 36 -45.18 -56.68 26.14
CA GLU D 36 -46.52 -57.22 26.39
C GLU D 36 -47.38 -56.24 27.20
N GLU D 37 -46.79 -55.62 28.24
CA GLU D 37 -47.50 -54.60 29.04
C GLU D 37 -47.87 -53.34 28.24
N GLU D 38 -47.05 -52.98 27.26
CA GLU D 38 -47.23 -51.73 26.52
C GLU D 38 -48.50 -51.70 25.68
N VAL D 39 -49.17 -50.55 25.71
CA VAL D 39 -50.38 -50.33 24.92
C VAL D 39 -50.05 -50.15 23.45
N GLU D 40 -51.07 -50.39 22.62
CA GLU D 40 -50.90 -50.41 21.17
C GLU D 40 -50.43 -49.07 20.60
N SER D 41 -50.88 -47.97 21.19
CA SER D 41 -50.48 -46.61 20.72
C SER D 41 -48.97 -46.33 20.91
N LEU D 42 -48.38 -46.88 21.96
CA LEU D 42 -46.93 -46.73 22.20
C LEU D 42 -46.12 -47.56 21.22
N LYS D 43 -46.59 -48.78 20.94
CA LYS D 43 -45.90 -49.67 20.01
C LYS D 43 -46.14 -49.24 18.56
N SER D 44 -47.28 -48.58 18.31
CA SER D 44 -47.58 -48.04 17.00
C SER D 44 -46.71 -46.84 16.67
N ILE D 45 -46.58 -45.90 17.60
CA ILE D 45 -45.76 -44.70 17.37
C ILE D 45 -44.26 -45.05 17.25
N ARG D 46 -43.76 -45.96 18.09
CA ARG D 46 -42.37 -46.45 17.99
C ARG D 46 -42.08 -47.08 16.63
N LYS D 47 -42.97 -47.96 16.18
CA LYS D 47 -42.89 -48.60 14.86
C LYS D 47 -42.93 -47.58 13.72
N TYR D 48 -43.84 -46.61 13.84
CA TYR D 48 -43.97 -45.56 12.83
C TYR D 48 -42.69 -44.73 12.68
N LEU D 49 -42.14 -44.25 13.79
CA LEU D 49 -40.93 -43.41 13.77
C LEU D 49 -39.69 -44.14 13.22
N THR D 50 -39.54 -45.42 13.57
CA THR D 50 -38.35 -46.21 13.21
C THR D 50 -38.41 -46.88 11.83
N SER D 51 -39.62 -47.11 11.30
CA SER D 51 -39.82 -47.80 10.02
C SER D 51 -39.96 -46.86 8.83
N ASN D 52 -40.01 -45.55 9.08
CA ASN D 52 -40.09 -44.53 8.05
C ASN D 52 -38.91 -43.57 8.18
N VAL D 53 -38.40 -43.11 7.04
CA VAL D 53 -37.41 -42.02 6.96
C VAL D 53 -38.05 -40.72 6.44
N ALA D 54 -39.26 -40.83 5.88
CA ALA D 54 -40.05 -39.68 5.48
C ALA D 54 -41.40 -39.76 6.20
N TYR D 55 -41.93 -38.61 6.62
CA TYR D 55 -43.16 -38.56 7.40
C TYR D 55 -44.10 -37.54 6.79
N GLY D 56 -45.34 -37.96 6.51
CA GLY D 56 -46.33 -37.10 5.86
C GLY D 56 -45.79 -36.59 4.55
N SER D 57 -45.97 -35.29 4.31
CA SER D 57 -45.49 -34.62 3.09
C SER D 57 -44.11 -33.97 3.26
N THR D 58 -43.79 -33.51 4.46
CA THR D 58 -42.60 -32.66 4.70
C THR D 58 -41.56 -33.14 5.73
N GLY D 59 -41.90 -34.16 6.52
CA GLY D 59 -41.02 -34.64 7.59
C GLY D 59 -39.88 -35.50 7.08
N ILE D 60 -38.70 -35.34 7.68
CA ILE D 60 -37.49 -36.07 7.28
C ILE D 60 -36.77 -36.57 8.52
N ARG D 61 -36.31 -37.82 8.50
CA ARG D 61 -35.38 -38.31 9.53
C ARG D 61 -33.95 -38.22 9.01
N ASP D 62 -33.10 -37.43 9.68
CA ASP D 62 -31.68 -37.36 9.32
C ASP D 62 -30.99 -38.61 9.86
N VAL D 63 -31.13 -39.70 9.10
CA VAL D 63 -30.68 -41.03 9.51
C VAL D 63 -29.18 -41.06 9.80
N HIS D 64 -28.41 -40.32 9.00
CA HIS D 64 -26.94 -40.20 9.21
C HIS D 64 -26.52 -39.64 10.59
N LEU D 65 -27.42 -38.92 11.27
CA LEU D 65 -27.15 -38.33 12.60
C LEU D 65 -27.45 -39.24 13.79
N GLU D 66 -28.04 -40.40 13.53
CA GLU D 66 -28.42 -41.35 14.59
C GLU D 66 -27.24 -41.65 15.53
N LEU D 67 -27.48 -41.53 16.84
CA LEU D 67 -26.51 -41.92 17.84
C LEU D 67 -26.92 -43.28 18.37
N LYS D 68 -26.00 -44.23 18.34
CA LYS D 68 -26.32 -45.63 18.62
C LYS D 68 -25.81 -46.03 19.99
N ASP D 69 -26.52 -46.94 20.64
CA ASP D 69 -26.11 -47.51 21.94
C ASP D 69 -25.76 -46.46 23.02
N LEU D 70 -26.64 -45.47 23.17
CA LEU D 70 -26.54 -44.51 24.26
C LEU D 70 -27.28 -45.05 25.48
N THR D 71 -26.77 -44.71 26.67
CA THR D 71 -27.46 -44.98 27.93
C THR D 71 -28.02 -43.65 28.44
N LEU D 72 -29.32 -43.64 28.74
CA LEU D 72 -30.01 -42.41 29.09
C LEU D 72 -31.14 -42.72 30.08
N CYS D 73 -31.05 -42.13 31.26
CA CYS D 73 -32.02 -42.34 32.35
C CYS D 73 -32.27 -43.84 32.64
N GLY D 74 -31.17 -44.58 32.76
CA GLY D 74 -31.22 -46.02 33.04
C GLY D 74 -31.65 -46.92 31.89
N ARG D 75 -31.82 -46.36 30.68
CA ARG D 75 -32.28 -47.11 29.51
C ARG D 75 -31.29 -46.97 28.36
N LYS D 76 -31.05 -48.08 27.65
CA LYS D 76 -30.13 -48.15 26.51
C LYS D 76 -30.90 -48.08 25.19
N GLY D 77 -30.44 -47.22 24.28
CA GLY D 77 -31.14 -47.03 23.01
C GLY D 77 -30.47 -46.08 22.02
N ASN D 78 -31.24 -45.66 21.02
CA ASN D 78 -30.72 -44.83 19.92
C ASN D 78 -31.44 -43.49 19.84
N LEU D 79 -30.67 -42.41 19.63
CA LEU D 79 -31.24 -41.07 19.44
C LEU D 79 -31.42 -40.79 17.95
N HIS D 80 -32.66 -40.44 17.58
CA HIS D 80 -33.04 -40.11 16.21
C HIS D 80 -33.30 -38.62 16.12
N PHE D 81 -33.04 -38.07 14.95
CA PHE D 81 -33.10 -36.64 14.72
C PHE D 81 -33.99 -36.41 13.51
N ILE D 82 -35.12 -35.74 13.77
CA ILE D 82 -36.21 -35.57 12.79
C ILE D 82 -36.55 -34.08 12.66
N ARG D 83 -36.82 -33.63 11.44
CA ARG D 83 -37.20 -32.24 11.19
C ARG D 83 -38.31 -32.10 10.13
N PHE D 84 -39.13 -31.06 10.30
CA PHE D 84 -40.12 -30.65 9.33
C PHE D 84 -40.40 -29.13 9.46
N PRO D 85 -40.92 -28.49 8.39
CA PRO D 85 -41.18 -27.03 8.43
C PRO D 85 -42.24 -26.65 9.44
N THR D 86 -42.04 -25.51 10.11
CA THR D 86 -43.00 -24.97 11.07
C THR D 86 -44.38 -24.71 10.43
N HIS D 87 -44.37 -24.34 9.13
CA HIS D 87 -45.58 -24.25 8.28
C HIS D 87 -46.53 -25.46 8.39
N ASP D 88 -46.00 -26.66 8.61
CA ASP D 88 -46.80 -27.89 8.74
C ASP D 88 -47.12 -28.30 10.19
N MET D 89 -47.01 -27.37 11.13
CA MET D 89 -47.38 -27.65 12.52
C MET D 89 -48.85 -28.10 12.72
N PRO D 90 -49.81 -27.53 11.96
CA PRO D 90 -51.19 -28.00 12.13
C PRO D 90 -51.34 -29.50 11.86
N ALA D 91 -50.69 -30.00 10.81
CA ALA D 91 -50.65 -31.43 10.54
C ALA D 91 -50.03 -32.25 11.69
N PHE D 92 -48.97 -31.72 12.31
CA PHE D 92 -48.28 -32.40 13.41
C PHE D 92 -49.13 -32.45 14.68
N ILE D 93 -49.83 -31.35 14.95
CA ILE D 93 -50.75 -31.26 16.09
C ILE D 93 -51.91 -32.27 15.92
N GLN D 94 -52.44 -32.39 14.71
CA GLN D 94 -53.50 -33.36 14.41
C GLN D 94 -53.03 -34.80 14.58
N MET D 95 -51.82 -35.08 14.08
CA MET D 95 -51.20 -36.40 14.22
C MET D 95 -51.11 -36.84 15.69
N GLY D 96 -50.81 -35.90 16.59
CA GLY D 96 -50.79 -36.15 18.04
C GLY D 96 -52.11 -36.63 18.59
N ARG D 97 -53.21 -36.02 18.16
CA ARG D 97 -54.57 -36.49 18.46
C ARG D 97 -54.85 -37.85 17.82
N ASP D 98 -54.61 -37.96 16.51
CA ASP D 98 -54.87 -39.20 15.75
C ASP D 98 -54.11 -40.42 16.26
N LYS D 99 -52.90 -40.23 16.78
CA LYS D 99 -52.13 -41.33 17.37
C LYS D 99 -52.25 -41.38 18.91
N ASN D 100 -53.17 -40.60 19.48
CA ASN D 100 -53.50 -40.62 20.91
C ASN D 100 -52.28 -40.39 21.82
N PHE D 101 -51.52 -39.33 21.54
CA PHE D 101 -50.32 -39.01 22.31
C PHE D 101 -50.61 -38.73 23.79
N SER D 102 -51.77 -38.12 24.07
CA SER D 102 -52.15 -37.80 25.46
C SER D 102 -52.36 -39.03 26.33
N SER D 103 -52.74 -40.16 25.72
CA SER D 103 -52.77 -41.45 26.44
C SER D 103 -51.37 -41.95 26.87
N LEU D 104 -50.33 -41.60 26.12
CA LEU D 104 -48.95 -42.03 26.42
C LEU D 104 -48.38 -41.18 27.56
N HIS D 105 -48.41 -39.87 27.38
CA HIS D 105 -48.30 -38.96 28.52
C HIS D 105 -48.90 -37.61 28.17
N THR D 106 -49.46 -36.96 29.18
CA THR D 106 -50.22 -35.72 29.01
C THR D 106 -49.29 -34.56 28.66
N VAL D 107 -48.11 -34.54 29.28
CA VAL D 107 -47.13 -33.47 29.11
C VAL D 107 -46.01 -33.87 28.15
N PHE D 108 -45.68 -32.99 27.19
CA PHE D 108 -44.49 -33.14 26.34
C PHE D 108 -43.62 -31.89 26.48
N CYS D 109 -42.30 -32.08 26.42
CA CYS D 109 -41.35 -30.98 26.57
C CYS D 109 -41.05 -30.33 25.23
N ALA D 110 -41.35 -29.04 25.14
CA ALA D 110 -41.16 -28.26 23.91
C ALA D 110 -40.41 -26.98 24.21
N THR D 111 -39.61 -26.55 23.23
CA THR D 111 -38.90 -25.27 23.28
C THR D 111 -39.08 -24.56 21.94
N GLY D 112 -38.39 -23.44 21.75
CA GLY D 112 -38.63 -22.58 20.60
C GLY D 112 -39.86 -21.72 20.83
N GLY D 113 -39.96 -20.64 20.05
CA GLY D 113 -41.09 -19.72 20.16
C GLY D 113 -42.44 -20.40 19.98
N GLY D 114 -42.48 -21.41 19.10
CA GLY D 114 -43.69 -22.14 18.78
C GLY D 114 -44.31 -22.94 19.92
N ALA D 115 -43.53 -23.27 20.95
CA ALA D 115 -44.07 -23.85 22.18
C ALA D 115 -45.07 -22.90 22.87
N TYR D 116 -44.79 -21.59 22.83
CA TYR D 116 -45.76 -20.57 23.25
C TYR D 116 -46.84 -20.33 22.20
N LYS D 117 -46.44 -20.20 20.93
CA LYS D 117 -47.38 -19.89 19.83
C LYS D 117 -48.46 -20.94 19.62
N PHE D 118 -48.08 -22.21 19.67
CA PHE D 118 -48.99 -23.31 19.35
C PHE D 118 -49.56 -24.00 20.58
N GLU D 119 -49.27 -23.49 21.78
CA GLU D 119 -49.70 -24.12 23.04
C GLU D 119 -51.20 -24.38 23.09
N GLN D 120 -51.98 -23.39 22.67
CA GLN D 120 -53.43 -23.48 22.70
C GLN D 120 -53.95 -24.54 21.73
N ASP D 121 -53.42 -24.53 20.51
CA ASP D 121 -53.78 -25.57 19.52
C ASP D 121 -53.39 -26.98 19.96
N PHE D 122 -52.31 -27.11 20.73
CA PHE D 122 -51.98 -28.38 21.38
C PHE D 122 -53.01 -28.76 22.44
N LEU D 123 -53.50 -27.81 23.23
CA LEU D 123 -54.58 -28.10 24.22
C LEU D 123 -55.90 -28.54 23.54
N THR D 124 -56.34 -27.82 22.52
CA THR D 124 -57.63 -28.08 21.87
C THR D 124 -57.56 -29.23 20.85
N ILE D 125 -56.83 -29.02 19.77
CA ILE D 125 -56.82 -29.97 18.65
C ILE D 125 -56.00 -31.19 19.02
N GLY D 126 -54.78 -30.95 19.49
CA GLY D 126 -53.83 -32.01 19.84
C GLY D 126 -54.07 -32.73 21.16
N ASP D 127 -54.80 -32.08 22.07
CA ASP D 127 -55.18 -32.65 23.38
C ASP D 127 -54.03 -32.80 24.41
N LEU D 128 -52.95 -32.01 24.27
CA LEU D 128 -51.71 -32.13 25.07
C LEU D 128 -51.31 -30.84 25.80
N GLN D 129 -50.68 -31.00 26.96
CA GLN D 129 -50.00 -29.90 27.67
C GLN D 129 -48.53 -29.82 27.26
N LEU D 130 -48.01 -28.63 27.04
CA LEU D 130 -46.57 -28.47 26.80
C LEU D 130 -45.89 -28.01 28.07
N CYS D 131 -44.75 -28.64 28.37
CA CYS D 131 -43.80 -28.12 29.34
C CYS D 131 -42.87 -27.18 28.55
N LYS D 132 -43.11 -25.87 28.66
CA LYS D 132 -42.44 -24.87 27.83
C LYS D 132 -41.09 -24.53 28.43
N LEU D 133 -40.06 -24.54 27.60
CA LEU D 133 -38.68 -24.35 28.04
C LEU D 133 -37.98 -23.33 27.15
N ASP D 134 -37.06 -22.57 27.72
CA ASP D 134 -36.39 -21.49 27.00
C ASP D 134 -35.45 -22.03 25.89
N GLU D 135 -35.56 -21.45 24.69
CA GLU D 135 -34.81 -21.92 23.51
C GLU D 135 -33.28 -21.90 23.68
N LEU D 136 -32.77 -20.87 24.34
CA LEU D 136 -31.34 -20.72 24.58
C LEU D 136 -30.82 -21.57 25.76
N ASP D 137 -31.64 -21.75 26.81
N ASP D 137 -31.63 -21.79 26.79
CA ASP D 137 -31.35 -22.73 27.89
CA ASP D 137 -31.26 -22.71 27.86
C ASP D 137 -31.15 -24.12 27.27
C ASP D 137 -31.16 -24.14 27.32
N CYS D 138 -32.14 -24.54 26.51
CA CYS D 138 -32.15 -25.87 25.87
C CYS D 138 -31.03 -26.06 24.86
N LEU D 139 -30.70 -25.00 24.13
CA LEU D 139 -29.56 -25.00 23.21
C LEU D 139 -28.26 -25.37 23.95
N ILE D 140 -28.03 -24.71 25.08
CA ILE D 140 -26.81 -24.93 25.87
C ILE D 140 -26.78 -26.34 26.47
N LYS D 141 -27.87 -26.71 27.14
CA LYS D 141 -28.03 -28.07 27.70
C LYS D 141 -27.73 -29.14 26.65
N GLY D 142 -28.34 -28.98 25.48
CA GLY D 142 -28.23 -29.94 24.39
C GLY D 142 -26.85 -30.09 23.78
N ILE D 143 -26.20 -28.98 23.46
CA ILE D 143 -24.84 -29.02 22.90
C ILE D 143 -23.84 -29.62 23.91
N LEU D 144 -23.96 -29.23 25.19
CA LEU D 144 -23.11 -29.81 26.24
C LEU D 144 -23.30 -31.32 26.35
N TYR D 145 -24.54 -31.79 26.35
CA TYR D 145 -24.81 -33.23 26.36
C TYR D 145 -24.29 -33.97 25.12
N ILE D 146 -24.63 -33.47 23.94
CA ILE D 146 -24.29 -34.15 22.69
C ILE D 146 -22.76 -34.21 22.51
N ASP D 147 -22.06 -33.13 22.88
CA ASP D 147 -20.61 -33.13 22.88
C ASP D 147 -20.00 -34.19 23.82
N SER D 148 -20.57 -34.35 25.02
CA SER D 148 -20.04 -35.31 26.02
C SER D 148 -20.15 -36.78 25.57
N VAL D 149 -21.29 -37.15 24.98
CA VAL D 149 -21.48 -38.53 24.50
C VAL D 149 -20.80 -38.80 23.14
N GLY D 150 -20.51 -37.75 22.38
CA GLY D 150 -19.83 -37.89 21.08
C GLY D 150 -20.72 -38.48 19.99
N PHE D 151 -20.12 -38.74 18.83
CA PHE D 151 -20.84 -39.15 17.61
C PHE D 151 -20.40 -40.54 17.18
N ASN D 152 -20.95 -41.56 17.85
CA ASN D 152 -20.63 -42.96 17.57
C ASN D 152 -19.12 -43.19 17.43
N GLY D 153 -18.37 -42.77 18.46
CA GLY D 153 -16.91 -42.92 18.46
C GLY D 153 -16.11 -41.80 17.82
N ARG D 154 -16.77 -40.82 17.20
CA ARG D 154 -16.07 -39.65 16.65
C ARG D 154 -16.46 -38.41 17.44
N SER D 155 -15.72 -37.32 17.25
CA SER D 155 -15.96 -36.06 17.97
C SER D 155 -17.21 -35.35 17.44
N GLN D 156 -17.92 -34.68 18.34
CA GLN D 156 -19.07 -33.84 17.96
C GLN D 156 -18.62 -32.55 17.29
N CYS D 157 -17.52 -31.97 17.75
CA CYS D 157 -17.05 -30.68 17.26
C CYS D 157 -15.74 -30.78 16.49
N TYR D 158 -15.50 -29.73 15.71
CA TYR D 158 -14.38 -29.66 14.80
C TYR D 158 -14.11 -28.25 14.30
N TYR D 159 -12.90 -28.08 13.79
CA TYR D 159 -12.49 -26.86 13.11
C TYR D 159 -11.94 -27.19 11.72
N PHE D 160 -11.69 -26.15 10.93
CA PHE D 160 -11.04 -26.27 9.63
C PHE D 160 -9.68 -25.63 9.65
N GLU D 161 -8.69 -26.37 9.16
CA GLU D 161 -7.34 -25.85 8.92
C GLU D 161 -7.26 -25.46 7.47
N ASN D 162 -6.70 -24.29 7.18
CA ASN D 162 -6.61 -23.75 5.81
C ASN D 162 -7.95 -23.76 5.05
N PRO D 163 -9.01 -23.19 5.68
CA PRO D 163 -10.34 -23.24 5.10
C PRO D 163 -10.50 -22.50 3.77
N ALA D 164 -9.67 -21.51 3.47
CA ALA D 164 -9.79 -20.76 2.20
C ALA D 164 -9.22 -21.51 0.98
N ASP D 165 -8.37 -22.50 1.20
CA ASP D 165 -7.71 -23.25 0.14
C ASP D 165 -8.23 -24.68 0.06
N SER D 166 -8.97 -24.98 -1.01
CA SER D 166 -9.51 -26.32 -1.24
C SER D 166 -8.44 -27.39 -1.46
N GLU D 167 -7.26 -26.98 -1.90
CA GLU D 167 -6.11 -27.89 -2.04
C GLU D 167 -5.56 -28.36 -0.68
N LYS D 168 -5.72 -27.54 0.35
CA LYS D 168 -5.19 -27.82 1.68
C LYS D 168 -6.20 -27.87 2.83
N CYS D 169 -7.48 -27.62 2.57
CA CYS D 169 -8.50 -27.59 3.63
C CYS D 169 -8.64 -28.96 4.30
N GLN D 170 -8.61 -28.97 5.64
CA GLN D 170 -8.76 -30.17 6.44
C GLN D 170 -9.78 -29.93 7.55
N LYS D 171 -10.57 -30.94 7.87
CA LYS D 171 -11.55 -30.89 8.96
C LYS D 171 -10.95 -31.68 10.14
N LEU D 172 -10.67 -30.99 11.24
CA LEU D 172 -9.99 -31.62 12.36
C LEU D 172 -10.88 -31.60 13.60
N PRO D 173 -10.97 -32.74 14.32
CA PRO D 173 -11.80 -32.80 15.52
C PRO D 173 -11.25 -31.97 16.68
N PHE D 174 -12.14 -31.50 17.55
CA PHE D 174 -11.79 -30.63 18.66
C PHE D 174 -12.72 -30.99 19.80
N ASP D 175 -12.16 -31.27 20.98
CA ASP D 175 -12.97 -31.68 22.12
C ASP D 175 -12.30 -31.29 23.45
N LEU D 176 -12.91 -30.36 24.17
CA LEU D 176 -12.38 -29.84 25.43
C LEU D 176 -13.19 -30.35 26.62
N LYS D 177 -12.50 -30.88 27.63
CA LYS D 177 -13.16 -31.31 28.87
C LYS D 177 -13.76 -30.10 29.60
N ASN D 178 -12.99 -29.00 29.65
CA ASN D 178 -13.48 -27.71 30.11
C ASN D 178 -13.59 -26.72 28.93
N PRO D 179 -14.80 -26.57 28.35
CA PRO D 179 -14.97 -25.74 27.17
C PRO D 179 -15.12 -24.23 27.44
N TYR D 180 -15.26 -23.83 28.70
CA TYR D 180 -15.58 -22.46 29.04
C TYR D 180 -14.32 -21.60 29.18
N PRO D 181 -14.40 -20.29 28.90
CA PRO D 181 -15.58 -19.65 28.33
C PRO D 181 -15.65 -19.86 26.81
N LEU D 182 -16.84 -19.82 26.23
CA LEU D 182 -17.01 -19.89 24.76
C LEU D 182 -18.14 -18.97 24.30
N LEU D 183 -18.07 -18.60 23.02
CA LEU D 183 -19.13 -17.84 22.38
C LEU D 183 -19.91 -18.81 21.51
N LEU D 184 -21.22 -18.84 21.69
CA LEU D 184 -22.09 -19.76 20.97
C LEU D 184 -22.95 -18.91 20.05
N VAL D 185 -22.76 -19.08 18.74
CA VAL D 185 -23.49 -18.34 17.71
C VAL D 185 -24.55 -19.25 17.07
N ASN D 186 -25.82 -18.95 17.33
CA ASN D 186 -26.94 -19.78 16.90
C ASN D 186 -27.58 -19.17 15.67
N ILE D 187 -27.29 -19.70 14.49
CA ILE D 187 -27.76 -19.09 13.24
C ILE D 187 -28.96 -19.89 12.73
N GLY D 188 -30.14 -19.44 13.12
CA GLY D 188 -31.39 -19.96 12.62
C GLY D 188 -31.97 -18.99 11.60
N SER D 189 -33.28 -18.77 11.67
CA SER D 189 -33.94 -17.74 10.87
C SER D 189 -33.33 -16.37 11.18
N GLY D 190 -33.18 -16.11 12.47
CA GLY D 190 -32.38 -15.01 13.02
C GLY D 190 -31.25 -15.59 13.85
N VAL D 191 -30.44 -14.71 14.45
CA VAL D 191 -29.21 -15.09 15.15
C VAL D 191 -29.23 -14.60 16.59
N SER D 192 -28.94 -15.50 17.54
CA SER D 192 -28.66 -15.16 18.93
C SER D 192 -27.21 -15.51 19.21
N ILE D 193 -26.48 -14.59 19.86
CA ILE D 193 -25.07 -14.80 20.23
C ILE D 193 -24.95 -14.84 21.75
N LEU D 194 -24.40 -15.94 22.27
CA LEU D 194 -24.30 -16.17 23.71
C LEU D 194 -22.84 -16.25 24.17
N ALA D 195 -22.52 -15.55 25.26
CA ALA D 195 -21.27 -15.74 26.00
C ALA D 195 -21.54 -16.74 27.12
N VAL D 196 -20.93 -17.93 27.04
CA VAL D 196 -21.19 -19.03 27.96
C VAL D 196 -19.96 -19.24 28.83
N TYR D 197 -20.08 -18.92 30.13
CA TYR D 197 -18.97 -19.01 31.08
C TYR D 197 -19.01 -20.30 31.93
N SER D 198 -20.20 -20.88 32.07
CA SER D 198 -20.39 -22.18 32.73
C SER D 198 -21.73 -22.78 32.25
N LYS D 199 -22.06 -23.98 32.71
CA LYS D 199 -23.32 -24.63 32.28
C LYS D 199 -24.57 -23.85 32.68
N ASP D 200 -24.49 -23.11 33.80
CA ASP D 200 -25.62 -22.31 34.30
C ASP D 200 -25.42 -20.79 34.27
N ASN D 201 -24.27 -20.33 33.80
CA ASN D 201 -23.99 -18.90 33.70
C ASN D 201 -23.65 -18.49 32.26
N TYR D 202 -24.58 -17.79 31.63
CA TYR D 202 -24.37 -17.22 30.30
C TYR D 202 -25.29 -16.03 30.07
N LYS D 203 -24.96 -15.28 29.02
CA LYS D 203 -25.77 -14.13 28.62
C LYS D 203 -25.88 -14.06 27.10
N ARG D 204 -26.99 -13.50 26.63
CA ARG D 204 -27.20 -13.21 25.23
C ARG D 204 -26.60 -11.83 24.99
N VAL D 205 -25.36 -11.83 24.52
CA VAL D 205 -24.58 -10.61 24.31
C VAL D 205 -25.28 -9.74 23.27
N THR D 206 -25.68 -10.37 22.17
CA THR D 206 -26.42 -9.68 21.11
C THR D 206 -27.07 -10.68 20.15
N GLY D 207 -27.64 -10.15 19.08
CA GLY D 207 -28.12 -10.94 17.97
C GLY D 207 -28.29 -10.09 16.74
N THR D 208 -28.71 -10.74 15.67
CA THR D 208 -29.00 -10.08 14.41
C THR D 208 -30.14 -10.78 13.69
N SER D 209 -31.04 -9.98 13.17
CA SER D 209 -32.12 -10.47 12.34
C SER D 209 -31.65 -10.86 10.93
N LEU D 210 -30.39 -10.56 10.58
CA LEU D 210 -29.83 -11.00 9.30
C LEU D 210 -29.25 -12.40 9.43
N GLY D 211 -30.14 -13.40 9.35
CA GLY D 211 -29.77 -14.80 9.56
C GLY D 211 -30.03 -15.71 8.39
N GLY D 212 -30.22 -16.99 8.67
CA GLY D 212 -30.52 -17.99 7.64
C GLY D 212 -31.78 -17.70 6.84
N GLY D 213 -32.76 -17.09 7.48
CA GLY D 213 -34.01 -16.69 6.83
C GLY D 213 -33.81 -15.55 5.85
N THR D 214 -32.83 -14.68 6.14
CA THR D 214 -32.49 -13.59 5.24
C THR D 214 -31.78 -14.16 4.02
N PHE D 215 -30.80 -15.05 4.25
CA PHE D 215 -30.17 -15.77 3.15
C PHE D 215 -31.19 -16.46 2.24
N PHE D 216 -32.05 -17.28 2.86
CA PHE D 216 -33.01 -18.08 2.10
C PHE D 216 -34.04 -17.16 1.39
N GLY D 217 -34.58 -16.19 2.11
CA GLY D 217 -35.57 -15.26 1.55
C GLY D 217 -35.08 -14.35 0.43
N LEU D 218 -33.86 -13.83 0.58
CA LEU D 218 -33.25 -13.04 -0.50
C LEU D 218 -32.95 -13.90 -1.73
N CYS D 219 -32.42 -15.11 -1.52
CA CYS D 219 -32.20 -16.03 -2.65
C CYS D 219 -33.47 -16.28 -3.46
N CYS D 220 -34.58 -16.53 -2.77
CA CYS D 220 -35.85 -16.79 -3.44
C CYS D 220 -36.26 -15.61 -4.32
N LEU D 221 -36.17 -14.42 -3.75
CA LEU D 221 -36.48 -13.19 -4.48
C LEU D 221 -35.56 -12.96 -5.66
N LEU D 222 -34.26 -13.12 -5.44
CA LEU D 222 -33.24 -12.83 -6.45
C LEU D 222 -33.07 -13.91 -7.51
N THR D 223 -33.37 -15.17 -7.16
CA THR D 223 -33.02 -16.29 -8.05
C THR D 223 -34.20 -17.04 -8.65
N GLY D 224 -35.37 -17.00 -7.99
CA GLY D 224 -36.47 -17.88 -8.34
C GLY D 224 -36.40 -19.25 -7.68
N CYS D 225 -35.40 -19.48 -6.81
CA CYS D 225 -35.26 -20.75 -6.09
C CYS D 225 -36.39 -20.90 -5.09
N THR D 226 -36.79 -22.14 -4.81
CA THR D 226 -37.85 -22.41 -3.84
C THR D 226 -37.39 -23.14 -2.58
N THR D 227 -36.23 -23.80 -2.63
CA THR D 227 -35.70 -24.54 -1.49
C THR D 227 -34.32 -24.06 -1.06
N PHE D 228 -34.03 -24.27 0.23
CA PHE D 228 -32.72 -23.98 0.80
C PHE D 228 -31.62 -24.70 0.03
N GLU D 229 -31.86 -25.97 -0.28
CA GLU D 229 -30.92 -26.84 -0.99
C GLU D 229 -30.56 -26.24 -2.35
N GLU D 230 -31.58 -25.77 -3.08
CA GLU D 230 -31.39 -25.16 -4.40
C GLU D 230 -30.59 -23.85 -4.32
N ALA D 231 -30.78 -23.11 -3.23
CA ALA D 231 -30.07 -21.85 -3.02
C ALA D 231 -28.57 -22.08 -2.82
N LEU D 232 -28.23 -23.11 -2.05
CA LEU D 232 -26.83 -23.48 -1.84
C LEU D 232 -26.18 -24.03 -3.11
N GLU D 233 -26.92 -24.87 -3.83
CA GLU D 233 -26.45 -25.45 -5.10
C GLU D 233 -26.06 -24.36 -6.11
N MET D 234 -26.98 -23.42 -6.30
CA MET D 234 -26.75 -22.21 -7.10
C MET D 234 -25.52 -21.43 -6.62
N ALA D 235 -25.42 -21.23 -5.31
CA ALA D 235 -24.33 -20.46 -4.71
C ALA D 235 -22.96 -21.11 -4.93
N SER D 236 -22.91 -22.44 -4.91
CA SER D 236 -21.66 -23.18 -5.15
C SER D 236 -21.10 -22.99 -6.57
N ARG D 237 -21.96 -22.57 -7.51
CA ARG D 237 -21.53 -22.27 -8.89
C ARG D 237 -21.33 -20.77 -9.17
N GLY D 238 -21.68 -19.90 -8.23
CA GLY D 238 -21.58 -18.45 -8.41
C GLY D 238 -20.23 -17.83 -8.12
N ASP D 239 -20.08 -16.57 -8.54
CA ASP D 239 -18.91 -15.74 -8.24
C ASP D 239 -19.42 -14.42 -7.64
N SER D 240 -19.32 -14.29 -6.31
CA SER D 240 -19.72 -13.06 -5.61
C SER D 240 -18.93 -11.81 -6.01
N THR D 241 -17.72 -11.96 -6.53
CA THR D 241 -16.87 -10.81 -6.92
C THR D 241 -17.45 -10.05 -8.11
N LYS D 242 -18.32 -10.68 -8.88
CA LYS D 242 -19.08 -9.98 -9.92
C LYS D 242 -20.19 -9.10 -9.34
N VAL D 243 -20.62 -9.41 -8.11
CA VAL D 243 -21.74 -8.73 -7.46
C VAL D 243 -21.26 -7.65 -6.50
N ASP D 244 -20.31 -8.00 -5.66
CA ASP D 244 -19.79 -7.15 -4.60
C ASP D 244 -18.70 -6.19 -5.09
N LYS D 245 -18.57 -5.06 -4.39
CA LYS D 245 -17.44 -4.15 -4.62
C LYS D 245 -16.36 -4.52 -3.63
N LEU D 246 -15.18 -4.92 -4.13
CA LEU D 246 -14.05 -5.26 -3.28
C LEU D 246 -13.27 -3.99 -2.94
N VAL D 247 -12.43 -4.08 -1.92
CA VAL D 247 -11.52 -3.00 -1.54
C VAL D 247 -10.65 -2.62 -2.76
N ARG D 248 -10.21 -3.65 -3.51
CA ARG D 248 -9.56 -3.53 -4.84
C ARG D 248 -10.19 -2.52 -5.79
N ASP D 249 -11.51 -2.61 -5.92
CA ASP D 249 -12.29 -1.78 -6.86
C ASP D 249 -12.38 -0.32 -6.43
N ILE D 250 -12.18 -0.06 -5.14
CA ILE D 250 -12.15 1.31 -4.61
C ILE D 250 -10.72 1.86 -4.56
N TYR D 251 -9.75 1.05 -4.11
CA TYR D 251 -8.36 1.50 -3.88
C TYR D 251 -7.38 1.15 -5.00
N GLY D 252 -7.76 0.25 -5.91
CA GLY D 252 -6.81 -0.34 -6.86
C GLY D 252 -5.83 -1.31 -6.19
N GLY D 253 -6.12 -1.70 -4.95
CA GLY D 253 -5.23 -2.52 -4.16
C GLY D 253 -5.73 -2.64 -2.72
N ASP D 254 -4.80 -2.92 -1.81
CA ASP D 254 -5.11 -2.95 -0.38
C ASP D 254 -5.37 -1.53 0.13
N TYR D 255 -6.09 -1.43 1.25
CA TYR D 255 -6.15 -0.21 2.05
C TYR D 255 -5.20 -0.45 3.22
N GLU D 256 -3.93 -0.08 2.98
CA GLU D 256 -2.81 -0.53 3.81
C GLU D 256 -2.85 0.00 5.25
N ARG D 257 -3.16 1.28 5.40
CA ARG D 257 -3.20 1.94 6.72
C ARG D 257 -3.97 1.16 7.79
N PHE D 258 -5.16 0.67 7.41
CA PHE D 258 -6.04 -0.06 8.33
C PHE D 258 -6.16 -1.55 8.01
N GLY D 259 -5.15 -2.10 7.33
CA GLY D 259 -5.03 -3.54 7.11
C GLY D 259 -6.20 -4.23 6.40
N LEU D 260 -6.78 -3.55 5.40
CA LEU D 260 -7.85 -4.15 4.60
C LEU D 260 -7.28 -4.58 3.26
N PRO D 261 -7.17 -5.91 3.04
CA PRO D 261 -6.59 -6.37 1.78
C PRO D 261 -7.54 -6.19 0.60
N GLY D 262 -6.96 -6.05 -0.60
CA GLY D 262 -7.71 -5.77 -1.83
C GLY D 262 -8.84 -6.74 -2.13
N TRP D 263 -8.64 -8.00 -1.76
CA TRP D 263 -9.66 -9.05 -1.94
C TRP D 263 -10.84 -9.02 -0.95
N ALA D 264 -10.74 -8.26 0.14
CA ALA D 264 -11.84 -8.13 1.10
C ALA D 264 -13.02 -7.35 0.48
N VAL D 265 -14.24 -7.69 0.90
CA VAL D 265 -15.44 -7.04 0.38
C VAL D 265 -15.50 -5.63 1.00
N ALA D 266 -15.66 -4.62 0.15
CA ALA D 266 -15.80 -3.24 0.62
C ALA D 266 -17.28 -2.87 0.74
N SER D 267 -18.07 -3.29 -0.25
CA SER D 267 -19.50 -3.00 -0.30
C SER D 267 -20.26 -4.19 -0.91
N SER D 268 -20.95 -4.94 -0.06
CA SER D 268 -21.72 -6.10 -0.48
C SER D 268 -22.82 -5.66 -1.43
N PHE D 269 -22.98 -6.38 -2.54
CA PHE D 269 -23.85 -5.99 -3.64
C PHE D 269 -23.60 -4.56 -4.20
N GLY D 270 -22.42 -3.99 -3.95
CA GLY D 270 -22.14 -2.59 -4.31
C GLY D 270 -21.98 -2.31 -5.80
N ASN D 271 -21.59 -3.31 -6.58
CA ASN D 271 -21.52 -3.15 -8.04
C ASN D 271 -22.89 -3.19 -8.73
N MET D 272 -23.95 -3.60 -8.02
CA MET D 272 -25.29 -3.72 -8.61
C MET D 272 -26.02 -2.37 -8.81
N MET D 273 -25.40 -1.25 -8.45
CA MET D 273 -25.80 0.07 -8.95
C MET D 273 -25.49 0.31 -10.43
N SER D 274 -24.58 -0.48 -11.02
CA SER D 274 -24.24 -0.37 -12.44
C SER D 274 -25.11 -1.28 -13.31
N LYS D 275 -25.69 -0.72 -14.37
CA LYS D 275 -26.49 -1.48 -15.33
C LYS D 275 -25.65 -2.57 -15.99
N GLU D 276 -24.45 -2.20 -16.43
CA GLU D 276 -23.48 -3.11 -17.03
C GLU D 276 -23.16 -4.30 -16.11
N LYS D 277 -23.04 -4.05 -14.82
CA LYS D 277 -22.72 -5.09 -13.85
C LYS D 277 -23.94 -5.96 -13.62
N ARG D 278 -25.11 -5.34 -13.41
CA ARG D 278 -26.39 -6.06 -13.31
C ARG D 278 -26.64 -6.98 -14.50
N GLU D 279 -26.25 -6.55 -15.70
CA GLU D 279 -26.45 -7.36 -16.90
C GLU D 279 -25.50 -8.56 -17.01
N ALA D 280 -24.29 -8.42 -16.47
CA ALA D 280 -23.31 -9.50 -16.50
C ALA D 280 -23.49 -10.59 -15.42
N VAL D 281 -24.22 -10.32 -14.34
CA VAL D 281 -24.37 -11.35 -13.27
C VAL D 281 -25.43 -12.40 -13.59
N SER D 282 -25.24 -13.57 -13.00
CA SER D 282 -26.15 -14.69 -13.11
C SER D 282 -26.87 -14.87 -11.77
N LYS D 283 -27.93 -15.67 -11.78
CA LYS D 283 -28.62 -16.13 -10.58
C LYS D 283 -27.66 -16.78 -9.56
N GLU D 284 -26.72 -17.57 -10.08
CA GLU D 284 -25.73 -18.26 -9.26
C GLU D 284 -24.85 -17.26 -8.54
N ASP D 285 -24.40 -16.22 -9.25
CA ASP D 285 -23.59 -15.16 -8.66
C ASP D 285 -24.33 -14.46 -7.53
N LEU D 286 -25.62 -14.17 -7.74
CA LEU D 286 -26.46 -13.52 -6.74
C LEU D 286 -26.72 -14.38 -5.50
N ALA D 287 -26.89 -15.68 -5.71
CA ALA D 287 -26.99 -16.64 -4.59
C ALA D 287 -25.70 -16.65 -3.76
N ARG D 288 -24.56 -16.68 -4.44
CA ARG D 288 -23.26 -16.70 -3.79
C ARG D 288 -23.01 -15.40 -3.03
N ALA D 289 -23.28 -14.26 -3.66
CA ALA D 289 -23.20 -12.95 -2.99
C ALA D 289 -24.08 -12.90 -1.74
N THR D 290 -25.29 -13.44 -1.82
CA THR D 290 -26.18 -13.49 -0.66
C THR D 290 -25.57 -14.34 0.47
N LEU D 291 -25.07 -15.52 0.10
CA LEU D 291 -24.39 -16.40 1.07
C LEU D 291 -23.22 -15.74 1.81
N ILE D 292 -22.29 -15.14 1.05
N ILE D 292 -22.30 -15.12 1.07
CA ILE D 292 -21.10 -14.45 1.60
CA ILE D 292 -21.12 -14.52 1.69
C ILE D 292 -21.53 -13.29 2.49
C ILE D 292 -21.45 -13.21 2.45
N THR D 293 -22.43 -12.45 1.97
CA THR D 293 -22.91 -11.25 2.67
C THR D 293 -23.47 -11.57 4.06
N ILE D 294 -24.40 -12.51 4.11
CA ILE D 294 -25.00 -12.95 5.37
C ILE D 294 -23.97 -13.59 6.29
N THR D 295 -23.10 -14.42 5.73
CA THR D 295 -22.11 -15.15 6.52
C THR D 295 -21.02 -14.25 7.10
N ASN D 296 -20.41 -13.40 6.27
CA ASN D 296 -19.35 -12.50 6.75
C ASN D 296 -19.85 -11.50 7.79
N ASN D 297 -21.09 -11.04 7.65
CA ASN D 297 -21.71 -10.15 8.65
C ASN D 297 -21.86 -10.80 10.03
N ILE D 298 -22.37 -12.04 10.06
CA ILE D 298 -22.42 -12.82 11.31
C ILE D 298 -21.01 -13.06 11.84
N GLY D 299 -20.09 -13.41 10.94
CA GLY D 299 -18.68 -13.60 11.28
C GLY D 299 -18.09 -12.41 11.99
N SER D 300 -18.31 -11.23 11.42
CA SER D 300 -17.74 -9.99 11.94
C SER D 300 -18.30 -9.62 13.31
N ILE D 301 -19.62 -9.72 13.46
CA ILE D 301 -20.31 -9.41 14.73
C ILE D 301 -19.84 -10.37 15.85
N ALA D 302 -19.79 -11.66 15.52
CA ALA D 302 -19.26 -12.71 16.41
C ALA D 302 -17.80 -12.44 16.84
N ARG D 303 -16.95 -12.07 15.88
CA ARG D 303 -15.55 -11.72 16.16
C ARG D 303 -15.46 -10.55 17.15
N MET D 304 -16.27 -9.52 16.94
CA MET D 304 -16.31 -8.37 17.85
C MET D 304 -16.77 -8.77 19.26
N CYS D 305 -17.82 -9.58 19.36
CA CYS D 305 -18.33 -10.04 20.66
C CYS D 305 -17.28 -10.81 21.44
N ALA D 306 -16.65 -11.77 20.77
CA ALA D 306 -15.64 -12.64 21.37
C ALA D 306 -14.44 -11.84 21.89
N LEU D 307 -13.96 -10.88 21.11
CA LEU D 307 -12.84 -10.03 21.51
C LEU D 307 -13.21 -9.05 22.64
N ASN D 308 -14.41 -8.48 22.58
CA ASN D 308 -14.93 -7.63 23.67
C ASN D 308 -15.12 -8.42 24.97
N GLU D 309 -15.51 -9.70 24.85
CA GLU D 309 -15.69 -10.59 26.01
C GLU D 309 -14.41 -11.28 26.52
N ASN D 310 -13.31 -11.14 25.77
CA ASN D 310 -12.08 -11.91 25.99
C ASN D 310 -12.31 -13.43 25.91
N ILE D 311 -13.12 -13.83 24.94
CA ILE D 311 -13.40 -15.24 24.66
C ILE D 311 -12.71 -15.60 23.34
N ASN D 312 -12.00 -16.73 23.35
CA ASN D 312 -11.17 -17.17 22.22
C ASN D 312 -11.77 -18.31 21.39
N GLN D 313 -12.81 -18.97 21.90
CA GLN D 313 -13.50 -20.07 21.21
C GLN D 313 -14.89 -19.61 20.77
N VAL D 314 -15.19 -19.69 19.47
CA VAL D 314 -16.53 -19.41 18.94
C VAL D 314 -17.13 -20.66 18.30
N VAL D 315 -18.28 -21.09 18.79
CA VAL D 315 -19.01 -22.24 18.24
C VAL D 315 -20.16 -21.72 17.40
N PHE D 316 -20.22 -22.18 16.15
CA PHE D 316 -21.27 -21.79 15.21
C PHE D 316 -22.21 -22.98 15.01
N VAL D 317 -23.50 -22.77 15.31
CA VAL D 317 -24.54 -23.81 15.17
C VAL D 317 -25.76 -23.26 14.44
N GLY D 318 -26.78 -24.10 14.28
CA GLY D 318 -28.03 -23.72 13.67
C GLY D 318 -28.13 -24.25 12.26
N ASN D 319 -29.36 -24.36 11.76
CA ASN D 319 -29.61 -24.99 10.46
C ASN D 319 -29.28 -24.14 9.24
N PHE D 320 -28.91 -22.89 9.42
CA PHE D 320 -28.24 -22.16 8.34
C PHE D 320 -26.99 -22.90 7.88
N LEU D 321 -26.30 -23.58 8.80
CA LEU D 321 -25.08 -24.33 8.47
C LEU D 321 -25.29 -25.75 7.96
N ARG D 322 -26.52 -26.25 7.97
CA ARG D 322 -26.84 -27.60 7.48
C ARG D 322 -26.42 -27.70 6.02
N ILE D 323 -25.69 -28.76 5.67
CA ILE D 323 -25.10 -28.98 4.31
C ILE D 323 -24.44 -27.74 3.66
N ASN D 324 -23.84 -26.90 4.50
CA ASN D 324 -23.33 -25.59 4.11
C ASN D 324 -21.87 -25.45 4.57
N THR D 325 -21.05 -26.37 4.10
CA THR D 325 -19.59 -26.34 4.34
C THR D 325 -18.95 -25.06 3.78
N ILE D 326 -19.56 -24.50 2.72
CA ILE D 326 -19.15 -23.18 2.16
C ILE D 326 -19.28 -22.05 3.20
N ALA D 327 -20.41 -21.98 3.89
CA ALA D 327 -20.58 -20.97 4.96
C ALA D 327 -19.61 -21.23 6.12
N MET D 328 -19.40 -22.50 6.47
CA MET D 328 -18.50 -22.85 7.58
C MET D 328 -17.04 -22.49 7.28
N ARG D 329 -16.61 -22.77 6.06
CA ARG D 329 -15.25 -22.41 5.65
C ARG D 329 -15.04 -20.91 5.61
N LEU D 330 -16.06 -20.15 5.19
CA LEU D 330 -16.01 -18.68 5.24
C LEU D 330 -15.87 -18.17 6.67
N LEU D 331 -16.69 -18.69 7.58
CA LEU D 331 -16.58 -18.33 9.00
C LEU D 331 -15.21 -18.73 9.58
N ALA D 332 -14.73 -19.92 9.25
CA ALA D 332 -13.40 -20.36 9.71
C ALA D 332 -12.28 -19.43 9.23
N TYR D 333 -12.31 -19.08 7.94
CA TYR D 333 -11.31 -18.19 7.38
C TYR D 333 -11.38 -16.78 7.96
N ALA D 334 -12.59 -16.22 7.99
CA ALA D 334 -12.78 -14.86 8.48
C ALA D 334 -12.37 -14.68 9.94
N LEU D 335 -12.75 -15.62 10.81
CA LEU D 335 -12.38 -15.51 12.23
C LEU D 335 -10.87 -15.60 12.43
N ASP D 336 -10.23 -16.53 11.74
CA ASP D 336 -8.79 -16.73 11.83
C ASP D 336 -8.00 -15.55 11.23
N TYR D 337 -8.40 -15.08 10.05
CA TYR D 337 -7.68 -14.00 9.36
C TYR D 337 -7.76 -12.69 10.15
N TRP D 338 -8.97 -12.24 10.42
CA TRP D 338 -9.19 -10.93 11.03
C TRP D 338 -8.70 -10.84 12.48
N SER D 339 -8.65 -11.99 13.17
CA SER D 339 -8.09 -12.08 14.53
C SER D 339 -6.59 -12.42 14.57
N LYS D 340 -5.95 -12.51 13.41
CA LYS D 340 -4.56 -12.97 13.27
C LYS D 340 -4.29 -14.26 14.06
N GLY D 341 -5.15 -15.25 13.87
CA GLY D 341 -5.03 -16.55 14.53
C GLY D 341 -5.40 -16.64 16.00
N GLN D 342 -5.97 -15.59 16.58
CA GLN D 342 -6.30 -15.54 18.00
C GLN D 342 -7.60 -16.29 18.32
N LEU D 343 -8.59 -16.17 17.44
CA LEU D 343 -9.91 -16.79 17.65
C LEU D 343 -10.03 -18.07 16.83
N LYS D 344 -10.68 -19.07 17.42
CA LYS D 344 -10.91 -20.36 16.75
C LYS D 344 -12.39 -20.51 16.44
N ALA D 345 -12.69 -20.79 15.17
CA ALA D 345 -14.01 -21.16 14.71
C ALA D 345 -14.25 -22.64 14.94
N LEU D 346 -15.29 -22.95 15.70
CA LEU D 346 -15.71 -24.32 15.94
C LEU D 346 -17.08 -24.55 15.29
N PHE D 347 -17.30 -25.78 14.83
CA PHE D 347 -18.56 -26.23 14.21
C PHE D 347 -18.92 -27.60 14.76
N SER D 348 -20.14 -28.04 14.44
CA SER D 348 -20.73 -29.22 15.05
C SER D 348 -21.40 -30.13 14.02
N GLU D 349 -21.51 -31.40 14.38
CA GLU D 349 -22.10 -32.42 13.50
C GLU D 349 -23.63 -32.42 13.54
N HIS D 350 -24.21 -32.07 14.69
CA HIS D 350 -25.68 -32.04 14.85
C HIS D 350 -26.25 -30.61 14.93
N GLU D 351 -25.69 -29.73 14.10
CA GLU D 351 -25.87 -28.27 14.15
C GLU D 351 -27.24 -27.69 14.50
N GLY D 352 -28.32 -28.32 14.05
CA GLY D 352 -29.65 -27.77 14.23
C GLY D 352 -30.51 -28.33 15.35
N TYR D 353 -30.05 -29.40 15.99
CA TYR D 353 -30.87 -30.20 16.90
C TYR D 353 -30.68 -30.00 18.41
N PHE D 354 -29.82 -29.06 18.84
CA PHE D 354 -29.40 -28.99 20.24
C PHE D 354 -30.53 -28.51 21.18
N GLY D 355 -31.29 -27.51 20.74
CA GLY D 355 -32.49 -27.08 21.46
C GLY D 355 -33.44 -28.25 21.74
N ALA D 356 -33.71 -29.06 20.71
CA ALA D 356 -34.58 -30.23 20.86
C ALA D 356 -33.98 -31.26 21.84
N VAL D 357 -32.66 -31.44 21.80
CA VAL D 357 -32.00 -32.32 22.76
C VAL D 357 -32.19 -31.75 24.18
N GLY D 358 -31.94 -30.46 24.35
CA GLY D 358 -32.20 -29.77 25.62
C GLY D 358 -33.58 -30.04 26.22
N ALA D 359 -34.60 -30.03 25.37
CA ALA D 359 -35.98 -30.32 25.78
C ALA D 359 -36.20 -31.78 26.14
N LEU D 360 -35.62 -32.69 25.36
CA LEU D 360 -35.64 -34.13 25.67
C LEU D 360 -35.04 -34.40 27.05
N LEU D 361 -33.95 -33.72 27.38
CA LEU D 361 -33.26 -33.92 28.66
C LEU D 361 -33.98 -33.37 29.90
N GLU D 362 -34.88 -32.39 29.74
CA GLU D 362 -35.66 -31.84 30.87
C GLU D 362 -36.47 -32.96 31.49
N LEU D 363 -37.26 -33.60 30.63
CA LEU D 363 -38.01 -34.82 30.89
C LEU D 363 -37.23 -35.81 31.80
N LEU D 364 -35.99 -36.08 31.40
CA LEU D 364 -35.15 -37.14 31.97
C LEU D 364 -34.17 -36.60 33.01
PB ADP E . 16.45 1.80 -23.73
O1B ADP E . 15.32 0.79 -23.76
O2B ADP E . 17.61 1.45 -22.82
O3B ADP E . 16.88 2.31 -25.08
PA ADP E . 14.35 3.66 -22.83
O1A ADP E . 14.41 5.16 -22.98
O2A ADP E . 13.33 2.87 -23.62
O3A ADP E . 15.85 3.13 -23.04
O5' ADP E . 14.08 3.40 -21.27
C5' ADP E . 14.20 2.16 -20.58
C4' ADP E . 13.75 2.46 -19.16
O4' ADP E . 12.40 2.92 -19.17
C3' ADP E . 13.75 1.29 -18.19
O3' ADP E . 15.04 1.11 -17.64
C2' ADP E . 12.70 1.71 -17.17
O2' ADP E . 13.29 2.46 -16.09
C1' ADP E . 11.75 2.62 -17.94
N9 ADP E . 10.41 2.03 -18.23
C8 ADP E . 9.28 2.74 -18.30
N7 ADP E . 8.21 1.96 -18.59
C5 ADP E . 8.67 0.71 -18.72
C6 ADP E . 8.06 -0.60 -19.03
N6 ADP E . 6.72 -0.69 -19.25
N1 ADP E . 8.88 -1.68 -19.08
C2 ADP E . 10.21 -1.59 -18.85
N3 ADP E . 10.82 -0.41 -18.58
C4 ADP E . 10.12 0.75 -18.49
O2 PAU F . 21.74 3.21 -25.10
C1 PAU F . 23.99 2.97 -24.22
C2 PAU F . 22.82 2.28 -24.92
C3 PAU F . 25.10 1.92 -24.06
C4 PAU F . 24.49 4.11 -25.10
C5 PAU F . 23.54 3.50 -22.83
O5' PAU F . 22.94 2.42 -22.08
C6 PAU F . 24.65 4.17 -22.04
O6' PAU F . 25.15 5.21 -22.47
N PAU F . 25.03 3.57 -20.90
C8 PAU F . 26.08 3.92 -19.96
C9 PAU F . 27.06 4.96 -20.45
C PAU F . 28.33 5.20 -19.68
OXT PAU F . 28.81 4.36 -18.87
O PAU F . 28.87 6.29 -19.94
C1 GOL G . 20.21 -1.86 15.87
O1 GOL G . 19.27 -2.93 15.88
C2 GOL G . 21.24 -2.12 14.78
O2 GOL G . 21.66 -0.88 14.22
C3 GOL G . 22.46 -2.88 15.28
O3 GOL G . 22.83 -3.85 14.29
UNK UNX H . 16.75 4.18 -26.55
UNK UNX I . 0.18 1.57 -43.93
UNK UNX J . 31.35 7.52 -18.33
O2 PAU K . 30.20 13.49 6.05
C1 PAU K . 28.68 14.85 4.70
C2 PAU K . 29.02 14.27 6.07
C3 PAU K . 27.24 15.34 4.78
C4 PAU K . 29.58 16.05 4.41
C5 PAU K . 28.86 13.76 3.62
O5' PAU K . 28.07 12.59 3.94
C6 PAU K . 28.53 14.20 2.21
O6' PAU K . 29.29 15.00 1.68
N PAU K . 27.46 13.66 1.61
C8 PAU K . 27.10 13.96 0.22
C9 PAU K . 26.26 15.23 0.06
C PAU K . 26.20 15.68 -1.39
OXT PAU K . 27.23 16.16 -1.92
O PAU K . 25.14 15.57 -2.04
PB ADP L . 31.47 8.62 8.18
O1B ADP L . 30.30 8.95 7.28
O2B ADP L . 32.14 9.85 8.70
O3B ADP L . 31.17 7.57 9.20
PA ADP L . 33.66 6.89 7.21
O1A ADP L . 33.88 6.39 8.62
O2A ADP L . 34.86 7.38 6.43
O3A ADP L . 32.51 8.01 7.08
O5' ADP L . 33.04 5.71 6.35
C5' ADP L . 31.89 4.97 6.73
C4' ADP L . 31.86 3.82 5.73
O4' ADP L . 32.97 2.93 5.95
C3' ADP L . 30.63 2.94 5.77
O3' ADP L . 29.60 3.52 4.97
C2' ADP L . 31.14 1.64 5.20
O2' ADP L . 31.07 1.72 3.78
C1' ADP L . 32.63 1.59 5.57
N9 ADP L . 32.99 0.68 6.69
C8 ADP L . 34.19 0.06 6.78
N7 ADP L . 34.28 -0.69 7.90
C5 ADP L . 33.12 -0.55 8.54
C6 ADP L . 32.57 -1.08 9.81
N6 ADP L . 33.31 -1.93 10.58
N1 ADP L . 31.31 -0.70 10.14
C2 ADP L . 30.57 0.13 9.37
N3 ADP L . 31.03 0.64 8.21
C4 ADP L . 32.27 0.34 7.75
CL CL M . 47.43 9.23 28.60
UNK UNX N . 35.43 10.64 9.00
UNK UNX O . 27.04 18.55 -3.60
PB ADP P . -18.23 6.29 -0.96
O1B ADP P . -18.70 6.71 -2.33
O2B ADP P . -18.19 4.80 -0.74
O3B ADP P . -16.97 6.96 -0.48
PA ADP P . -20.31 8.02 0.21
O1A ADP P . -20.24 8.59 1.59
O2A ADP P . -20.18 8.93 -0.99
O3A ADP P . -19.34 6.73 0.12
O5' ADP P . -21.74 7.28 0.15
C5' ADP P . -22.13 6.45 -0.95
C4' ADP P . -23.59 6.05 -0.75
O4' ADP P . -24.43 7.22 -0.73
C3' ADP P . -24.17 5.17 -1.83
O3' ADP P . -23.87 3.78 -1.63
C2' ADP P . -25.65 5.46 -1.72
O2' ADP P . -26.26 4.66 -0.73
C1' ADP P . -25.73 6.91 -1.25
N9 ADP P . -26.09 7.90 -2.29
C8 ADP P . -26.72 9.06 -2.02
N7 ADP P . -26.92 9.79 -3.12
C5 ADP P . -26.42 9.10 -4.15
C6 ADP P . -26.32 9.32 -5.61
N6 ADP P . -26.82 10.44 -6.16
N1 ADP P . -25.72 8.35 -6.34
C2 ADP P . -25.22 7.23 -5.79
N3 ADP P . -25.27 6.97 -4.47
C4 ADP P . -25.85 7.86 -3.61
O2 PAU Q . -14.30 3.61 2.01
C1 PAU Q . -13.72 1.32 2.61
C2 PAU Q . -13.75 2.39 1.53
C3 PAU Q . -13.06 0.08 2.02
C4 PAU Q . -12.86 1.82 3.77
C5 PAU Q . -15.17 1.04 3.08
O5' PAU Q . -15.97 0.65 1.93
C6 PAU Q . -15.26 0.01 4.21
O6' PAU Q . -14.80 0.27 5.31
N PAU Q . -15.90 -1.14 3.94
C8 PAU Q . -16.13 -2.20 4.93
C9 PAU Q . -14.91 -3.11 5.10
C PAU Q . -15.01 -3.93 6.37
OXT PAU Q . -15.01 -5.18 6.31
O PAU Q . -15.06 -3.35 7.47
UNK UNX R . -39.84 -16.54 27.36
O2 PAU S . -35.16 -17.95 17.57
C1 PAU S . -35.27 -15.52 18.04
C2 PAU S . -36.01 -16.83 17.75
C3 PAU S . -36.32 -14.42 18.08
C4 PAU S . -34.63 -15.58 19.41
C5 PAU S . -34.24 -15.27 16.92
O5' PAU S . -34.87 -15.20 15.62
C6 PAU S . -33.40 -14.02 17.09
O6' PAU S . -32.62 -13.91 18.04
N PAU S . -33.51 -13.09 16.13
C8 PAU S . -32.69 -11.90 16.09
C9 PAU S . -33.22 -10.80 17.00
C PAU S . -32.22 -9.67 17.10
OXT PAU S . -31.35 -9.69 18.00
O PAU S . -32.29 -8.74 16.29
PB ADP T . -35.37 -21.59 13.55
O1B ADP T . -35.46 -20.10 13.34
O2B ADP T . -36.22 -22.43 12.61
O3B ADP T . -35.42 -22.02 14.98
PA ADP T . -33.11 -23.17 12.53
O1A ADP T . -34.05 -24.36 12.40
O2A ADP T . -31.84 -23.34 13.32
O3A ADP T . -33.83 -21.85 13.09
O5' ADP T . -32.65 -22.68 11.08
C5' ADP T . -33.53 -22.27 10.06
C4' ADP T . -32.65 -21.90 8.88
O4' ADP T . -31.99 -23.07 8.40
C3' ADP T . -33.38 -21.33 7.68
O3' ADP T . -33.49 -19.92 7.75
C2' ADP T . -32.54 -21.77 6.50
O2' ADP T . -31.54 -20.79 6.24
C1' ADP T . -31.86 -23.05 6.97
N9 ADP T . -32.41 -24.32 6.42
C8 ADP T . -31.68 -25.44 6.29
N7 ADP T . -32.41 -26.44 5.78
C5 ADP T . -33.64 -25.98 5.58
C6 ADP T . -34.89 -26.56 5.05
N6 ADP T . -34.90 -27.85 4.65
N1 ADP T . -35.98 -25.75 4.97
C2 ADP T . -35.92 -24.46 5.37
N3 ADP T . -34.81 -23.88 5.86
C4 ADP T . -33.65 -24.58 5.99
C1 GOL U . -17.88 -27.12 22.33
O1 GOL U . -18.81 -28.02 22.95
C2 GOL U . -16.44 -27.34 22.80
O2 GOL U . -15.62 -26.23 22.40
C3 GOL U . -15.86 -28.65 22.23
O3 GOL U . -15.62 -29.58 23.31
CL CL V . -40.77 -45.43 22.64
UNK UNX W . -43.10 -20.66 15.75
UNK UNX X . -30.58 -8.01 20.13
UNK UNX Y . 2.22 -31.82 -0.38
#